data_4CKU
#
_entry.id   4CKU
#
_cell.length_a   201.950
_cell.length_b   115.250
_cell.length_c   93.170
_cell.angle_alpha   90.00
_cell.angle_beta   110.75
_cell.angle_gamma   90.00
#
_symmetry.space_group_name_H-M   'C 1 2 1'
#
loop_
_entity.id
_entity.type
_entity.pdbx_description
1 polymer PLASMEPSIN-2
2 non-polymer 5-[1,1-bis(oxidanylidene)-1,2-thiazinan-2-yl]-N3-[(2S,3R)-4-[2-(3-methoxyphenyl)propan-2-ylamino]-3-oxidanyl-1-phenyl-butan-2-yl]-N1,N1-dipropyl-benzene-1,3-dicarboxamide
3 water water
#
_entity_poly.entity_id   1
_entity_poly.type   'polypeptide(L)'
_entity_poly.pdbx_seq_one_letter_code
;SSNDNIELVDFQNIMFYGDAEVGDNQQPFTFILDTGSANLWVPSVKCTTAGCLTKHLYDSSKSRTYEKDGTKVEMNYVSG
TVSGFFSKDLVTVGNLSLPYKFIEVIDTNGFEPTYTASTFDGILGLGWKDLSIGSVDPIVVELKNQNKIENALFTFYLPV
HDKHTGFLTIGGIEERFYEGPLTYEKLNHDLYWQITLDAHVGNISLEKANCIVDSGTSAITVPTDFLNKMLQNLDVIKVP
FLPFYVTLCNNSKLPTFEFTSENGKYTLEPEYYLQHIEDVGPGLCMLNIIGLDFPVPTFILGDPFMRKYFTVFDYDNHSV
GIALAKKNL
;
_entity_poly.pdbx_strand_id   A,B,C,D,E,F
#
# COMPACT_ATOMS: atom_id res chain seq x y z
N ASN A 3 -0.39 -78.65 0.80
CA ASN A 3 -0.64 -77.29 0.20
C ASN A 3 -1.64 -77.27 -0.96
N ASP A 4 -2.09 -76.08 -1.32
CA ASP A 4 -2.93 -75.88 -2.53
C ASP A 4 -2.08 -76.04 -3.80
N ASN A 5 -2.32 -77.10 -4.58
CA ASN A 5 -1.54 -77.44 -5.79
C ASN A 5 -2.54 -77.22 -6.94
N ILE A 6 -2.22 -76.33 -7.90
CA ILE A 6 -2.89 -76.27 -9.21
C ILE A 6 -2.07 -76.98 -10.29
N GLU A 7 -2.64 -78.02 -10.88
CA GLU A 7 -1.98 -78.73 -11.95
C GLU A 7 -1.69 -77.87 -13.19
N LEU A 8 -0.44 -77.88 -13.64
CA LEU A 8 0.06 -77.24 -14.86
C LEU A 8 0.08 -78.30 -15.98
N VAL A 9 -0.77 -78.10 -16.98
CA VAL A 9 -1.00 -79.07 -18.04
C VAL A 9 -0.30 -78.63 -19.31
N ASP A 10 0.64 -79.46 -19.72
CA ASP A 10 1.36 -79.27 -20.97
C ASP A 10 0.37 -79.34 -22.16
N PHE A 11 0.48 -78.38 -23.05
CA PHE A 11 -0.15 -78.36 -24.36
C PHE A 11 0.89 -78.53 -25.47
N GLN A 12 0.96 -79.77 -25.95
CA GLN A 12 1.80 -80.18 -27.07
C GLN A 12 3.24 -79.70 -26.94
N ASN A 13 3.78 -79.64 -25.73
CA ASN A 13 5.16 -79.13 -25.52
C ASN A 13 5.44 -77.71 -26.00
N ILE A 14 4.38 -76.93 -26.15
CA ILE A 14 4.45 -75.53 -26.62
C ILE A 14 4.28 -74.58 -25.43
N MET A 15 3.27 -74.88 -24.61
CA MET A 15 2.93 -74.04 -23.45
C MET A 15 2.27 -74.90 -22.36
N PHE A 16 2.06 -74.31 -21.19
CA PHE A 16 1.31 -74.98 -20.14
C PHE A 16 0.25 -74.05 -19.58
N TYR A 17 -0.86 -74.61 -19.11
CA TYR A 17 -1.97 -73.87 -18.58
C TYR A 17 -2.48 -74.48 -17.30
N GLY A 18 -3.21 -73.70 -16.52
CA GLY A 18 -3.80 -74.16 -15.28
C GLY A 18 -5.24 -73.69 -15.17
N ASP A 19 -6.09 -74.44 -14.44
CA ASP A 19 -7.49 -74.06 -14.32
C ASP A 19 -7.77 -73.38 -13.01
N ALA A 20 -8.70 -72.44 -13.05
CA ALA A 20 -9.18 -71.83 -11.83
C ALA A 20 -10.63 -71.43 -12.06
N GLU A 21 -11.33 -71.00 -11.02
CA GLU A 21 -12.76 -70.68 -11.16
C GLU A 21 -13.09 -69.33 -10.68
N VAL A 22 -14.17 -68.77 -11.22
CA VAL A 22 -14.68 -67.44 -10.85
C VAL A 22 -16.19 -67.58 -10.55
N GLY A 23 -16.65 -66.96 -9.46
CA GLY A 23 -18.07 -66.95 -9.10
C GLY A 23 -18.34 -67.92 -7.95
N ASP A 24 -19.40 -67.71 -7.17
CA ASP A 24 -19.70 -68.80 -6.17
C ASP A 24 -20.33 -70.01 -6.82
N ASN A 25 -20.64 -69.94 -8.10
CA ASN A 25 -21.04 -71.11 -8.84
C ASN A 25 -19.85 -71.76 -9.56
N GLN A 26 -18.65 -71.22 -9.40
CA GLN A 26 -17.41 -71.85 -9.88
C GLN A 26 -17.31 -72.11 -11.34
N GLN A 27 -17.45 -71.03 -12.07
CA GLN A 27 -17.40 -71.14 -13.47
C GLN A 27 -15.91 -71.35 -13.84
N PRO A 28 -15.61 -72.34 -14.67
CA PRO A 28 -14.28 -72.91 -14.90
C PRO A 28 -13.57 -72.20 -16.05
N PHE A 29 -12.28 -71.89 -15.88
CA PHE A 29 -11.53 -71.22 -16.96
C PHE A 29 -10.14 -71.88 -17.05
N THR A 30 -9.56 -71.82 -18.23
CA THR A 30 -8.18 -72.18 -18.44
C THR A 30 -7.32 -70.88 -18.52
N PHE A 31 -6.27 -70.81 -17.72
CA PHE A 31 -5.42 -69.62 -17.60
C PHE A 31 -3.99 -69.86 -18.04
N ILE A 32 -3.41 -68.80 -18.59
CA ILE A 32 -1.99 -68.65 -18.54
C ILE A 32 -1.67 -68.12 -17.14
N LEU A 33 -0.71 -68.75 -16.44
CA LEU A 33 -0.32 -68.41 -15.10
C LEU A 33 1.02 -67.68 -15.22
N ASP A 34 0.96 -66.35 -15.09
CA ASP A 34 1.99 -65.47 -15.62
C ASP A 34 2.67 -64.59 -14.56
N THR A 35 3.91 -64.95 -14.21
CA THR A 35 4.66 -64.16 -13.22
C THR A 35 5.11 -62.85 -13.82
N GLY A 36 4.93 -62.65 -15.12
CA GLY A 36 5.31 -61.41 -15.80
C GLY A 36 4.24 -60.37 -15.91
N SER A 37 3.13 -60.59 -15.23
CA SER A 37 2.00 -59.67 -15.21
C SER A 37 1.25 -59.76 -13.90
N ALA A 38 0.24 -58.90 -13.72
CA ALA A 38 -0.34 -58.77 -12.38
C ALA A 38 -1.86 -58.46 -12.37
N ASN A 39 -2.54 -58.91 -13.41
CA ASN A 39 -3.97 -58.83 -13.48
C ASN A 39 -4.58 -60.17 -13.83
N LEU A 40 -5.78 -60.39 -13.32
CA LEU A 40 -6.61 -61.49 -13.68
C LEU A 40 -7.74 -61.01 -14.58
N TRP A 41 -7.88 -61.66 -15.71
CA TRP A 41 -9.03 -61.42 -16.57
C TRP A 41 -9.66 -62.66 -17.13
N VAL A 42 -10.97 -62.58 -17.38
CA VAL A 42 -11.69 -63.62 -18.02
C VAL A 42 -12.66 -62.98 -19.05
N PRO A 43 -12.97 -63.66 -20.11
CA PRO A 43 -13.96 -63.14 -21.04
C PRO A 43 -15.39 -63.27 -20.49
N SER A 44 -16.21 -62.27 -20.79
CA SER A 44 -17.54 -62.12 -20.22
C SER A 44 -18.56 -62.74 -21.16
N VAL A 45 -19.70 -63.21 -20.61
CA VAL A 45 -20.82 -63.55 -21.48
C VAL A 45 -21.27 -62.34 -22.31
N LYS A 46 -20.97 -61.12 -21.84
CA LYS A 46 -21.32 -59.89 -22.59
C LYS A 46 -20.31 -59.60 -23.74
N CYS A 47 -19.22 -60.38 -23.83
CA CYS A 47 -18.30 -60.24 -24.94
C CYS A 47 -18.99 -60.91 -26.09
N THR A 48 -19.04 -60.28 -27.26
CA THR A 48 -19.70 -60.90 -28.43
C THR A 48 -18.77 -61.10 -29.66
N THR A 49 -17.49 -60.67 -29.54
CA THR A 49 -16.48 -60.84 -30.60
C THR A 49 -16.34 -62.30 -30.97
N ALA A 50 -15.72 -62.53 -32.11
CA ALA A 50 -15.62 -63.86 -32.71
C ALA A 50 -14.88 -64.79 -31.79
N GLY A 51 -13.77 -64.31 -31.25
CA GLY A 51 -12.95 -65.05 -30.31
C GLY A 51 -13.70 -65.50 -29.05
N CYS A 52 -14.54 -64.66 -28.47
CA CYS A 52 -15.21 -65.05 -27.26
C CYS A 52 -16.14 -66.27 -27.38
N LEU A 53 -16.74 -66.44 -28.56
CA LEU A 53 -17.72 -67.53 -28.81
C LEU A 53 -17.06 -68.91 -28.71
N THR A 54 -15.74 -68.94 -28.75
CA THR A 54 -14.98 -70.16 -28.68
C THR A 54 -14.46 -70.50 -27.26
N LYS A 55 -14.70 -69.65 -26.27
CA LYS A 55 -14.11 -69.77 -24.94
C LYS A 55 -15.14 -70.03 -23.84
N HIS A 56 -14.66 -70.32 -22.64
CA HIS A 56 -15.52 -70.32 -21.46
C HIS A 56 -15.67 -68.92 -21.01
N LEU A 57 -16.91 -68.51 -20.72
CA LEU A 57 -17.24 -67.11 -20.40
C LEU A 57 -17.76 -66.96 -19.00
N TYR A 58 -17.56 -65.80 -18.40
CA TYR A 58 -18.07 -65.44 -17.11
C TYR A 58 -19.41 -64.70 -17.19
N ASP A 59 -20.35 -65.14 -16.37
CA ASP A 59 -21.64 -64.48 -16.13
C ASP A 59 -21.81 -64.05 -14.69
N SER A 60 -21.68 -62.75 -14.45
CA SER A 60 -21.87 -62.20 -13.15
C SER A 60 -23.26 -62.47 -12.56
N SER A 61 -24.24 -62.69 -13.41
CA SER A 61 -25.67 -62.79 -12.92
C SER A 61 -25.92 -64.11 -12.21
N LYS A 62 -25.13 -65.11 -12.61
CA LYS A 62 -25.20 -66.42 -11.99
C LYS A 62 -24.35 -66.53 -10.71
N SER A 63 -23.88 -65.43 -10.13
CA SER A 63 -23.06 -65.53 -8.93
C SER A 63 -23.51 -64.55 -7.86
N ARG A 64 -23.71 -65.09 -6.65
CA ARG A 64 -24.29 -64.31 -5.56
C ARG A 64 -23.27 -63.45 -4.87
N THR A 65 -21.97 -63.67 -5.14
CA THR A 65 -20.89 -63.02 -4.46
C THR A 65 -20.24 -61.93 -5.35
N TYR A 66 -20.76 -61.81 -6.55
CA TYR A 66 -20.46 -60.62 -7.40
C TYR A 66 -20.70 -59.24 -6.74
N GLU A 67 -19.69 -58.38 -6.89
CA GLU A 67 -19.68 -56.98 -6.47
C GLU A 67 -19.32 -56.17 -7.71
N LYS A 68 -20.19 -55.25 -8.09
CA LYS A 68 -19.98 -54.43 -9.29
C LYS A 68 -18.88 -53.44 -9.00
N ASP A 69 -18.13 -53.13 -10.07
CA ASP A 69 -17.18 -52.02 -10.07
C ASP A 69 -17.51 -51.28 -11.35
N GLY A 70 -17.18 -51.86 -12.51
CA GLY A 70 -17.56 -51.30 -13.83
C GLY A 70 -16.59 -50.26 -14.40
N THR A 71 -15.55 -49.97 -13.68
CA THR A 71 -14.49 -49.10 -14.18
C THR A 71 -13.94 -49.69 -15.50
N LYS A 72 -13.91 -48.92 -16.56
CA LYS A 72 -13.34 -49.35 -17.84
C LYS A 72 -11.83 -49.58 -17.74
N VAL A 73 -11.33 -50.58 -18.44
CA VAL A 73 -9.88 -50.86 -18.40
C VAL A 73 -9.52 -51.60 -19.68
N GLU A 74 -8.29 -51.38 -20.17
CA GLU A 74 -7.71 -52.10 -21.35
C GLU A 74 -6.37 -52.58 -20.93
N MET A 75 -6.05 -53.84 -21.26
CA MET A 75 -4.77 -54.43 -20.91
C MET A 75 -3.96 -54.55 -22.17
N ASN A 76 -2.66 -54.24 -22.11
CA ASN A 76 -1.84 -54.23 -23.29
C ASN A 76 -0.76 -55.31 -23.09
N TYR A 77 -0.61 -56.17 -24.04
CA TYR A 77 0.43 -57.20 -24.03
C TYR A 77 1.17 -57.07 -25.38
N VAL A 78 2.33 -57.72 -25.49
CA VAL A 78 3.09 -57.76 -26.75
C VAL A 78 2.18 -58.21 -27.89
N SER A 79 1.38 -59.24 -27.62
CA SER A 79 0.52 -59.86 -28.61
C SER A 79 -0.77 -59.09 -28.89
N GLY A 80 -1.01 -57.98 -28.17
CA GLY A 80 -2.17 -57.19 -28.40
C GLY A 80 -2.91 -56.86 -27.12
N THR A 81 -4.14 -56.40 -27.30
CA THR A 81 -4.87 -55.75 -26.25
C THR A 81 -6.21 -56.45 -26.07
N VAL A 82 -6.67 -56.46 -24.82
CA VAL A 82 -8.07 -56.81 -24.50
C VAL A 82 -8.66 -55.68 -23.69
N SER A 83 -9.99 -55.50 -23.78
CA SER A 83 -10.60 -54.47 -22.99
C SER A 83 -11.91 -54.84 -22.40
N GLY A 84 -12.24 -54.15 -21.32
CA GLY A 84 -13.45 -54.45 -20.56
C GLY A 84 -13.59 -53.62 -19.34
N PHE A 85 -13.98 -54.19 -18.21
CA PHE A 85 -14.23 -53.45 -17.02
C PHE A 85 -14.03 -54.30 -15.79
N PHE A 86 -13.70 -53.62 -14.69
CA PHE A 86 -13.41 -54.28 -13.43
C PHE A 86 -14.70 -54.85 -12.81
N SER A 87 -14.53 -56.00 -12.18
CA SER A 87 -15.59 -56.68 -11.43
C SER A 87 -14.96 -57.30 -10.23
N LYS A 88 -15.81 -57.72 -9.29
CA LYS A 88 -15.30 -58.41 -8.15
C LYS A 88 -16.20 -59.62 -7.88
N ASP A 89 -15.57 -60.75 -7.51
CA ASP A 89 -16.29 -62.02 -7.32
C ASP A 89 -15.36 -62.99 -6.70
N LEU A 90 -15.91 -64.17 -6.38
CA LEU A 90 -15.13 -65.22 -5.75
C LEU A 90 -14.20 -65.89 -6.73
N VAL A 91 -12.92 -65.97 -6.39
CA VAL A 91 -11.98 -66.69 -7.25
C VAL A 91 -11.35 -67.82 -6.46
N THR A 92 -11.42 -69.00 -7.07
CA THR A 92 -10.99 -70.24 -6.47
C THR A 92 -9.79 -70.73 -7.25
N VAL A 93 -8.69 -70.89 -6.55
CA VAL A 93 -7.44 -71.42 -7.12
C VAL A 93 -7.09 -72.66 -6.26
N GLY A 94 -7.18 -73.82 -6.90
CA GLY A 94 -7.21 -75.14 -6.23
C GLY A 94 -8.28 -75.17 -5.15
N ASN A 95 -7.85 -75.38 -3.91
CA ASN A 95 -8.77 -75.55 -2.74
C ASN A 95 -9.09 -74.27 -2.01
N LEU A 96 -8.48 -73.15 -2.43
CA LEU A 96 -8.65 -71.87 -1.74
C LEU A 96 -9.50 -70.91 -2.62
N SER A 97 -10.36 -70.14 -1.98
CA SER A 97 -11.09 -69.12 -2.71
C SER A 97 -11.12 -67.84 -1.90
N LEU A 98 -11.32 -66.72 -2.61
CA LEU A 98 -11.37 -65.44 -1.96
C LEU A 98 -12.08 -64.47 -2.89
N PRO A 99 -12.82 -63.55 -2.30
CA PRO A 99 -13.29 -62.50 -3.20
C PRO A 99 -12.10 -61.65 -3.74
N TYR A 100 -12.17 -61.31 -5.01
CA TYR A 100 -11.01 -60.74 -5.75
C TYR A 100 -11.47 -59.89 -6.94
N LYS A 101 -10.75 -58.81 -7.16
CA LYS A 101 -11.05 -57.90 -8.24
C LYS A 101 -10.37 -58.42 -9.51
N PHE A 102 -11.09 -58.40 -10.62
CA PHE A 102 -10.58 -58.86 -11.88
C PHE A 102 -11.23 -58.09 -13.00
N ILE A 103 -10.70 -58.30 -14.19
CA ILE A 103 -11.19 -57.70 -15.39
C ILE A 103 -12.12 -58.64 -16.20
N GLU A 104 -13.36 -58.20 -16.38
CA GLU A 104 -14.28 -58.80 -17.30
C GLU A 104 -14.03 -58.27 -18.71
N VAL A 105 -13.66 -59.11 -19.65
CA VAL A 105 -13.29 -58.71 -21.02
C VAL A 105 -14.46 -58.80 -21.99
N ILE A 106 -14.66 -57.70 -22.70
CA ILE A 106 -15.80 -57.44 -23.55
C ILE A 106 -15.30 -57.41 -24.99
N ASP A 107 -14.03 -57.07 -25.21
CA ASP A 107 -13.48 -56.98 -26.56
C ASP A 107 -12.09 -57.59 -26.68
N THR A 108 -11.95 -58.53 -27.60
CA THR A 108 -10.72 -59.32 -27.84
C THR A 108 -10.21 -59.17 -29.27
N ASN A 109 -10.87 -58.33 -30.05
CA ASN A 109 -10.39 -58.12 -31.43
C ASN A 109 -8.99 -57.57 -31.57
N GLY A 110 -8.47 -56.81 -30.59
CA GLY A 110 -7.06 -56.40 -30.63
C GLY A 110 -6.07 -57.43 -30.10
N PHE A 111 -6.54 -58.64 -29.83
CA PHE A 111 -5.70 -59.70 -29.29
C PHE A 111 -5.68 -60.88 -30.27
N GLU A 112 -6.08 -60.64 -31.52
CA GLU A 112 -6.26 -61.72 -32.52
C GLU A 112 -5.16 -61.57 -33.54
N PRO A 113 -4.71 -62.68 -34.14
CA PRO A 113 -5.24 -64.03 -34.06
C PRO A 113 -4.84 -64.83 -32.82
N THR A 114 -3.91 -64.32 -31.98
CA THR A 114 -3.41 -65.08 -30.83
C THR A 114 -4.49 -65.74 -30.03
N TYR A 115 -5.51 -64.99 -29.70
CA TYR A 115 -6.47 -65.44 -28.75
C TYR A 115 -7.29 -66.62 -29.33
N THR A 116 -7.90 -66.42 -30.48
CA THR A 116 -8.64 -67.55 -31.12
C THR A 116 -7.76 -68.77 -31.39
N ALA A 117 -6.52 -68.56 -31.78
CA ALA A 117 -5.56 -69.64 -32.05
C ALA A 117 -4.98 -70.35 -30.81
N SER A 118 -5.28 -69.89 -29.60
CA SER A 118 -4.77 -70.54 -28.38
C SER A 118 -5.88 -71.23 -27.64
N THR A 119 -5.50 -72.11 -26.70
CA THR A 119 -6.44 -72.80 -25.83
C THR A 119 -6.69 -72.24 -24.42
N PHE A 120 -6.26 -70.99 -24.12
CA PHE A 120 -6.60 -70.40 -22.84
C PHE A 120 -7.81 -69.51 -22.96
N ASP A 121 -8.52 -69.35 -21.85
CA ASP A 121 -9.59 -68.37 -21.72
C ASP A 121 -9.10 -67.00 -21.25
N GLY A 122 -8.22 -66.98 -20.23
CA GLY A 122 -7.76 -65.69 -19.72
C GLY A 122 -6.35 -65.82 -19.15
N ILE A 123 -5.92 -64.78 -18.49
CA ILE A 123 -4.60 -64.70 -17.92
C ILE A 123 -4.72 -64.40 -16.46
N LEU A 124 -3.91 -65.08 -15.69
CA LEU A 124 -3.87 -64.92 -14.25
C LEU A 124 -2.46 -64.49 -13.87
N GLY A 125 -2.33 -63.21 -13.57
CA GLY A 125 -1.02 -62.59 -13.28
C GLY A 125 -0.60 -62.93 -11.84
N LEU A 126 0.71 -63.09 -11.67
CA LEU A 126 1.31 -63.44 -10.37
C LEU A 126 2.47 -62.53 -10.01
N GLY A 127 2.47 -61.31 -10.54
CA GLY A 127 3.47 -60.30 -10.21
C GLY A 127 3.14 -59.50 -8.94
N TRP A 128 3.72 -58.32 -8.81
CA TRP A 128 3.58 -57.49 -7.62
C TRP A 128 2.53 -56.41 -7.91
N LYS A 129 1.98 -55.86 -6.83
CA LYS A 129 0.96 -54.86 -6.89
C LYS A 129 1.27 -53.70 -7.87
N ASP A 130 2.50 -53.21 -7.91
CA ASP A 130 2.85 -52.03 -8.72
C ASP A 130 2.87 -52.37 -10.20
N LEU A 131 2.84 -53.65 -10.52
CA LEU A 131 2.75 -54.05 -11.91
C LEU A 131 1.29 -54.07 -12.45
N SER A 132 0.30 -54.08 -11.56
CA SER A 132 -1.04 -54.31 -11.94
C SER A 132 -1.70 -53.00 -12.39
N ILE A 133 -2.58 -53.11 -13.37
CA ILE A 133 -3.48 -52.01 -13.72
C ILE A 133 -4.59 -51.97 -12.67
N GLY A 134 -4.85 -50.83 -12.01
CA GLY A 134 -5.91 -50.85 -11.02
C GLY A 134 -5.42 -51.06 -9.55
N SER A 135 -4.12 -51.15 -9.31
CA SER A 135 -3.54 -51.33 -7.94
C SER A 135 -4.16 -52.49 -7.23
N VAL A 136 -4.23 -53.64 -7.90
CA VAL A 136 -4.83 -54.85 -7.31
C VAL A 136 -3.77 -55.57 -6.48
N ASP A 137 -4.05 -55.82 -5.20
CA ASP A 137 -3.16 -56.70 -4.41
C ASP A 137 -3.13 -58.09 -5.02
N PRO A 138 -1.92 -58.65 -5.20
CA PRO A 138 -1.80 -59.97 -5.75
C PRO A 138 -2.63 -60.99 -4.97
N ILE A 139 -3.10 -62.02 -5.65
CA ILE A 139 -3.96 -63.00 -5.06
C ILE A 139 -3.30 -63.70 -3.85
N VAL A 140 -2.02 -64.07 -3.97
CA VAL A 140 -1.32 -64.77 -2.86
C VAL A 140 -1.14 -63.87 -1.62
N VAL A 141 -0.86 -62.60 -1.83
CA VAL A 141 -0.86 -61.61 -0.76
C VAL A 141 -2.23 -61.47 -0.10
N GLU A 142 -3.26 -61.42 -0.90
CA GLU A 142 -4.61 -61.33 -0.35
C GLU A 142 -5.01 -62.57 0.43
N LEU A 143 -4.65 -63.76 -0.05
CA LEU A 143 -4.89 -65.02 0.72
C LEU A 143 -4.27 -64.98 2.06
N LYS A 144 -3.05 -64.47 2.13
CA LYS A 144 -2.35 -64.32 3.39
C LYS A 144 -2.99 -63.26 4.30
N ASN A 145 -3.39 -62.16 3.74
CA ASN A 145 -4.06 -61.12 4.48
C ASN A 145 -5.38 -61.59 5.11
N GLN A 146 -6.16 -62.34 4.35
CA GLN A 146 -7.41 -62.93 4.80
C GLN A 146 -7.19 -64.24 5.53
N ASN A 147 -6.00 -64.42 6.11
CA ASN A 147 -5.60 -65.59 6.91
C ASN A 147 -5.88 -67.01 6.36
N LYS A 148 -5.83 -67.17 5.04
CA LYS A 148 -6.12 -68.48 4.45
C LYS A 148 -4.90 -69.33 4.15
N ILE A 149 -3.73 -68.73 4.18
CA ILE A 149 -2.46 -69.41 4.08
C ILE A 149 -1.62 -68.61 5.07
N GLU A 150 -0.54 -69.23 5.56
CA GLU A 150 0.38 -68.58 6.51
C GLU A 150 1.48 -67.77 5.83
N ASN A 151 1.98 -68.27 4.68
CA ASN A 151 3.13 -67.69 3.95
C ASN A 151 2.70 -67.24 2.55
N ALA A 152 2.91 -65.97 2.27
CA ALA A 152 2.55 -65.37 1.00
C ALA A 152 3.70 -65.73 0.04
N LEU A 153 3.70 -66.98 -0.38
CA LEU A 153 4.59 -67.48 -1.43
C LEU A 153 3.84 -68.50 -2.34
N PHE A 154 4.40 -68.71 -3.53
CA PHE A 154 3.94 -69.71 -4.44
C PHE A 154 5.17 -70.30 -5.14
N THR A 155 5.03 -71.49 -5.71
CA THR A 155 6.14 -72.16 -6.41
C THR A 155 5.68 -72.70 -7.75
N PHE A 156 6.60 -72.77 -8.70
CA PHE A 156 6.41 -73.40 -9.95
C PHE A 156 7.33 -74.60 -10.12
N TYR A 157 6.70 -75.71 -10.46
CA TYR A 157 7.36 -76.91 -10.95
C TYR A 157 6.73 -77.18 -12.29
N LEU A 158 7.48 -76.95 -13.36
CA LEU A 158 6.86 -77.01 -14.71
C LEU A 158 6.76 -78.40 -15.26
N PRO A 159 5.71 -78.67 -16.07
CA PRO A 159 5.64 -79.95 -16.76
C PRO A 159 6.80 -80.11 -17.70
N VAL A 160 7.10 -81.36 -18.00
CA VAL A 160 8.10 -81.78 -18.99
C VAL A 160 7.30 -82.76 -19.91
N HIS A 161 7.24 -82.44 -21.19
CA HIS A 161 6.46 -83.25 -22.13
C HIS A 161 6.74 -84.75 -21.98
N ASP A 162 5.65 -85.53 -21.89
CA ASP A 162 5.70 -86.99 -21.84
C ASP A 162 6.54 -87.56 -20.71
N LYS A 163 7.00 -86.73 -19.78
CA LYS A 163 7.57 -87.24 -18.52
C LYS A 163 6.55 -87.05 -17.40
N HIS A 164 6.17 -85.81 -17.12
CA HIS A 164 5.44 -85.56 -15.89
C HIS A 164 4.67 -84.25 -15.99
N THR A 165 3.60 -84.17 -15.24
CA THR A 165 2.85 -82.98 -15.16
C THR A 165 3.52 -81.94 -14.23
N GLY A 166 2.92 -80.74 -14.13
CA GLY A 166 3.49 -79.67 -13.31
C GLY A 166 2.54 -79.23 -12.25
N PHE A 167 3.01 -78.35 -11.34
CA PHE A 167 2.21 -77.73 -10.36
C PHE A 167 2.65 -76.32 -10.05
N LEU A 168 1.62 -75.49 -9.84
CA LEU A 168 1.70 -74.23 -9.15
C LEU A 168 1.23 -74.50 -7.73
N THR A 169 2.12 -74.32 -6.76
CA THR A 169 1.72 -74.54 -5.41
C THR A 169 1.68 -73.21 -4.68
N ILE A 170 0.61 -73.01 -3.96
CA ILE A 170 0.43 -71.83 -3.18
C ILE A 170 0.58 -72.12 -1.71
N GLY A 171 1.46 -71.37 -1.08
CA GLY A 171 1.51 -71.32 0.36
C GLY A 171 2.57 -72.12 1.08
N GLY A 172 3.27 -73.01 0.39
CA GLY A 172 4.39 -73.72 1.01
C GLY A 172 5.23 -74.39 -0.03
N ILE A 173 6.43 -74.82 0.38
CA ILE A 173 7.42 -75.35 -0.49
C ILE A 173 7.43 -76.86 -0.28
N GLU A 174 7.16 -77.63 -1.35
CA GLU A 174 7.25 -79.08 -1.29
C GLU A 174 8.60 -79.61 -1.77
N GLU A 175 9.23 -80.34 -0.85
CA GLU A 175 10.46 -81.05 -1.07
C GLU A 175 10.56 -81.98 -2.27
N ARG A 176 9.44 -82.62 -2.58
CA ARG A 176 9.31 -83.49 -3.73
C ARG A 176 9.64 -82.84 -5.09
N PHE A 177 9.52 -81.51 -5.17
CA PHE A 177 9.79 -80.84 -6.41
C PHE A 177 11.25 -80.52 -6.76
N TYR A 178 12.18 -80.59 -5.82
CA TYR A 178 13.52 -80.15 -6.18
C TYR A 178 14.64 -80.93 -5.54
N GLU A 179 15.84 -80.75 -6.03
CA GLU A 179 16.95 -81.33 -5.33
C GLU A 179 18.07 -80.42 -5.35
N GLY A 180 19.05 -80.72 -4.51
CA GLY A 180 20.10 -79.79 -4.31
C GLY A 180 19.65 -78.60 -3.45
N PRO A 181 20.50 -77.60 -3.35
CA PRO A 181 20.28 -76.45 -2.48
C PRO A 181 19.25 -75.49 -3.12
N LEU A 182 18.43 -74.87 -2.28
CA LEU A 182 17.51 -73.83 -2.69
C LEU A 182 18.12 -72.51 -2.19
N THR A 183 18.49 -71.66 -3.14
CA THR A 183 19.15 -70.40 -2.89
C THR A 183 18.15 -69.28 -3.20
N TYR A 184 18.07 -68.32 -2.29
CA TYR A 184 17.17 -67.20 -2.47
C TYR A 184 17.95 -66.03 -2.88
N GLU A 185 17.39 -65.36 -3.88
CA GLU A 185 17.93 -64.16 -4.43
C GLU A 185 16.94 -62.98 -4.19
N LYS A 186 17.44 -61.92 -3.54
CA LYS A 186 16.58 -60.75 -3.24
C LYS A 186 16.15 -60.00 -4.51
N LEU A 187 14.89 -59.60 -4.55
CA LEU A 187 14.40 -58.79 -5.66
C LEU A 187 15.15 -57.49 -5.65
N ASN A 188 15.47 -56.99 -6.85
CA ASN A 188 15.99 -55.63 -6.96
C ASN A 188 14.88 -54.56 -7.02
N HIS A 189 13.63 -54.91 -7.29
CA HIS A 189 12.44 -54.02 -7.33
C HIS A 189 11.21 -54.91 -7.13
N ASP A 190 10.21 -54.46 -6.38
CA ASP A 190 8.96 -55.18 -6.16
C ASP A 190 8.00 -54.85 -7.31
N LEU A 191 8.23 -55.47 -8.46
CA LEU A 191 7.46 -55.09 -9.65
C LEU A 191 7.32 -56.41 -10.48
N TYR A 192 8.30 -56.70 -11.28
CA TYR A 192 8.46 -58.08 -11.74
C TYR A 192 9.15 -58.89 -10.65
N TRP A 193 9.27 -60.19 -10.90
CA TRP A 193 10.13 -61.03 -10.04
C TRP A 193 11.51 -60.93 -10.64
N GLN A 194 12.19 -59.87 -10.24
CA GLN A 194 13.41 -59.44 -10.94
C GLN A 194 14.55 -59.38 -9.96
N ILE A 195 15.62 -60.02 -10.34
CA ILE A 195 16.79 -60.17 -9.44
C ILE A 195 18.09 -59.80 -10.17
N THR A 196 19.18 -59.62 -9.45
CA THR A 196 20.41 -59.18 -10.08
C THR A 196 21.43 -60.35 -10.12
N LEU A 197 21.84 -60.72 -11.33
CA LEU A 197 22.80 -61.83 -11.52
C LEU A 197 23.91 -61.40 -12.46
N ASP A 198 25.12 -61.93 -12.33
CA ASP A 198 26.14 -61.72 -13.38
C ASP A 198 25.87 -62.79 -14.47
N ALA A 199 26.03 -62.46 -15.73
CA ALA A 199 25.69 -63.38 -16.79
C ALA A 199 26.93 -63.62 -17.61
N HIS A 200 27.18 -64.88 -18.01
CA HIS A 200 28.37 -65.26 -18.78
C HIS A 200 27.95 -66.30 -19.80
N VAL A 201 28.46 -66.19 -21.01
CA VAL A 201 28.51 -67.29 -21.96
C VAL A 201 29.95 -67.31 -22.47
N GLY A 202 30.67 -68.41 -22.24
CA GLY A 202 32.11 -68.40 -22.50
C GLY A 202 32.79 -67.18 -21.90
N ASN A 203 33.52 -66.43 -22.73
CA ASN A 203 34.13 -65.18 -22.29
C ASN A 203 33.23 -63.92 -22.41
N ILE A 204 32.03 -64.06 -22.98
CA ILE A 204 31.08 -62.95 -23.05
C ILE A 204 30.45 -62.75 -21.68
N SER A 205 30.50 -61.54 -21.12
CA SER A 205 29.86 -61.30 -19.85
C SER A 205 29.18 -59.94 -19.65
N LEU A 206 28.20 -59.96 -18.77
CA LEU A 206 27.46 -58.82 -18.37
C LEU A 206 27.25 -58.91 -16.88
N GLU A 207 27.94 -58.01 -16.16
CA GLU A 207 27.86 -57.98 -14.76
C GLU A 207 26.59 -57.29 -14.25
N LYS A 208 26.00 -57.86 -13.22
CA LYS A 208 24.82 -57.28 -12.59
C LYS A 208 23.70 -57.00 -13.54
N ALA A 209 23.42 -57.98 -14.37
CA ALA A 209 22.25 -57.97 -15.24
C ALA A 209 20.96 -58.09 -14.45
N ASN A 210 19.93 -57.39 -14.92
CA ASN A 210 18.59 -57.53 -14.36
C ASN A 210 17.94 -58.77 -14.93
N CYS A 211 17.50 -59.74 -14.11
CA CYS A 211 16.96 -60.99 -14.62
C CYS A 211 15.55 -61.16 -14.15
N ILE A 212 14.62 -61.24 -15.11
CA ILE A 212 13.21 -61.30 -14.82
C ILE A 212 12.73 -62.77 -14.97
N VAL A 213 12.17 -63.33 -13.91
CA VAL A 213 11.65 -64.72 -13.95
C VAL A 213 10.19 -64.64 -14.38
N ASP A 214 9.92 -65.12 -15.62
CA ASP A 214 8.62 -64.90 -16.32
C ASP A 214 8.04 -66.16 -16.84
N SER A 215 7.09 -66.71 -16.09
CA SER A 215 6.44 -67.96 -16.54
C SER A 215 5.58 -67.76 -17.82
N GLY A 216 5.21 -66.51 -18.13
CA GLY A 216 4.36 -66.21 -19.22
C GLY A 216 5.04 -66.09 -20.57
N THR A 217 6.33 -66.36 -20.60
CA THR A 217 7.09 -66.20 -21.79
C THR A 217 7.85 -67.50 -22.08
N SER A 218 7.74 -68.07 -23.30
CA SER A 218 8.42 -69.32 -23.57
C SER A 218 9.85 -69.18 -24.11
N ALA A 219 10.48 -68.03 -23.94
CA ALA A 219 11.86 -67.81 -24.35
C ALA A 219 12.82 -67.34 -23.26
N ILE A 220 14.14 -67.42 -23.49
CA ILE A 220 15.14 -66.61 -22.79
C ILE A 220 15.36 -65.38 -23.68
N THR A 221 15.20 -64.18 -23.15
CA THR A 221 15.55 -62.94 -23.89
C THR A 221 16.86 -62.41 -23.39
N VAL A 222 17.66 -61.90 -24.32
CA VAL A 222 19.05 -61.59 -24.08
C VAL A 222 19.31 -60.20 -24.70
N PRO A 223 20.15 -59.37 -24.11
CA PRO A 223 20.58 -58.15 -24.83
C PRO A 223 21.11 -58.44 -26.23
N THR A 224 20.78 -57.61 -27.17
CA THR A 224 21.07 -57.90 -28.56
C THR A 224 22.58 -57.98 -28.83
N ASP A 225 23.40 -57.11 -28.22
CA ASP A 225 24.84 -57.21 -28.49
C ASP A 225 25.42 -58.51 -27.89
N PHE A 226 25.02 -58.83 -26.66
CA PHE A 226 25.40 -60.15 -25.98
C PHE A 226 24.98 -61.30 -26.90
N LEU A 227 23.76 -61.27 -27.40
CA LEU A 227 23.29 -62.36 -28.26
C LEU A 227 24.11 -62.47 -29.55
N ASN A 228 24.34 -61.34 -30.20
CA ASN A 228 25.19 -61.34 -31.38
C ASN A 228 26.60 -61.96 -31.11
N LYS A 229 27.25 -61.58 -30.01
CA LYS A 229 28.52 -62.15 -29.64
C LYS A 229 28.43 -63.66 -29.38
N MET A 230 27.38 -64.08 -28.69
CA MET A 230 27.36 -65.48 -28.26
C MET A 230 27.08 -66.46 -29.41
N LEU A 231 26.43 -66.03 -30.45
CA LEU A 231 26.08 -66.92 -31.55
C LEU A 231 27.06 -66.92 -32.74
N GLN A 232 28.12 -66.16 -32.69
CA GLN A 232 28.95 -66.15 -33.88
C GLN A 232 29.87 -67.39 -33.92
N ASN A 233 30.02 -67.94 -35.11
CA ASN A 233 30.80 -69.17 -35.34
C ASN A 233 30.14 -70.40 -34.71
N LEU A 234 28.83 -70.53 -34.81
CA LEU A 234 28.16 -71.61 -34.07
C LEU A 234 27.37 -72.57 -34.91
N ASP A 235 27.16 -72.24 -36.18
CA ASP A 235 26.33 -73.05 -37.08
C ASP A 235 24.88 -72.99 -36.63
N VAL A 236 24.47 -71.76 -36.38
CA VAL A 236 23.13 -71.48 -36.09
C VAL A 236 22.77 -70.57 -37.21
N ILE A 237 21.56 -70.67 -37.71
CA ILE A 237 21.15 -69.90 -38.85
C ILE A 237 20.07 -68.96 -38.38
N LYS A 238 20.33 -67.67 -38.50
CA LYS A 238 19.27 -66.66 -38.33
C LYS A 238 18.25 -66.84 -39.46
N VAL A 239 16.96 -66.88 -39.16
CA VAL A 239 16.00 -67.08 -40.24
C VAL A 239 15.45 -65.75 -40.75
N PRO A 240 15.45 -65.57 -42.08
CA PRO A 240 15.17 -64.27 -42.69
C PRO A 240 13.79 -63.78 -42.36
N PHE A 241 13.66 -62.47 -42.21
CA PHE A 241 12.40 -61.81 -41.97
C PHE A 241 11.80 -62.06 -40.58
N LEU A 242 12.42 -62.92 -39.77
CA LEU A 242 11.95 -63.17 -38.40
C LEU A 242 13.13 -63.20 -37.38
N PRO A 243 12.86 -62.83 -36.12
CA PRO A 243 13.96 -62.82 -35.16
C PRO A 243 14.23 -64.20 -34.51
N PHE A 244 14.15 -65.26 -35.32
CA PHE A 244 14.39 -66.61 -34.82
C PHE A 244 15.63 -67.27 -35.48
N TYR A 245 16.15 -68.26 -34.77
CA TYR A 245 17.42 -68.92 -35.05
C TYR A 245 17.12 -70.42 -35.10
N VAL A 246 17.70 -71.13 -36.07
CA VAL A 246 17.59 -72.59 -36.12
C VAL A 246 18.95 -73.28 -36.08
N THR A 247 18.93 -74.56 -35.75
CA THR A 247 20.17 -75.32 -35.76
C THR A 247 19.84 -76.81 -35.86
N LEU A 248 20.87 -77.61 -36.07
CA LEU A 248 20.75 -79.05 -35.95
C LEU A 248 20.62 -79.38 -34.47
N CYS A 249 19.60 -80.18 -34.13
CA CYS A 249 19.34 -80.56 -32.75
C CYS A 249 20.56 -81.13 -32.07
N ASN A 250 21.44 -81.77 -32.85
CA ASN A 250 22.62 -82.42 -32.30
C ASN A 250 23.86 -81.54 -32.30
N ASN A 251 23.69 -80.25 -32.58
CA ASN A 251 24.81 -79.28 -32.62
C ASN A 251 25.53 -79.25 -31.28
N SER A 252 26.78 -79.71 -31.30
CA SER A 252 27.63 -79.78 -30.14
C SER A 252 28.31 -78.44 -29.84
N LYS A 253 28.20 -77.45 -30.73
CA LYS A 253 28.85 -76.16 -30.52
C LYS A 253 28.00 -75.18 -29.67
N LEU A 254 26.78 -75.56 -29.33
CA LEU A 254 25.83 -74.64 -28.73
C LEU A 254 26.26 -74.28 -27.31
N PRO A 255 26.04 -73.00 -26.92
CA PRO A 255 26.57 -72.58 -25.63
C PRO A 255 25.62 -72.77 -24.41
N THR A 256 26.23 -72.69 -23.25
CA THR A 256 25.53 -72.75 -21.96
C THR A 256 25.56 -71.37 -21.29
N PHE A 257 24.41 -70.87 -20.92
CA PHE A 257 24.35 -69.65 -20.09
C PHE A 257 24.75 -69.98 -18.67
N GLU A 258 25.55 -69.10 -18.09
CA GLU A 258 25.84 -69.12 -16.65
C GLU A 258 25.40 -67.85 -16.02
N PHE A 259 24.72 -67.97 -14.90
CA PHE A 259 24.24 -66.81 -14.16
C PHE A 259 24.70 -67.03 -12.74
N THR A 260 25.31 -66.02 -12.13
CA THR A 260 25.86 -66.18 -10.79
C THR A 260 25.48 -65.02 -9.83
N SER A 261 25.24 -65.36 -8.57
CA SER A 261 25.16 -64.38 -7.48
C SER A 261 26.28 -64.71 -6.50
N GLU A 262 26.36 -63.96 -5.41
CA GLU A 262 27.32 -64.28 -4.35
C GLU A 262 26.99 -65.62 -3.74
N ASN A 263 25.73 -65.98 -3.77
CA ASN A 263 25.27 -67.18 -3.12
C ASN A 263 24.98 -68.43 -3.96
N GLY A 264 24.82 -68.29 -5.25
CA GLY A 264 24.39 -69.42 -6.11
C GLY A 264 24.94 -69.28 -7.51
N LYS A 265 24.95 -70.41 -8.24
CA LYS A 265 25.35 -70.44 -9.64
C LYS A 265 24.29 -71.23 -10.38
N TYR A 266 23.82 -70.72 -11.51
CA TYR A 266 22.70 -71.33 -12.30
C TYR A 266 23.19 -71.42 -13.75
N THR A 267 22.95 -72.55 -14.39
CA THR A 267 23.41 -72.74 -15.77
C THR A 267 22.23 -73.17 -16.61
N LEU A 268 22.24 -72.85 -17.90
CA LEU A 268 21.19 -73.33 -18.76
C LEU A 268 21.81 -73.85 -20.05
N GLU A 269 21.82 -75.17 -20.15
CA GLU A 269 22.42 -75.89 -21.26
C GLU A 269 21.46 -75.93 -22.43
N PRO A 270 21.99 -76.18 -23.64
CA PRO A 270 21.18 -76.26 -24.92
C PRO A 270 19.96 -77.10 -24.85
N GLU A 271 19.99 -78.23 -24.13
CA GLU A 271 18.79 -79.03 -24.05
C GLU A 271 17.58 -78.33 -23.48
N TYR A 272 17.75 -77.32 -22.61
CA TYR A 272 16.62 -76.61 -22.06
C TYR A 272 16.06 -75.50 -22.96
N TYR A 273 16.85 -75.04 -23.92
CA TYR A 273 16.38 -73.96 -24.76
C TYR A 273 16.13 -74.33 -26.25
N LEU A 274 16.35 -75.57 -26.63
CA LEU A 274 16.08 -76.05 -27.99
C LEU A 274 14.67 -76.64 -28.15
N GLN A 275 13.94 -76.19 -29.16
CA GLN A 275 12.58 -76.63 -29.39
C GLN A 275 12.63 -77.42 -30.71
N HIS A 276 12.30 -78.71 -30.69
CA HIS A 276 12.36 -79.54 -31.91
C HIS A 276 11.25 -79.09 -32.82
N ILE A 277 11.51 -78.97 -34.12
CA ILE A 277 10.42 -78.61 -35.06
C ILE A 277 10.21 -79.62 -36.22
N PRO A 282 12.66 -82.03 -39.11
CA PRO A 282 13.65 -82.75 -39.96
C PRO A 282 15.06 -82.84 -39.34
N GLY A 283 15.15 -83.17 -38.04
CA GLY A 283 16.41 -83.04 -37.24
C GLY A 283 16.79 -81.59 -36.85
N LEU A 284 15.86 -80.69 -37.09
CA LEU A 284 16.12 -79.29 -36.88
C LEU A 284 15.38 -78.77 -35.65
N CYS A 285 16.05 -77.84 -34.96
CA CYS A 285 15.55 -77.24 -33.73
C CYS A 285 15.65 -75.72 -33.82
N MET A 286 14.63 -75.05 -33.31
CA MET A 286 14.65 -73.59 -33.13
C MET A 286 15.25 -73.33 -31.75
N LEU A 287 16.02 -72.25 -31.62
CA LEU A 287 16.48 -71.76 -30.28
C LEU A 287 15.38 -70.94 -29.61
N ASN A 288 15.03 -71.23 -28.35
CA ASN A 288 14.02 -70.42 -27.67
C ASN A 288 14.72 -69.19 -26.98
N ILE A 289 15.43 -68.38 -27.77
CA ILE A 289 16.28 -67.25 -27.27
C ILE A 289 15.96 -66.11 -28.25
N ILE A 290 15.78 -64.90 -27.75
CA ILE A 290 15.33 -63.73 -28.55
C ILE A 290 16.12 -62.52 -28.03
N GLY A 291 16.56 -61.65 -28.94
CA GLY A 291 17.34 -60.51 -28.57
C GLY A 291 16.40 -59.37 -28.25
N LEU A 292 16.61 -58.72 -27.11
CA LEU A 292 15.78 -57.60 -26.70
C LEU A 292 16.55 -56.62 -25.83
N ASP A 293 16.52 -55.30 -26.16
CA ASP A 293 17.25 -54.33 -25.36
C ASP A 293 16.30 -53.49 -24.51
N PHE A 294 16.66 -53.27 -23.26
CA PHE A 294 15.92 -52.41 -22.35
C PHE A 294 16.90 -51.39 -21.74
N PRO A 295 16.39 -50.36 -21.06
CA PRO A 295 17.31 -49.36 -20.49
C PRO A 295 18.23 -49.95 -19.45
N VAL A 296 17.72 -50.89 -18.64
CA VAL A 296 18.55 -51.76 -17.77
C VAL A 296 18.72 -53.09 -18.57
N PRO A 297 19.96 -53.45 -18.89
CA PRO A 297 20.40 -54.63 -19.61
C PRO A 297 19.84 -55.80 -18.85
N THR A 298 18.99 -56.55 -19.52
CA THR A 298 18.08 -57.48 -18.87
C THR A 298 18.07 -58.82 -19.55
N PHE A 299 17.90 -59.88 -18.75
CA PHE A 299 17.61 -61.21 -19.34
C PHE A 299 16.22 -61.55 -18.80
N ILE A 300 15.33 -62.04 -19.67
CA ILE A 300 14.06 -62.52 -19.26
C ILE A 300 14.27 -64.02 -19.22
N LEU A 301 14.23 -64.58 -18.02
CA LEU A 301 14.36 -66.02 -17.78
C LEU A 301 12.96 -66.62 -17.79
N GLY A 302 12.56 -67.05 -18.97
CA GLY A 302 11.27 -67.54 -19.17
C GLY A 302 11.21 -69.04 -18.94
N ASP A 303 10.24 -69.64 -19.64
CA ASP A 303 9.94 -71.07 -19.42
C ASP A 303 11.14 -72.01 -19.55
N PRO A 304 12.08 -71.75 -20.48
CA PRO A 304 13.24 -72.66 -20.57
C PRO A 304 14.07 -72.74 -19.26
N PHE A 305 14.23 -71.61 -18.57
CA PHE A 305 14.94 -71.60 -17.31
C PHE A 305 14.13 -72.33 -16.23
N MET A 306 12.83 -72.06 -16.21
CA MET A 306 11.89 -72.59 -15.19
C MET A 306 11.67 -74.06 -15.42
N ARG A 307 11.86 -74.52 -16.63
CA ARG A 307 11.86 -75.97 -16.83
C ARG A 307 12.98 -76.72 -16.15
N LYS A 308 14.18 -76.12 -16.09
CA LYS A 308 15.34 -76.71 -15.41
C LYS A 308 15.21 -76.50 -13.89
N TYR A 309 14.83 -75.29 -13.49
CA TYR A 309 14.87 -74.87 -12.07
C TYR A 309 13.50 -74.71 -11.49
N PHE A 310 13.19 -75.44 -10.42
CA PHE A 310 12.08 -75.15 -9.57
C PHE A 310 12.30 -73.73 -8.98
N THR A 311 11.22 -72.99 -8.86
CA THR A 311 11.26 -71.59 -8.42
C THR A 311 10.23 -71.28 -7.35
N VAL A 312 10.66 -70.50 -6.36
CA VAL A 312 9.87 -70.08 -5.25
C VAL A 312 9.78 -68.56 -5.24
N PHE A 313 8.56 -68.03 -5.18
CA PHE A 313 8.31 -66.60 -5.31
C PHE A 313 7.67 -66.18 -4.01
N ASP A 314 8.44 -65.44 -3.22
CA ASP A 314 8.12 -65.17 -1.83
C ASP A 314 7.88 -63.67 -1.60
N TYR A 315 6.63 -63.29 -1.39
CA TYR A 315 6.27 -61.90 -1.21
C TYR A 315 6.72 -61.43 0.16
N ASP A 316 6.66 -62.32 1.16
CA ASP A 316 7.02 -61.91 2.56
C ASP A 316 8.48 -61.59 2.64
N ASN A 317 9.33 -62.39 1.98
CA ASN A 317 10.76 -62.12 1.95
C ASN A 317 11.31 -61.35 0.76
N HIS A 318 10.46 -60.93 -0.15
CA HIS A 318 10.88 -60.21 -1.34
C HIS A 318 12.01 -60.92 -2.08
N SER A 319 11.80 -62.18 -2.42
CA SER A 319 12.86 -63.01 -2.98
C SER A 319 12.32 -64.08 -3.95
N VAL A 320 13.23 -64.57 -4.78
CA VAL A 320 13.01 -65.73 -5.66
C VAL A 320 13.99 -66.80 -5.16
N GLY A 321 13.47 -67.97 -4.81
CA GLY A 321 14.27 -69.13 -4.46
C GLY A 321 14.42 -70.05 -5.67
N ILE A 322 15.63 -70.55 -5.94
CA ILE A 322 15.89 -71.29 -7.16
C ILE A 322 16.56 -72.61 -6.74
N ALA A 323 16.05 -73.72 -7.23
CA ALA A 323 16.74 -75.02 -7.01
C ALA A 323 16.55 -75.87 -8.26
N LEU A 324 17.43 -76.82 -8.47
CA LEU A 324 17.17 -77.85 -9.51
C LEU A 324 15.85 -78.56 -9.37
N ALA A 325 15.04 -78.52 -10.42
CA ALA A 325 13.78 -79.27 -10.43
C ALA A 325 14.07 -80.80 -10.51
N LYS A 326 13.34 -81.56 -9.75
CA LYS A 326 13.44 -83.03 -9.87
C LYS A 326 12.98 -83.48 -11.21
N LYS A 327 13.71 -84.38 -11.86
CA LYS A 327 13.39 -84.86 -13.21
C LYS A 327 12.13 -85.65 -13.26
N ASN A 328 11.79 -86.33 -12.19
CA ASN A 328 10.51 -86.99 -12.17
C ASN A 328 9.82 -86.90 -10.88
N LEU A 329 8.51 -87.01 -10.97
CA LEU A 329 7.64 -86.89 -9.84
C LEU A 329 7.10 -88.26 -9.44
N ASN B 3 -9.83 -17.72 -7.37
CA ASN B 3 -9.53 -16.26 -7.50
C ASN B 3 -8.54 -15.80 -6.46
N ASP B 4 -8.08 -14.58 -6.63
CA ASP B 4 -7.14 -13.97 -5.75
C ASP B 4 -7.87 -13.12 -4.69
N ASN B 5 -7.87 -13.58 -3.42
CA ASN B 5 -8.64 -12.93 -2.31
C ASN B 5 -7.70 -12.28 -1.31
N ILE B 6 -7.79 -10.96 -1.13
CA ILE B 6 -6.97 -10.17 -0.20
C ILE B 6 -7.85 -9.79 1.01
N GLU B 7 -7.42 -10.13 2.24
CA GLU B 7 -8.23 -9.83 3.40
C GLU B 7 -8.36 -8.34 3.70
N LEU B 8 -9.58 -7.95 4.08
CA LEU B 8 -9.90 -6.60 4.39
C LEU B 8 -10.13 -6.60 5.90
N VAL B 9 -9.27 -5.89 6.61
CA VAL B 9 -9.18 -5.99 8.08
C VAL B 9 -9.72 -4.73 8.66
N ASP B 10 -10.78 -4.88 9.46
CA ASP B 10 -11.34 -3.80 10.22
C ASP B 10 -10.35 -3.21 11.27
N PHE B 11 -10.35 -1.91 11.39
CA PHE B 11 -9.61 -1.22 12.43
C PHE B 11 -10.66 -0.41 13.20
N GLN B 12 -10.89 -0.83 14.44
CA GLN B 12 -11.77 -0.14 15.41
C GLN B 12 -13.16 0.21 14.86
N ASN B 13 -13.62 -0.51 13.83
CA ASN B 13 -14.88 -0.17 13.17
C ASN B 13 -14.91 1.25 12.61
N ILE B 14 -13.73 1.87 12.47
CA ILE B 14 -13.59 3.19 11.86
C ILE B 14 -13.36 3.09 10.34
N MET B 15 -12.38 2.24 9.97
CA MET B 15 -11.92 2.04 8.57
C MET B 15 -11.39 0.58 8.37
N PHE B 16 -11.27 0.17 7.11
CA PHE B 16 -10.63 -1.13 6.78
C PHE B 16 -9.45 -0.96 5.83
N TYR B 17 -8.53 -1.91 5.89
CA TYR B 17 -7.30 -1.82 5.19
C TYR B 17 -6.96 -3.18 4.62
N GLY B 18 -6.07 -3.17 3.64
CA GLY B 18 -5.62 -4.44 3.09
C GLY B 18 -4.13 -4.39 2.93
N ASP B 19 -3.49 -5.56 2.83
CA ASP B 19 -2.05 -5.61 2.74
C ASP B 19 -1.65 -5.98 1.30
N ALA B 20 -0.58 -5.36 0.80
CA ALA B 20 0.04 -5.72 -0.44
C ALA B 20 1.54 -5.51 -0.33
N GLU B 21 2.29 -6.02 -1.26
CA GLU B 21 3.74 -6.02 -1.14
C GLU B 21 4.36 -5.36 -2.37
N VAL B 22 5.53 -4.75 -2.14
CA VAL B 22 6.32 -4.16 -3.18
C VAL B 22 7.75 -4.69 -3.10
N GLY B 23 8.30 -4.97 -4.26
CA GLY B 23 9.71 -5.48 -4.40
C GLY B 23 9.79 -7.00 -4.52
N ASP B 24 10.88 -7.50 -5.11
CA ASP B 24 10.97 -8.97 -5.27
C ASP B 24 11.24 -9.59 -3.92
N ASN B 25 11.63 -8.78 -2.93
CA ASN B 25 11.66 -9.23 -1.54
C ASN B 25 10.35 -9.00 -0.78
N GLN B 26 9.24 -8.70 -1.49
CA GLN B 26 7.92 -8.79 -0.88
C GLN B 26 7.83 -7.92 0.38
N GLN B 27 8.25 -6.67 0.27
CA GLN B 27 8.16 -5.73 1.39
C GLN B 27 6.71 -5.41 1.64
N PRO B 28 6.19 -5.65 2.88
CA PRO B 28 4.75 -5.52 3.08
C PRO B 28 4.27 -4.13 3.53
N PHE B 29 3.07 -3.76 3.11
CA PHE B 29 2.52 -2.44 3.45
C PHE B 29 1.04 -2.60 3.71
N THR B 30 0.50 -1.72 4.58
CA THR B 30 -0.91 -1.61 4.80
C THR B 30 -1.48 -0.45 3.92
N PHE B 31 -2.53 -0.76 3.15
CA PHE B 31 -3.13 0.19 2.23
C PHE B 31 -4.57 0.47 2.46
N ILE B 32 -4.99 1.69 2.18
CA ILE B 32 -6.37 1.96 1.85
C ILE B 32 -6.56 1.49 0.41
N LEU B 33 -7.59 0.66 0.22
CA LEU B 33 -7.92 0.12 -1.11
C LEU B 33 -9.07 0.99 -1.59
N ASP B 34 -8.78 1.85 -2.60
CA ASP B 34 -9.57 3.04 -2.90
C ASP B 34 -10.13 3.08 -4.31
N THR B 35 -11.39 2.73 -4.42
CA THR B 35 -12.01 2.76 -5.73
C THR B 35 -12.17 4.23 -6.22
N GLY B 36 -11.97 5.17 -5.31
CA GLY B 36 -12.06 6.63 -5.60
C GLY B 36 -10.82 7.32 -6.09
N SER B 37 -9.72 6.57 -6.36
CA SER B 37 -8.49 7.12 -6.92
C SER B 37 -7.84 6.01 -7.78
N ALA B 38 -6.70 6.33 -8.40
CA ALA B 38 -6.10 5.42 -9.36
C ALA B 38 -4.57 5.44 -9.38
N ASN B 39 -3.97 5.72 -8.24
CA ASN B 39 -2.53 5.67 -8.09
C ASN B 39 -2.20 4.81 -6.85
N LEU B 40 -1.11 4.11 -6.95
CA LEU B 40 -0.49 3.39 -5.82
C LEU B 40 0.70 4.21 -5.34
N TRP B 41 0.80 4.35 -4.01
CA TRP B 41 2.00 4.97 -3.43
C TRP B 41 2.35 4.32 -2.11
N VAL B 42 3.65 4.32 -1.85
CA VAL B 42 4.20 3.90 -0.58
C VAL B 42 5.26 4.87 -0.09
N PRO B 43 5.39 4.99 1.24
CA PRO B 43 6.44 5.86 1.75
C PRO B 43 7.81 5.20 1.64
N SER B 44 8.79 6.00 1.28
CA SER B 44 10.13 5.59 1.06
C SER B 44 11.01 5.62 2.33
N VAL B 45 11.99 4.73 2.38
CA VAL B 45 13.10 4.91 3.35
C VAL B 45 13.80 6.24 3.11
N LYS B 46 13.65 6.84 1.94
CA LYS B 46 14.22 8.16 1.73
C LYS B 46 13.38 9.24 2.33
N CYS B 47 12.23 8.91 2.85
CA CYS B 47 11.31 9.94 3.32
C CYS B 47 11.84 10.56 4.61
N THR B 48 11.91 11.89 4.64
CA THR B 48 12.50 12.64 5.75
C THR B 48 11.49 12.93 6.90
N THR B 49 10.23 13.15 6.50
CA THR B 49 9.22 13.76 7.36
C THR B 49 8.93 12.86 8.56
N ALA B 50 8.32 13.43 9.60
CA ALA B 50 8.02 12.77 10.86
C ALA B 50 6.95 11.65 10.76
N GLY B 51 5.97 11.84 9.90
CA GLY B 51 4.93 10.81 9.76
C GLY B 51 5.48 9.47 9.29
N CYS B 52 6.49 9.54 8.44
CA CYS B 52 7.19 8.35 7.94
C CYS B 52 7.88 7.52 9.00
N LEU B 53 8.33 8.17 10.08
CA LEU B 53 9.00 7.46 11.14
C LEU B 53 8.09 6.42 11.79
N THR B 54 6.79 6.56 11.60
CA THR B 54 5.82 5.65 12.15
C THR B 54 5.31 4.54 11.21
N LYS B 55 5.79 4.47 9.99
CA LYS B 55 5.16 3.63 8.96
C LYS B 55 6.17 2.57 8.53
N HIS B 56 5.71 1.60 7.75
CA HIS B 56 6.56 0.68 7.02
C HIS B 56 6.99 1.40 5.76
N LEU B 57 8.28 1.26 5.42
CA LEU B 57 8.94 2.09 4.41
C LEU B 57 9.50 1.25 3.31
N TYR B 58 9.38 1.68 2.06
CA TYR B 58 9.90 0.93 0.95
C TYR B 58 11.37 1.27 0.73
N ASP B 59 12.21 0.22 0.60
CA ASP B 59 13.63 0.35 0.24
C ASP B 59 13.93 -0.29 -1.11
N SER B 60 14.12 0.54 -2.13
CA SER B 60 14.36 0.04 -3.47
C SER B 60 15.68 -0.74 -3.60
N SER B 61 16.63 -0.43 -2.73
CA SER B 61 17.99 -1.00 -2.80
C SER B 61 17.97 -2.46 -2.37
N LYS B 62 16.88 -2.91 -1.74
CA LYS B 62 16.72 -4.28 -1.34
C LYS B 62 15.97 -5.12 -2.33
N SER B 63 15.49 -4.53 -3.44
CA SER B 63 14.71 -5.21 -4.45
C SER B 63 15.43 -5.29 -5.78
N ARG B 64 15.63 -6.49 -6.30
CA ARG B 64 16.40 -6.62 -7.56
C ARG B 64 15.56 -6.36 -8.79
N THR B 65 14.26 -6.26 -8.62
CA THR B 65 13.37 -5.91 -9.71
C THR B 65 12.99 -4.43 -9.73
N TYR B 66 13.62 -3.60 -8.90
CA TYR B 66 13.40 -2.15 -9.00
C TYR B 66 13.95 -1.57 -10.26
N GLU B 67 13.15 -0.73 -10.92
CA GLU B 67 13.56 0.05 -12.09
C GLU B 67 13.37 1.54 -11.77
N LYS B 68 14.46 2.26 -11.84
CA LYS B 68 14.44 3.68 -11.69
C LYS B 68 13.52 4.40 -12.71
N ASP B 69 12.77 5.39 -12.22
CA ASP B 69 12.02 6.35 -13.06
C ASP B 69 12.45 7.73 -12.61
N GLY B 70 12.02 8.17 -11.42
CA GLY B 70 12.50 9.43 -10.87
C GLY B 70 11.69 10.69 -11.21
N THR B 71 10.69 10.57 -12.08
CA THR B 71 9.78 11.70 -12.41
C THR B 71 9.11 12.19 -11.11
N LYS B 72 9.22 13.48 -10.82
CA LYS B 72 8.66 14.02 -9.56
C LYS B 72 7.14 14.09 -9.71
N VAL B 73 6.41 13.86 -8.62
CA VAL B 73 4.93 13.86 -8.67
C VAL B 73 4.42 14.17 -7.32
N GLU B 74 3.26 14.82 -7.26
CA GLU B 74 2.62 15.16 -6.01
C GLU B 74 1.13 14.76 -6.19
N MET B 75 0.59 13.97 -5.28
CA MET B 75 -0.83 13.57 -5.23
C MET B 75 -1.59 14.46 -4.25
N ASN B 76 -2.73 14.96 -4.68
CA ASN B 76 -3.57 15.82 -3.87
C ASN B 76 -4.81 15.12 -3.49
N TYR B 77 -5.09 14.99 -2.20
CA TYR B 77 -6.33 14.46 -1.75
C TYR B 77 -7.06 15.53 -0.97
N VAL B 78 -8.33 15.32 -0.67
CA VAL B 78 -9.07 16.32 0.10
C VAL B 78 -8.35 16.54 1.41
N SER B 79 -7.81 15.46 1.98
CA SER B 79 -7.14 15.46 3.25
C SER B 79 -5.72 16.02 3.17
N GLY B 80 -5.22 16.25 1.96
CA GLY B 80 -3.88 16.77 1.82
C GLY B 80 -3.10 16.16 0.71
N THR B 81 -1.79 16.43 0.72
CA THR B 81 -0.89 16.12 -0.36
C THR B 81 0.32 15.33 0.07
N VAL B 82 0.69 14.32 -0.74
CA VAL B 82 1.98 13.59 -0.57
C VAL B 82 2.77 13.84 -1.85
N SER B 83 4.09 13.95 -1.74
CA SER B 83 4.92 14.07 -2.92
C SER B 83 6.19 13.20 -2.88
N GLY B 84 6.68 12.94 -4.06
CA GLY B 84 7.82 12.02 -4.25
C GLY B 84 8.13 11.89 -5.70
N PHE B 85 8.31 10.66 -6.13
CA PHE B 85 8.73 10.36 -7.48
C PHE B 85 8.27 8.98 -7.91
N PHE B 86 8.12 8.77 -9.23
CA PHE B 86 7.70 7.48 -9.69
C PHE B 86 8.87 6.46 -9.64
N SER B 87 8.55 5.24 -9.32
CA SER B 87 9.43 4.11 -9.40
C SER B 87 8.66 2.99 -10.04
N LYS B 88 9.37 1.94 -10.46
CA LYS B 88 8.73 0.79 -10.94
C LYS B 88 9.33 -0.46 -10.25
N ASP B 89 8.48 -1.40 -9.88
CA ASP B 89 8.92 -2.62 -9.14
C ASP B 89 7.78 -3.59 -9.19
N LEU B 90 8.08 -4.77 -8.75
CA LEU B 90 7.09 -5.79 -8.64
C LEU B 90 6.07 -5.48 -7.55
N VAL B 91 4.80 -5.48 -7.88
CA VAL B 91 3.78 -5.30 -6.91
C VAL B 91 3.00 -6.58 -6.82
N THR B 92 2.74 -6.98 -5.58
CA THR B 92 2.11 -8.23 -5.28
C THR B 92 0.85 -8.01 -4.49
N VAL B 93 -0.22 -8.46 -5.07
CA VAL B 93 -1.52 -8.40 -4.43
CA VAL B 93 -1.57 -8.38 -4.50
C VAL B 93 -2.11 -9.79 -4.34
N GLY B 94 -2.10 -10.35 -3.13
CA GLY B 94 -2.48 -11.75 -2.94
C GLY B 94 -1.43 -12.61 -3.59
N ASN B 95 -1.89 -13.53 -4.44
CA ASN B 95 -1.01 -14.47 -5.15
C ASN B 95 -0.61 -13.95 -6.53
N LEU B 96 -1.04 -12.74 -6.87
CA LEU B 96 -0.74 -12.19 -8.21
C LEU B 96 0.28 -11.12 -8.10
N SER B 97 1.15 -11.03 -9.10
CA SER B 97 2.07 -9.93 -9.10
C SER B 97 2.43 -9.48 -10.49
N LEU B 98 3.00 -8.27 -10.56
CA LEU B 98 3.40 -7.70 -11.83
C LEU B 98 4.28 -6.53 -11.66
N PRO B 99 5.13 -6.23 -12.65
CA PRO B 99 5.87 -4.99 -12.60
C PRO B 99 4.90 -3.84 -12.75
N TYR B 100 5.06 -2.81 -11.93
CA TYR B 100 4.03 -1.77 -11.88
C TYR B 100 4.66 -0.45 -11.47
N LYS B 101 4.15 0.64 -12.05
CA LYS B 101 4.60 1.97 -11.77
C LYS B 101 3.86 2.54 -10.55
N PHE B 102 4.56 3.10 -9.55
CA PHE B 102 3.91 3.61 -8.35
C PHE B 102 4.72 4.78 -7.90
N ILE B 103 4.20 5.48 -6.90
CA ILE B 103 4.88 6.67 -6.40
C ILE B 103 5.61 6.31 -5.10
N GLU B 104 6.90 6.62 -5.06
CA GLU B 104 7.68 6.58 -3.79
C GLU B 104 7.55 7.93 -3.17
N VAL B 105 6.99 7.99 -1.97
CA VAL B 105 6.71 9.25 -1.29
C VAL B 105 7.86 9.60 -0.35
N ILE B 106 8.37 10.79 -0.51
CA ILE B 106 9.46 11.26 0.36
C ILE B 106 9.03 12.42 1.22
N ASP B 107 7.84 12.97 1.01
CA ASP B 107 7.35 14.13 1.80
C ASP B 107 5.84 14.01 2.08
N THR B 108 5.52 13.88 3.36
CA THR B 108 4.17 13.69 3.88
C THR B 108 3.71 14.83 4.78
N ASN B 109 4.52 15.89 4.91
CA ASN B 109 4.12 17.00 5.79
C ASN B 109 2.84 17.67 5.40
N GLY B 110 2.55 17.72 4.09
CA GLY B 110 1.25 18.22 3.59
C GLY B 110 0.07 17.28 3.74
N PHE B 111 0.26 16.16 4.45
CA PHE B 111 -0.78 15.14 4.65
C PHE B 111 -1.03 14.93 6.14
N GLU B 112 -0.58 15.88 6.97
CA GLU B 112 -0.80 15.79 8.40
C GLU B 112 -1.93 16.73 8.82
N PRO B 113 -2.67 16.35 9.87
CA PRO B 113 -2.42 15.20 10.77
C PRO B 113 -3.06 13.84 10.38
N THR B 114 -3.70 13.73 9.22
CA THR B 114 -4.39 12.50 8.89
C THR B 114 -3.41 11.32 8.86
N TYR B 115 -2.23 11.52 8.23
CA TYR B 115 -1.32 10.39 7.94
C TYR B 115 -0.82 9.75 9.22
N THR B 116 -0.34 10.59 10.12
CA THR B 116 0.20 10.08 11.37
C THR B 116 -0.89 9.49 12.23
N ALA B 117 -2.08 10.09 12.21
CA ALA B 117 -3.20 9.61 12.99
C ALA B 117 -3.77 8.28 12.52
N SER B 118 -3.47 7.84 11.28
CA SER B 118 -4.14 6.68 10.68
C SER B 118 -3.18 5.50 10.66
N THR B 119 -3.68 4.29 10.49
CA THR B 119 -2.76 3.15 10.49
C THR B 119 -2.33 2.59 9.12
N PHE B 120 -2.60 3.30 8.03
CA PHE B 120 -2.17 2.83 6.69
C PHE B 120 -0.83 3.36 6.36
N ASP B 121 -0.09 2.63 5.53
CA ASP B 121 1.14 3.17 4.98
C ASP B 121 1.00 3.94 3.71
N GLY B 122 0.11 3.43 2.84
CA GLY B 122 -0.11 4.06 1.59
C GLY B 122 -1.50 3.86 1.08
N ILE B 123 -1.71 4.27 -0.19
CA ILE B 123 -3.05 4.09 -0.86
C ILE B 123 -2.85 3.35 -2.17
N LEU B 124 -3.76 2.44 -2.44
CA LEU B 124 -3.77 1.65 -3.65
C LEU B 124 -5.14 1.96 -4.32
N GLY B 125 -5.07 2.75 -5.37
CA GLY B 125 -6.23 3.13 -6.20
C GLY B 125 -6.67 2.00 -7.07
N LEU B 126 -7.99 1.98 -7.30
CA LEU B 126 -8.70 0.95 -8.04
C LEU B 126 -9.71 1.58 -9.03
N GLY B 127 -9.49 2.82 -9.42
CA GLY B 127 -10.34 3.51 -10.37
C GLY B 127 -9.83 3.29 -11.80
N TRP B 128 -10.24 4.18 -12.71
CA TRP B 128 -9.91 4.02 -14.14
C TRP B 128 -8.69 4.84 -14.51
N LYS B 129 -8.06 4.48 -15.63
CA LYS B 129 -6.83 5.14 -16.04
C LYS B 129 -6.89 6.68 -16.09
N ASP B 130 -7.98 7.25 -16.61
CA ASP B 130 -8.07 8.71 -16.71
C ASP B 130 -8.10 9.45 -15.42
N LEU B 131 -8.36 8.74 -14.31
CA LEU B 131 -8.28 9.29 -13.02
C LEU B 131 -6.83 9.32 -12.47
N SER B 132 -5.89 8.59 -13.04
CA SER B 132 -4.57 8.46 -12.44
C SER B 132 -3.71 9.65 -12.83
N ILE B 133 -2.81 10.00 -11.94
CA ILE B 133 -1.72 10.91 -12.27
C ILE B 133 -0.64 10.10 -12.95
N GLY B 134 -0.17 10.52 -14.12
CA GLY B 134 0.91 9.77 -14.81
C GLY B 134 0.43 8.67 -15.81
N SER B 135 -0.86 8.70 -16.13
CA SER B 135 -1.47 7.73 -17.11
C SER B 135 -1.10 6.26 -16.88
N VAL B 136 -1.40 5.80 -15.66
CA VAL B 136 -1.07 4.44 -15.24
C VAL B 136 -2.27 3.56 -15.47
N ASP B 137 -2.08 2.49 -16.21
CA ASP B 137 -3.15 1.51 -16.40
C ASP B 137 -3.45 0.84 -15.06
N PRO B 138 -4.74 0.64 -14.80
CA PRO B 138 -5.09 0.04 -13.53
C PRO B 138 -4.48 -1.37 -13.34
N ILE B 139 -4.17 -1.71 -12.10
CA ILE B 139 -3.52 -3.00 -11.78
C ILE B 139 -4.32 -4.18 -12.29
N VAL B 140 -5.64 -4.17 -12.12
CA VAL B 140 -6.51 -5.28 -12.58
C VAL B 140 -6.61 -5.41 -14.15
N VAL B 141 -6.67 -4.29 -14.84
CA VAL B 141 -6.59 -4.29 -16.32
C VAL B 141 -5.22 -4.87 -16.75
N GLU B 142 -4.15 -4.47 -16.13
CA GLU B 142 -2.83 -4.99 -16.47
C GLU B 142 -2.70 -6.46 -16.24
N LEU B 143 -3.23 -6.95 -15.12
CA LEU B 143 -3.24 -8.40 -14.81
C LEU B 143 -3.95 -9.19 -15.84
N LYS B 144 -5.08 -8.65 -16.31
CA LYS B 144 -5.79 -9.29 -17.35
C LYS B 144 -4.98 -9.27 -18.64
N ASN B 145 -4.39 -8.13 -18.97
CA ASN B 145 -3.67 -8.00 -20.27
C ASN B 145 -2.47 -8.98 -20.34
N GLN B 146 -1.89 -9.25 -19.18
CA GLN B 146 -0.74 -10.19 -19.00
C GLN B 146 -1.15 -11.62 -18.72
N ASN B 147 -2.44 -11.91 -18.87
CA ASN B 147 -3.05 -13.21 -18.84
C ASN B 147 -2.85 -13.81 -17.50
N LYS B 148 -2.96 -12.98 -16.48
CA LYS B 148 -2.82 -13.46 -15.08
C LYS B 148 -4.14 -13.70 -14.40
N ILE B 149 -5.21 -13.14 -14.99
CA ILE B 149 -6.61 -13.42 -14.61
C ILE B 149 -7.39 -13.44 -15.92
N GLU B 150 -8.57 -14.05 -15.86
CA GLU B 150 -9.51 -14.21 -16.98
C GLU B 150 -10.35 -12.99 -17.22
N ASN B 151 -10.77 -12.39 -16.11
CA ASN B 151 -11.73 -11.29 -16.19
C ASN B 151 -11.13 -10.08 -15.48
N ALA B 152 -11.18 -8.92 -16.10
CA ALA B 152 -10.65 -7.68 -15.49
C ALA B 152 -11.78 -7.13 -14.63
N LEU B 153 -11.96 -7.77 -13.48
CA LEU B 153 -12.89 -7.31 -12.46
C LEU B 153 -12.37 -7.54 -11.09
N PHE B 154 -12.91 -6.79 -10.14
CA PHE B 154 -12.64 -7.07 -8.74
C PHE B 154 -13.92 -6.90 -7.96
N THR B 155 -13.97 -7.51 -6.79
CA THR B 155 -15.14 -7.39 -5.94
C THR B 155 -14.77 -7.00 -4.50
N PHE B 156 -15.70 -6.32 -3.82
CA PHE B 156 -15.53 -5.93 -2.41
C PHE B 156 -16.60 -6.54 -1.56
N TYR B 157 -16.14 -7.24 -0.55
CA TYR B 157 -17.00 -7.78 0.54
C TYR B 157 -16.44 -7.24 1.87
N LEU B 158 -17.14 -6.23 2.42
CA LEU B 158 -16.54 -5.43 3.51
C LEU B 158 -16.63 -6.20 4.83
N PRO B 159 -15.61 -5.99 5.67
CA PRO B 159 -15.72 -6.56 7.00
C PRO B 159 -16.84 -5.81 7.76
N VAL B 160 -17.31 -6.42 8.83
CA VAL B 160 -18.15 -5.78 9.84
C VAL B 160 -17.52 -6.06 11.23
N HIS B 161 -17.25 -5.04 12.02
CA HIS B 161 -16.53 -5.22 13.34
C HIS B 161 -16.99 -6.39 14.23
N ASP B 162 -16.02 -7.03 14.89
CA ASP B 162 -16.20 -8.21 15.74
C ASP B 162 -17.30 -9.17 15.27
N LYS B 163 -17.47 -9.29 13.93
CA LYS B 163 -18.46 -10.20 13.35
C LYS B 163 -17.89 -10.99 12.18
N HIS B 164 -17.35 -10.31 11.14
CA HIS B 164 -16.56 -11.08 10.15
C HIS B 164 -15.51 -10.24 9.42
N THR B 165 -14.56 -10.94 8.81
CA THR B 165 -13.55 -10.23 8.05
C THR B 165 -14.09 -9.95 6.63
N GLY B 166 -13.41 -9.10 5.84
CA GLY B 166 -13.83 -8.87 4.44
C GLY B 166 -12.78 -9.30 3.43
N PHE B 167 -13.14 -9.26 2.12
CA PHE B 167 -12.18 -9.64 1.12
C PHE B 167 -12.29 -8.70 -0.07
N LEU B 168 -11.15 -8.33 -0.63
CA LEU B 168 -11.07 -7.81 -2.00
C LEU B 168 -10.73 -9.01 -2.84
N THR B 169 -11.59 -9.36 -3.80
CA THR B 169 -11.32 -10.50 -4.66
C THR B 169 -11.01 -10.01 -6.08
N ILE B 170 -9.90 -10.47 -6.65
CA ILE B 170 -9.58 -10.04 -8.03
C ILE B 170 -9.81 -11.19 -8.96
N GLY B 171 -10.59 -10.96 -10.01
CA GLY B 171 -10.57 -11.83 -11.19
C GLY B 171 -11.79 -12.70 -11.33
N GLY B 172 -12.63 -12.74 -10.33
CA GLY B 172 -13.88 -13.47 -10.46
C GLY B 172 -14.81 -13.23 -9.30
N ILE B 173 -16.05 -13.68 -9.48
CA ILE B 173 -17.13 -13.43 -8.56
C ILE B 173 -17.45 -14.69 -7.78
N GLU B 174 -17.40 -14.56 -6.45
CA GLU B 174 -17.70 -15.68 -5.55
C GLU B 174 -19.05 -15.58 -4.87
N GLU B 175 -19.78 -16.66 -5.02
CA GLU B 175 -21.10 -16.78 -4.53
C GLU B 175 -21.26 -16.66 -3.08
N ARG B 176 -20.23 -17.04 -2.37
CA ARG B 176 -20.28 -17.03 -0.92
C ARG B 176 -20.46 -15.62 -0.38
N PHE B 177 -20.22 -14.60 -1.20
CA PHE B 177 -20.24 -13.21 -0.65
C PHE B 177 -21.60 -12.52 -0.70
N TYR B 178 -22.56 -13.06 -1.43
CA TYR B 178 -23.80 -12.36 -1.58
C TYR B 178 -24.94 -13.31 -1.67
N GLU B 179 -26.13 -12.73 -1.57
CA GLU B 179 -27.38 -13.45 -1.76
C GLU B 179 -28.31 -12.64 -2.61
N GLY B 180 -29.23 -13.35 -3.28
CA GLY B 180 -30.20 -12.70 -4.10
C GLY B 180 -29.57 -12.32 -5.43
N PRO B 181 -30.29 -11.54 -6.22
CA PRO B 181 -29.75 -11.28 -7.55
C PRO B 181 -28.65 -10.22 -7.54
N LEU B 182 -27.72 -10.38 -8.45
CA LEU B 182 -26.69 -9.41 -8.68
C LEU B 182 -27.11 -8.54 -9.86
N THR B 183 -27.27 -7.24 -9.65
CA THR B 183 -27.75 -6.33 -10.71
C THR B 183 -26.59 -5.44 -11.12
N TYR B 184 -26.38 -5.32 -12.42
CA TYR B 184 -25.33 -4.47 -12.91
C TYR B 184 -25.84 -3.14 -13.44
N GLU B 185 -25.12 -2.07 -13.12
CA GLU B 185 -25.45 -0.72 -13.49
C GLU B 185 -24.28 -0.23 -14.31
N LYS B 186 -24.60 0.29 -15.47
CA LYS B 186 -23.56 0.70 -16.42
C LYS B 186 -22.95 2.02 -15.97
N LEU B 187 -21.64 2.15 -16.14
CA LEU B 187 -20.94 3.38 -15.83
C LEU B 187 -21.43 4.50 -16.74
N ASN B 188 -21.57 5.67 -16.17
CA ASN B 188 -21.86 6.86 -17.01
C ASN B 188 -20.56 7.55 -17.54
N HIS B 189 -19.39 7.23 -16.99
CA HIS B 189 -18.06 7.76 -17.40
C HIS B 189 -17.01 6.74 -16.87
N ASP B 190 -15.99 6.50 -17.64
CA ASP B 190 -14.93 5.58 -17.27
C ASP B 190 -13.90 6.43 -16.52
N LEU B 191 -14.23 6.80 -15.28
CA LEU B 191 -13.31 7.67 -14.52
C LEU B 191 -13.32 7.21 -13.08
N TYR B 192 -14.33 7.65 -12.33
CA TYR B 192 -14.71 6.97 -11.09
C TYR B 192 -15.58 5.77 -11.47
N TRP B 193 -15.92 4.96 -10.46
CA TRP B 193 -16.93 3.96 -10.63
C TRP B 193 -18.27 4.65 -10.39
N GLN B 194 -18.76 5.30 -11.44
CA GLN B 194 -19.89 6.23 -11.32
C GLN B 194 -21.04 5.85 -12.22
N ILE B 195 -22.20 5.75 -11.64
CA ILE B 195 -23.41 5.18 -12.23
C ILE B 195 -24.50 6.19 -11.99
N THR B 196 -25.58 6.08 -12.74
CA THR B 196 -26.73 7.02 -12.65
C THR B 196 -27.92 6.31 -11.99
N LEU B 197 -28.40 6.90 -10.89
CA LEU B 197 -29.51 6.30 -10.16
C LEU B 197 -30.43 7.44 -9.73
N ASP B 198 -31.69 7.13 -9.55
CA ASP B 198 -32.64 8.08 -8.92
C ASP B 198 -32.49 7.91 -7.42
N ALA B 199 -32.37 9.01 -6.73
CA ALA B 199 -32.18 9.01 -5.29
C ALA B 199 -33.40 9.59 -4.63
N HIS B 200 -33.89 8.92 -3.60
CA HIS B 200 -35.09 9.39 -2.84
C HIS B 200 -34.83 9.14 -1.34
N VAL B 201 -35.23 10.10 -0.50
CA VAL B 201 -35.29 9.90 0.95
C VAL B 201 -36.64 10.49 1.31
N GLY B 202 -37.60 9.66 1.69
CA GLY B 202 -39.00 10.17 1.82
C GLY B 202 -39.50 10.79 0.52
N ASN B 203 -39.95 12.04 0.60
CA ASN B 203 -40.46 12.80 -0.57
C ASN B 203 -39.37 13.58 -1.26
N ILE B 204 -38.15 13.55 -0.71
CA ILE B 204 -37.04 14.30 -1.31
C ILE B 204 -36.51 13.44 -2.40
N SER B 205 -36.34 14.05 -3.57
CA SER B 205 -36.00 13.32 -4.78
C SER B 205 -34.94 14.06 -5.62
N LEU B 206 -34.01 13.31 -6.18
CA LEU B 206 -33.06 13.78 -7.15
C LEU B 206 -32.98 12.71 -8.23
N GLU B 207 -33.66 12.94 -9.35
CA GLU B 207 -33.55 11.99 -10.45
C GLU B 207 -32.21 12.03 -11.20
N LYS B 208 -31.77 10.86 -11.65
CA LYS B 208 -30.58 10.77 -12.49
C LYS B 208 -29.39 11.37 -11.80
N ALA B 209 -29.26 11.04 -10.52
CA ALA B 209 -28.10 11.48 -9.77
C ALA B 209 -26.89 10.71 -10.18
N ASN B 210 -25.74 11.37 -10.16
CA ASN B 210 -24.48 10.68 -10.40
C ASN B 210 -24.04 10.09 -9.10
N CYS B 211 -23.85 8.77 -9.07
CA CYS B 211 -23.49 8.04 -7.83
C CYS B 211 -22.11 7.42 -8.02
N ILE B 212 -21.17 7.84 -7.19
CA ILE B 212 -19.81 7.37 -7.24
C ILE B 212 -19.63 6.33 -6.14
N VAL B 213 -19.18 5.13 -6.49
CA VAL B 213 -18.96 4.10 -5.49
C VAL B 213 -17.49 4.16 -5.07
N ASP B 214 -17.26 4.56 -3.79
CA ASP B 214 -15.97 4.91 -3.33
C ASP B 214 -15.64 4.19 -2.05
N SER B 215 -14.79 3.18 -2.14
CA SER B 215 -14.36 2.46 -0.96
C SER B 215 -13.38 3.26 -0.02
N GLY B 216 -12.80 4.34 -0.53
CA GLY B 216 -11.87 5.16 0.21
C GLY B 216 -12.49 6.27 1.02
N THR B 217 -13.82 6.29 1.14
CA THR B 217 -14.49 7.28 1.92
C THR B 217 -15.43 6.59 2.88
N SER B 218 -15.38 6.93 4.15
CA SER B 218 -16.24 6.26 5.10
C SER B 218 -17.59 6.97 5.35
N ALA B 219 -18.07 7.72 4.40
CA ALA B 219 -19.32 8.45 4.53
C ALA B 219 -20.16 8.23 3.28
N ILE B 220 -21.43 8.57 3.36
CA ILE B 220 -22.26 8.93 2.23
C ILE B 220 -22.25 10.46 2.04
N THR B 221 -21.97 10.93 0.83
CA THR B 221 -22.08 12.36 0.59
C THR B 221 -23.29 12.62 -0.25
N VAL B 222 -23.88 13.77 0.03
CA VAL B 222 -25.20 14.12 -0.45
C VAL B 222 -25.18 15.62 -0.86
N PRO B 223 -25.86 16.02 -1.95
CA PRO B 223 -25.92 17.47 -2.28
C PRO B 223 -26.40 18.25 -1.05
N THR B 224 -25.91 19.46 -0.86
CA THR B 224 -26.18 20.15 0.37
C THR B 224 -27.68 20.51 0.58
N ASP B 225 -28.39 20.85 -0.51
CA ASP B 225 -29.84 21.12 -0.36
C ASP B 225 -30.62 19.86 0.00
N PHE B 226 -30.22 18.75 -0.63
CA PHE B 226 -30.88 17.47 -0.37
C PHE B 226 -30.67 17.14 1.12
N LEU B 227 -29.45 17.32 1.60
CA LEU B 227 -29.12 17.05 3.01
C LEU B 227 -29.90 17.94 4.02
N ASN B 228 -29.98 19.21 3.68
CA ASN B 228 -30.74 20.17 4.48
C ASN B 228 -32.18 19.73 4.63
N LYS B 229 -32.77 19.32 3.53
CA LYS B 229 -34.14 18.85 3.58
C LYS B 229 -34.30 17.53 4.37
N MET B 230 -33.36 16.59 4.16
CA MET B 230 -33.54 15.30 4.76
C MET B 230 -33.27 15.31 6.27
N LEU B 231 -32.58 16.31 6.76
CA LEU B 231 -32.23 16.38 8.17
C LEU B 231 -33.26 17.15 9.01
N GLN B 232 -34.20 17.84 8.37
CA GLN B 232 -35.28 18.60 9.05
C GLN B 232 -36.13 17.64 9.95
N ASN B 233 -36.34 18.03 11.21
CA ASN B 233 -37.34 17.41 12.06
C ASN B 233 -36.91 16.02 12.49
N LEU B 234 -35.59 15.73 12.67
CA LEU B 234 -35.17 14.32 12.96
C LEU B 234 -34.60 14.12 14.34
N ASP B 235 -34.45 15.23 15.09
CA ASP B 235 -33.76 15.20 16.41
C ASP B 235 -32.28 14.76 16.17
N VAL B 236 -31.70 15.38 15.15
CA VAL B 236 -30.27 15.25 14.86
C VAL B 236 -29.70 16.59 15.22
N ILE B 237 -28.55 16.60 15.90
CA ILE B 237 -27.88 17.81 16.39
C ILE B 237 -26.61 17.96 15.57
N LYS B 238 -26.34 19.17 15.10
CA LYS B 238 -25.07 19.44 14.42
C LYS B 238 -23.99 19.70 15.47
N VAL B 239 -22.85 19.03 15.31
CA VAL B 239 -21.71 19.18 16.22
C VAL B 239 -21.17 20.58 15.97
N PRO B 240 -21.18 21.44 17.00
CA PRO B 240 -20.85 22.85 16.74
C PRO B 240 -19.42 23.01 16.22
N PHE B 241 -19.24 23.94 15.28
CA PHE B 241 -17.94 24.16 14.59
C PHE B 241 -17.44 22.96 13.76
N LEU B 242 -18.32 22.00 13.48
CA LEU B 242 -18.00 20.83 12.65
C LEU B 242 -19.15 20.55 11.68
N PRO B 243 -18.82 20.02 10.49
CA PRO B 243 -19.80 19.58 9.51
C PRO B 243 -20.37 18.16 9.78
N PHE B 244 -20.56 17.80 11.06
CA PHE B 244 -21.03 16.47 11.44
C PHE B 244 -22.27 16.55 12.28
N TYR B 245 -22.99 15.42 12.35
CA TYR B 245 -24.30 15.41 12.92
C TYR B 245 -24.34 14.23 13.85
N VAL B 246 -24.94 14.43 15.01
CA VAL B 246 -25.05 13.34 15.95
C VAL B 246 -26.46 13.14 16.36
N THR B 247 -26.72 11.94 16.84
CA THR B 247 -28.05 11.59 17.25
C THR B 247 -27.90 10.50 18.31
N LEU B 248 -28.99 10.23 19.04
CA LEU B 248 -29.05 8.99 19.84
C LEU B 248 -29.04 7.81 18.89
N CYS B 249 -28.28 6.78 19.22
CA CYS B 249 -28.19 5.57 18.39
C CYS B 249 -29.52 4.84 18.15
N ASN B 250 -30.42 4.95 19.09
CA ASN B 250 -31.76 4.36 18.99
C ASN B 250 -32.83 5.30 18.35
N ASN B 251 -32.40 6.43 17.80
CA ASN B 251 -33.35 7.36 17.22
C ASN B 251 -34.17 6.73 16.10
N SER B 252 -35.44 6.48 16.37
CA SER B 252 -36.28 5.77 15.44
C SER B 252 -36.81 6.61 14.26
N LYS B 253 -36.46 7.89 14.18
CA LYS B 253 -36.93 8.79 13.09
C LYS B 253 -35.99 8.83 11.84
N LEU B 254 -34.88 8.13 11.95
CA LEU B 254 -33.84 8.29 10.94
C LEU B 254 -34.36 7.69 9.64
N PRO B 255 -34.17 8.38 8.51
CA PRO B 255 -34.73 7.85 7.20
C PRO B 255 -33.83 6.81 6.50
N THR B 256 -34.44 6.13 5.54
CA THR B 256 -33.77 5.16 4.66
C THR B 256 -33.52 5.78 3.27
N PHE B 257 -32.26 5.71 2.84
CA PHE B 257 -31.93 6.13 1.44
C PHE B 257 -32.49 5.10 0.47
N GLU B 258 -33.05 5.55 -0.65
CA GLU B 258 -33.51 4.67 -1.72
C GLU B 258 -32.84 5.11 -3.00
N PHE B 259 -32.18 4.17 -3.69
CA PHE B 259 -31.55 4.47 -4.95
C PHE B 259 -32.13 3.49 -5.91
N THR B 260 -32.63 3.98 -7.07
CA THR B 260 -33.31 3.09 -8.03
C THR B 260 -32.75 3.26 -9.45
N SER B 261 -32.69 2.15 -10.17
CA SER B 261 -32.48 2.17 -11.60
C SER B 261 -33.67 1.49 -12.20
N GLU B 262 -33.63 1.31 -13.52
CA GLU B 262 -34.66 0.52 -14.19
C GLU B 262 -34.61 -0.96 -13.78
N ASN B 263 -33.45 -1.46 -13.34
CA ASN B 263 -33.26 -2.87 -13.04
C ASN B 263 -33.21 -3.24 -11.54
N GLY B 264 -32.87 -2.30 -10.70
CA GLY B 264 -32.65 -2.58 -9.29
C GLY B 264 -33.17 -1.50 -8.39
N LYS B 265 -33.33 -1.88 -7.13
CA LYS B 265 -33.67 -0.96 -6.05
C LYS B 265 -32.77 -1.26 -4.85
N TYR B 266 -32.10 -0.23 -4.40
CA TYR B 266 -31.02 -0.36 -3.40
C TYR B 266 -31.51 0.57 -2.28
N THR B 267 -31.43 0.12 -1.04
CA THR B 267 -31.91 0.92 0.10
C THR B 267 -30.77 0.92 1.16
N LEU B 268 -30.67 1.98 1.92
CA LEU B 268 -29.67 2.09 2.96
C LEU B 268 -30.28 2.64 4.25
N GLU B 269 -30.51 1.70 5.14
CA GLU B 269 -31.17 1.90 6.45
C GLU B 269 -30.18 2.53 7.44
N PRO B 270 -30.68 3.22 8.48
CA PRO B 270 -29.83 3.89 9.48
C PRO B 270 -28.74 3.02 10.13
N GLU B 271 -29.01 1.74 10.33
CA GLU B 271 -27.95 0.88 10.89
C GLU B 271 -26.63 0.89 10.09
N TYR B 272 -26.69 1.11 8.76
CA TYR B 272 -25.46 1.20 7.99
C TYR B 272 -24.71 2.52 8.00
N TYR B 273 -25.39 3.62 8.30
CA TYR B 273 -24.78 4.92 8.27
C TYR B 273 -24.50 5.57 9.66
N LEU B 274 -24.85 4.86 10.72
CA LEU B 274 -24.56 5.31 12.10
C LEU B 274 -23.24 4.74 12.61
N GLN B 275 -22.49 5.55 13.32
CA GLN B 275 -21.21 5.15 13.92
C GLN B 275 -21.32 5.42 15.42
N HIS B 276 -21.18 4.41 16.28
CA HIS B 276 -21.33 4.67 17.73
C HIS B 276 -20.16 5.52 18.16
N ILE B 277 -20.42 6.50 18.98
CA ILE B 277 -19.35 7.33 19.49
C ILE B 277 -19.52 7.32 21.04
N GLU B 278 -19.51 6.11 21.58
CA GLU B 278 -19.76 5.88 23.00
C GLU B 278 -18.65 6.51 23.84
N ASP B 279 -17.43 6.55 23.29
CA ASP B 279 -16.33 7.40 23.79
C ASP B 279 -16.78 8.82 24.02
N VAL B 280 -17.47 9.42 23.04
CA VAL B 280 -17.98 10.80 23.17
C VAL B 280 -19.15 10.86 24.16
N GLY B 281 -20.12 9.98 23.97
CA GLY B 281 -21.24 9.92 24.90
C GLY B 281 -21.99 8.63 24.87
N PRO B 282 -22.63 8.29 25.98
CA PRO B 282 -23.26 6.99 25.97
C PRO B 282 -24.63 7.02 25.24
N GLY B 283 -24.85 6.07 24.33
CA GLY B 283 -26.08 6.02 23.54
C GLY B 283 -26.06 6.97 22.34
N LEU B 284 -24.88 7.52 22.01
CA LEU B 284 -24.72 8.53 20.97
C LEU B 284 -24.01 8.00 19.73
N CYS B 285 -24.46 8.53 18.57
CA CYS B 285 -24.03 8.10 17.25
C CYS B 285 -23.72 9.30 16.38
N MET B 286 -22.76 9.15 15.46
CA MET B 286 -22.50 10.13 14.44
C MET B 286 -23.18 9.58 13.18
N LEU B 287 -23.82 10.45 12.40
CA LEU B 287 -24.23 10.07 11.03
C LEU B 287 -23.04 10.13 10.08
N ASN B 288 -22.75 9.05 9.36
CA ASN B 288 -21.62 8.98 8.44
C ASN B 288 -22.16 9.56 7.09
N ILE B 289 -22.60 10.80 7.13
CA ILE B 289 -23.29 11.53 5.97
C ILE B 289 -22.78 12.98 5.98
N ILE B 290 -22.30 13.45 4.83
CA ILE B 290 -21.70 14.76 4.64
C ILE B 290 -22.37 15.45 3.42
N GLY B 291 -22.52 16.77 3.50
CA GLY B 291 -23.04 17.55 2.38
C GLY B 291 -21.92 18.02 1.47
N LEU B 292 -22.06 17.82 0.14
CA LEU B 292 -21.09 18.25 -0.80
C LEU B 292 -21.75 18.53 -2.16
N ASP B 293 -21.48 19.68 -2.76
CA ASP B 293 -22.04 20.06 -4.04
C ASP B 293 -20.98 20.02 -5.16
N PHE B 294 -21.34 19.39 -6.24
CA PHE B 294 -20.51 19.39 -7.46
C PHE B 294 -21.33 19.93 -8.61
N PRO B 295 -20.69 20.19 -9.76
CA PRO B 295 -21.42 20.65 -10.93
C PRO B 295 -22.45 19.67 -11.50
N VAL B 296 -22.15 18.37 -11.44
CA VAL B 296 -23.08 17.34 -11.67
C VAL B 296 -23.51 16.87 -10.25
N PRO B 297 -24.76 17.07 -9.86
CA PRO B 297 -25.31 16.67 -8.55
C PRO B 297 -24.98 15.19 -8.32
N THR B 298 -24.33 14.92 -7.21
CA THR B 298 -23.62 13.66 -7.04
C THR B 298 -23.89 13.13 -5.64
N PHE B 299 -24.03 11.79 -5.51
CA PHE B 299 -23.95 11.12 -4.23
C PHE B 299 -22.65 10.31 -4.21
N ILE B 300 -21.86 10.43 -3.16
CA ILE B 300 -20.78 9.49 -2.97
C ILE B 300 -21.21 8.33 -2.06
N LEU B 301 -21.25 7.15 -2.66
CA LEU B 301 -21.68 5.94 -1.99
C LEU B 301 -20.42 5.31 -1.45
N GLY B 302 -20.06 5.73 -0.25
CA GLY B 302 -18.86 5.27 0.42
C GLY B 302 -19.07 3.97 1.15
N ASP B 303 -18.20 3.73 2.09
CA ASP B 303 -18.25 2.52 2.89
C ASP B 303 -19.56 2.14 3.48
N PRO B 304 -20.40 3.08 3.94
CA PRO B 304 -21.67 2.66 4.47
C PRO B 304 -22.55 1.83 3.52
N PHE B 305 -22.51 2.18 2.24
CA PHE B 305 -23.31 1.51 1.22
C PHE B 305 -22.70 0.17 0.93
N MET B 306 -21.37 0.14 0.81
CA MET B 306 -20.64 -1.11 0.51
C MET B 306 -20.67 -2.10 1.69
N ARG B 307 -20.95 -1.61 2.91
CA ARG B 307 -21.11 -2.56 4.04
C ARG B 307 -22.38 -3.36 3.90
N LYS B 308 -23.43 -2.81 3.27
CA LYS B 308 -24.63 -3.56 3.00
C LYS B 308 -24.57 -4.42 1.76
N TYR B 309 -24.03 -3.83 0.70
CA TYR B 309 -24.04 -4.45 -0.65
C TYR B 309 -22.64 -4.87 -1.02
N PHE B 310 -22.53 -6.13 -1.39
CA PHE B 310 -21.40 -6.65 -2.13
C PHE B 310 -21.36 -5.94 -3.49
N THR B 311 -20.20 -5.60 -3.91
CA THR B 311 -20.01 -4.85 -5.11
C THR B 311 -19.01 -5.45 -6.04
N VAL B 312 -19.29 -5.39 -7.35
CA VAL B 312 -18.44 -5.95 -8.38
C VAL B 312 -18.09 -4.84 -9.36
N PHE B 313 -16.83 -4.70 -9.67
CA PHE B 313 -16.29 -3.58 -10.39
C PHE B 313 -15.70 -4.20 -11.64
N ASP B 314 -16.39 -4.08 -12.77
CA ASP B 314 -16.02 -4.81 -14.01
C ASP B 314 -15.50 -3.87 -15.08
N TYR B 315 -14.19 -3.91 -15.34
CA TYR B 315 -13.61 -3.05 -16.33
C TYR B 315 -14.03 -3.52 -17.73
N ASP B 316 -14.13 -4.82 -17.94
CA ASP B 316 -14.46 -5.38 -19.25
C ASP B 316 -15.83 -4.91 -19.74
N ASN B 317 -16.80 -4.96 -18.84
CA ASN B 317 -18.19 -4.57 -19.14
C ASN B 317 -18.60 -3.14 -18.71
N HIS B 318 -17.67 -2.37 -18.21
CA HIS B 318 -17.90 -1.00 -17.83
C HIS B 318 -19.09 -0.86 -16.90
N SER B 319 -19.05 -1.61 -15.82
CA SER B 319 -20.22 -1.68 -14.99
C SER B 319 -19.91 -1.98 -13.52
N VAL B 320 -20.87 -1.64 -12.68
CA VAL B 320 -20.86 -1.99 -11.22
C VAL B 320 -22.02 -2.91 -10.92
N GLY B 321 -21.71 -4.07 -10.32
CA GLY B 321 -22.63 -5.08 -9.98
C GLY B 321 -22.94 -4.97 -8.51
N ILE B 322 -24.22 -5.08 -8.17
CA ILE B 322 -24.67 -4.79 -6.81
C ILE B 322 -25.51 -5.95 -6.33
N ALA B 323 -25.17 -6.51 -5.16
CA ALA B 323 -26.01 -7.52 -4.51
C ALA B 323 -25.95 -7.38 -2.99
N LEU B 324 -27.00 -7.79 -2.32
CA LEU B 324 -26.98 -7.87 -0.87
C LEU B 324 -25.80 -8.73 -0.35
N ALA B 325 -24.91 -8.17 0.47
CA ALA B 325 -23.79 -8.89 1.08
C ALA B 325 -24.33 -9.99 2.01
N LYS B 326 -23.73 -11.16 1.95
CA LYS B 326 -24.07 -12.21 2.98
C LYS B 326 -23.74 -11.75 4.37
N LYS B 327 -24.63 -11.96 5.33
CA LYS B 327 -24.35 -11.40 6.69
C LYS B 327 -23.16 -12.06 7.38
N ASN B 328 -22.92 -13.34 7.11
CA ASN B 328 -21.66 -13.98 7.56
C ASN B 328 -21.06 -14.93 6.52
N LEU B 329 -19.75 -15.15 6.59
CA LEU B 329 -19.13 -16.19 5.74
C LEU B 329 -19.31 -17.65 6.21
N SER C 2 -22.81 49.43 -29.04
CA SER C 2 -21.37 49.39 -28.63
C SER C 2 -20.99 48.06 -27.93
N ASN C 3 -19.79 48.02 -27.34
CA ASN C 3 -19.44 46.99 -26.36
C ASN C 3 -19.48 47.57 -24.93
N ASP C 4 -19.62 46.66 -23.98
CA ASP C 4 -19.71 46.99 -22.59
C ASP C 4 -18.32 46.87 -21.99
N ASN C 5 -17.76 47.97 -21.51
CA ASN C 5 -16.46 47.97 -20.89
C ASN C 5 -16.62 48.09 -19.38
N ILE C 6 -15.89 47.26 -18.64
CA ILE C 6 -15.79 47.30 -17.21
C ILE C 6 -14.35 47.49 -16.82
N GLU C 7 -14.07 48.53 -16.02
CA GLU C 7 -12.73 48.83 -15.60
C GLU C 7 -12.23 47.87 -14.57
N LEU C 8 -10.97 47.50 -14.70
CA LEU C 8 -10.28 46.63 -13.78
C LEU C 8 -9.17 47.39 -13.06
N VAL C 9 -9.15 47.28 -11.73
CA VAL C 9 -8.21 47.98 -10.88
C VAL C 9 -7.27 46.97 -10.26
N ASP C 10 -5.96 47.23 -10.37
CA ASP C 10 -4.93 46.41 -9.77
C ASP C 10 -4.90 46.59 -8.24
N PHE C 11 -4.65 45.53 -7.49
CA PHE C 11 -4.59 45.69 -6.04
C PHE C 11 -3.22 45.37 -5.53
N GLN C 12 -2.53 46.38 -5.00
CA GLN C 12 -1.13 46.30 -4.56
C GLN C 12 -0.35 45.14 -5.22
N ASN C 13 -0.41 45.04 -6.55
CA ASN C 13 0.31 44.02 -7.35
C ASN C 13 -0.28 42.59 -7.36
N ILE C 14 -0.98 42.23 -6.28
CA ILE C 14 -1.42 40.83 -6.00
C ILE C 14 -2.56 40.32 -6.91
N MET C 15 -3.60 41.15 -7.11
CA MET C 15 -4.78 40.77 -7.91
C MET C 15 -5.43 42.00 -8.57
N PHE C 16 -6.35 41.78 -9.51
CA PHE C 16 -7.18 42.84 -10.05
C PHE C 16 -8.66 42.59 -9.77
N TYR C 17 -9.44 43.65 -9.70
CA TYR C 17 -10.87 43.59 -9.38
C TYR C 17 -11.67 44.46 -10.34
N GLY C 18 -12.96 44.14 -10.47
CA GLY C 18 -13.91 44.90 -11.20
C GLY C 18 -15.20 45.02 -10.43
N ASP C 19 -15.95 46.08 -10.71
CA ASP C 19 -17.21 46.33 -9.99
C ASP C 19 -18.39 45.96 -10.81
N ALA C 20 -19.41 45.40 -10.17
CA ALA C 20 -20.69 45.16 -10.75
C ALA C 20 -21.80 45.30 -9.67
N GLU C 21 -23.01 45.28 -10.12
CA GLU C 21 -24.17 45.54 -9.30
C GLU C 21 -25.19 44.44 -9.31
N VAL C 22 -25.85 44.29 -8.16
CA VAL C 22 -26.94 43.40 -8.02
C VAL C 22 -28.15 44.08 -7.42
N GLY C 23 -29.31 43.76 -7.99
CA GLY C 23 -30.56 44.35 -7.52
C GLY C 23 -30.99 45.48 -8.40
N ASP C 24 -32.29 45.79 -8.37
CA ASP C 24 -32.77 46.81 -9.32
C ASP C 24 -32.45 48.17 -8.75
N ASN C 25 -32.04 48.24 -7.47
CA ASN C 25 -31.42 49.46 -6.91
C ASN C 25 -29.86 49.54 -7.05
N GLN C 26 -29.29 48.65 -7.86
CA GLN C 26 -27.88 48.63 -8.19
C GLN C 26 -26.99 48.67 -6.98
N GLN C 27 -27.09 47.63 -6.13
CA GLN C 27 -26.21 47.52 -4.97
C GLN C 27 -24.84 47.17 -5.50
N PRO C 28 -23.79 47.92 -5.13
CA PRO C 28 -22.45 47.78 -5.70
C PRO C 28 -21.55 46.82 -4.95
N PHE C 29 -20.73 46.07 -5.72
CA PHE C 29 -19.84 45.06 -5.19
C PHE C 29 -18.58 45.04 -6.02
N THR C 30 -17.51 44.65 -5.38
CA THR C 30 -16.23 44.41 -5.98
C THR C 30 -16.07 42.93 -6.14
N PHE C 31 -15.68 42.53 -7.33
CA PHE C 31 -15.57 41.10 -7.71
C PHE C 31 -14.20 40.70 -8.14
N ILE C 32 -13.83 39.49 -7.81
CA ILE C 32 -12.82 38.82 -8.63
C ILE C 32 -13.53 38.34 -9.90
N LEU C 33 -12.98 38.64 -11.06
CA LEU C 33 -13.61 38.28 -12.36
C LEU C 33 -12.82 37.07 -12.84
N ASP C 34 -13.42 35.84 -12.75
CA ASP C 34 -12.67 34.59 -12.71
C ASP C 34 -13.03 33.63 -13.85
N THR C 35 -12.20 33.63 -14.87
CA THR C 35 -12.42 32.68 -15.99
C THR C 35 -12.30 31.19 -15.54
N GLY C 36 -11.75 30.98 -14.31
CA GLY C 36 -11.56 29.68 -13.72
C GLY C 36 -12.72 29.14 -12.91
N SER C 37 -13.85 29.87 -12.89
CA SER C 37 -15.07 29.36 -12.25
C SER C 37 -16.28 29.85 -12.98
N ALA C 38 -17.44 29.45 -12.52
CA ALA C 38 -18.67 29.65 -13.26
C ALA C 38 -19.89 29.98 -12.41
N ASN C 39 -19.67 30.55 -11.23
CA ASN C 39 -20.79 31.00 -10.49
C ASN C 39 -20.58 32.46 -10.05
N LEU C 40 -21.68 33.17 -9.86
CA LEU C 40 -21.64 34.50 -9.25
C LEU C 40 -22.10 34.41 -7.75
N TRP C 41 -21.36 34.96 -6.82
CA TRP C 41 -21.90 35.04 -5.45
C TRP C 41 -21.57 36.38 -4.84
N VAL C 42 -22.44 36.81 -3.94
CA VAL C 42 -22.22 38.02 -3.12
C VAL C 42 -22.63 37.70 -1.69
N PRO C 43 -21.93 38.35 -0.69
CA PRO C 43 -22.26 38.18 0.74
C PRO C 43 -23.58 38.89 1.06
N SER C 44 -24.39 38.22 1.80
CA SER C 44 -25.76 38.65 2.12
C SER C 44 -25.76 39.52 3.39
N VAL C 45 -26.73 40.41 3.52
CA VAL C 45 -26.95 41.10 4.82
C VAL C 45 -27.25 40.13 5.92
N LYS C 46 -27.66 38.94 5.56
CA LYS C 46 -27.90 37.87 6.52
C LYS C 46 -26.62 37.27 7.10
N CYS C 47 -25.51 37.58 6.48
CA CYS C 47 -24.20 37.15 6.94
C CYS C 47 -23.69 38.03 8.09
N THR C 48 -23.45 37.39 9.24
CA THR C 48 -22.98 38.12 10.46
C THR C 48 -21.56 37.74 10.90
N THR C 49 -20.82 37.01 10.05
CA THR C 49 -19.40 36.73 10.33
C THR C 49 -18.58 38.03 10.38
N ALA C 50 -17.49 37.96 11.14
CA ALA C 50 -16.49 39.01 11.17
C ALA C 50 -16.14 39.49 9.76
N GLY C 51 -15.96 38.57 8.81
CA GLY C 51 -15.57 38.92 7.42
C GLY C 51 -16.59 39.80 6.75
N CYS C 52 -17.84 39.35 6.85
CA CYS C 52 -18.96 40.02 6.22
C CYS C 52 -19.12 41.43 6.69
N LEU C 53 -18.78 41.67 7.96
CA LEU C 53 -18.87 42.97 8.53
C LEU C 53 -17.96 43.99 7.87
N THR C 54 -16.96 43.48 7.14
CA THR C 54 -16.05 44.33 6.40
C THR C 54 -16.43 44.54 4.90
N LYS C 55 -17.52 43.92 4.43
CA LYS C 55 -17.87 43.85 3.00
C LYS C 55 -19.06 44.67 2.60
N HIS C 56 -19.24 44.95 1.30
CA HIS C 56 -20.57 45.39 0.79
C HIS C 56 -21.48 44.18 0.77
N LEU C 57 -22.68 44.34 1.31
CA LEU C 57 -23.61 43.23 1.52
C LEU C 57 -24.82 43.40 0.67
N TYR C 58 -25.36 42.30 0.17
CA TYR C 58 -26.59 42.31 -0.61
C TYR C 58 -27.82 42.21 0.25
N ASP C 59 -28.79 43.11 0.01
CA ASP C 59 -30.05 43.14 0.75
C ASP C 59 -31.20 42.99 -0.29
N SER C 60 -31.70 41.78 -0.37
CA SER C 60 -32.72 41.41 -1.32
C SER C 60 -34.03 42.23 -1.06
N SER C 61 -34.28 42.57 0.18
CA SER C 61 -35.50 43.30 0.60
C SER C 61 -35.51 44.72 -0.02
N LYS C 62 -34.34 45.25 -0.41
CA LYS C 62 -34.28 46.55 -1.08
C LYS C 62 -34.40 46.53 -2.61
N SER C 63 -34.51 45.33 -3.18
CA SER C 63 -34.57 45.17 -4.60
C SER C 63 -35.94 44.67 -4.99
N ARG C 64 -36.64 45.44 -5.83
CA ARG C 64 -37.95 45.07 -6.30
C ARG C 64 -37.96 43.93 -7.29
N THR C 65 -36.81 43.60 -7.85
CA THR C 65 -36.70 42.56 -8.89
C THR C 65 -36.16 41.23 -8.33
N TYR C 66 -36.01 41.17 -7.03
CA TYR C 66 -35.60 39.88 -6.40
C TYR C 66 -36.64 38.80 -6.55
N GLU C 67 -36.19 37.60 -6.90
CA GLU C 67 -37.06 36.46 -6.93
C GLU C 67 -36.40 35.39 -6.06
N LYS C 68 -37.14 34.92 -5.10
CA LYS C 68 -36.66 33.94 -4.17
C LYS C 68 -36.37 32.62 -4.85
N ASP C 69 -35.37 31.88 -4.37
CA ASP C 69 -35.08 30.53 -4.87
C ASP C 69 -34.89 29.72 -3.60
N GLY C 70 -33.78 29.88 -2.90
CA GLY C 70 -33.64 29.31 -1.56
C GLY C 70 -32.86 28.00 -1.50
N THR C 71 -32.55 27.38 -2.65
CA THR C 71 -31.79 26.09 -2.74
C THR C 71 -30.46 26.31 -2.04
N LYS C 72 -30.14 25.41 -1.11
CA LYS C 72 -28.86 25.53 -0.40
C LYS C 72 -27.72 25.15 -1.29
N VAL C 73 -26.60 25.80 -1.12
CA VAL C 73 -25.45 25.51 -1.93
C VAL C 73 -24.15 25.89 -1.20
N GLU C 74 -23.08 25.07 -1.39
CA GLU C 74 -21.74 25.37 -0.83
C GLU C 74 -20.76 25.39 -2.00
N MET C 75 -19.99 26.46 -2.15
CA MET C 75 -18.93 26.57 -3.17
C MET C 75 -17.59 26.26 -2.53
N ASN C 76 -16.78 25.44 -3.16
CA ASN C 76 -15.48 25.05 -2.61
C ASN C 76 -14.39 25.55 -3.51
N TYR C 77 -13.44 26.27 -2.96
CA TYR C 77 -12.31 26.73 -3.73
C TYR C 77 -11.05 26.18 -2.98
N VAL C 78 -9.86 26.28 -3.57
CA VAL C 78 -8.66 25.80 -2.88
C VAL C 78 -8.49 26.59 -1.60
N SER C 79 -8.86 27.87 -1.62
CA SER C 79 -8.70 28.75 -0.46
C SER C 79 -9.79 28.58 0.61
N GLY C 80 -10.78 27.74 0.32
CA GLY C 80 -11.85 27.52 1.24
C GLY C 80 -13.24 27.47 0.59
N THR C 81 -14.20 27.54 1.49
CA THR C 81 -15.59 27.27 1.21
C THR C 81 -16.43 28.44 1.64
N VAL C 82 -17.49 28.74 0.85
CA VAL C 82 -18.54 29.68 1.29
C VAL C 82 -19.85 28.92 1.08
N SER C 83 -20.85 29.24 1.87
CA SER C 83 -22.13 28.63 1.69
C SER C 83 -23.25 29.62 1.85
N GLY C 84 -24.36 29.28 1.22
CA GLY C 84 -25.55 30.13 1.25
C GLY C 84 -26.64 29.47 0.43
N PHE C 85 -27.39 30.27 -0.32
CA PHE C 85 -28.49 29.78 -1.09
C PHE C 85 -28.65 30.57 -2.36
N PHE C 86 -29.32 29.98 -3.34
CA PHE C 86 -29.56 30.64 -4.54
C PHE C 86 -30.68 31.68 -4.42
N SER C 87 -30.49 32.74 -5.18
CA SER C 87 -31.44 33.85 -5.39
C SER C 87 -31.38 34.29 -6.85
N LYS C 88 -32.37 35.06 -7.27
CA LYS C 88 -32.35 35.61 -8.62
C LYS C 88 -32.68 37.09 -8.52
N ASP C 89 -31.97 37.90 -9.28
CA ASP C 89 -32.18 39.34 -9.24
C ASP C 89 -31.50 39.89 -10.48
N LEU C 90 -31.68 41.19 -10.69
CA LEU C 90 -30.95 41.86 -11.76
C LEU C 90 -29.48 41.98 -11.43
N VAL C 91 -28.67 41.62 -12.39
CA VAL C 91 -27.28 41.80 -12.31
C VAL C 91 -26.86 42.74 -13.44
N THR C 92 -26.12 43.77 -13.04
CA THR C 92 -25.64 44.83 -13.93
C THR C 92 -24.16 44.72 -14.08
N VAL C 93 -23.73 44.50 -15.30
CA VAL C 93 -22.33 44.49 -15.59
C VAL C 93 -22.04 45.64 -16.61
N GLY C 94 -21.30 46.66 -16.19
CA GLY C 94 -21.09 47.89 -16.99
C GLY C 94 -22.43 48.50 -17.33
N ASN C 95 -22.76 48.59 -18.63
CA ASN C 95 -24.01 49.20 -19.05
C ASN C 95 -25.07 48.21 -19.46
N LEU C 96 -24.89 46.92 -19.14
CA LEU C 96 -25.87 45.95 -19.49
C LEU C 96 -26.38 45.27 -18.19
N SER C 97 -27.58 44.77 -18.27
CA SER C 97 -28.22 44.11 -17.11
C SER C 97 -29.09 42.96 -17.56
N LEU C 98 -29.26 41.97 -16.68
CA LEU C 98 -30.13 40.89 -16.98
C LEU C 98 -30.53 40.22 -15.64
N PRO C 99 -31.69 39.58 -15.64
CA PRO C 99 -32.09 38.70 -14.52
C PRO C 99 -31.16 37.52 -14.51
N TYR C 100 -30.67 37.18 -13.34
CA TYR C 100 -29.59 36.17 -13.28
C TYR C 100 -29.59 35.46 -11.92
N LYS C 101 -29.31 34.15 -11.95
CA LYS C 101 -29.26 33.34 -10.71
C LYS C 101 -27.89 33.40 -10.13
N PHE C 102 -27.81 33.64 -8.83
CA PHE C 102 -26.54 33.79 -8.18
C PHE C 102 -26.65 33.22 -6.77
N ILE C 103 -25.57 33.16 -6.03
CA ILE C 103 -25.63 32.66 -4.66
C ILE C 103 -25.48 33.82 -3.68
N GLU C 104 -26.35 33.84 -2.68
CA GLU C 104 -26.31 34.73 -1.59
C GLU C 104 -25.53 34.01 -0.48
N VAL C 105 -24.36 34.49 -0.07
CA VAL C 105 -23.50 33.81 0.89
C VAL C 105 -23.84 34.25 2.34
N ILE C 106 -24.12 33.26 3.19
CA ILE C 106 -24.45 33.44 4.61
C ILE C 106 -23.31 32.99 5.53
N ASP C 107 -22.44 32.13 5.04
CA ASP C 107 -21.30 31.69 5.87
C ASP C 107 -20.02 31.76 5.11
N THR C 108 -19.05 32.44 5.70
CA THR C 108 -17.77 32.70 5.09
C THR C 108 -16.66 32.22 5.98
N ASN C 109 -16.99 31.50 7.05
CA ASN C 109 -15.95 31.29 8.05
C ASN C 109 -14.98 30.25 7.55
N GLY C 110 -15.42 29.30 6.70
CA GLY C 110 -14.49 28.41 5.99
C GLY C 110 -13.68 28.99 4.84
N PHE C 111 -13.69 30.32 4.68
CA PHE C 111 -12.98 31.03 3.64
C PHE C 111 -12.00 32.03 4.25
N GLU C 112 -11.74 31.89 5.55
CA GLU C 112 -10.82 32.79 6.29
C GLU C 112 -9.46 32.11 6.59
N PRO C 113 -8.40 32.92 6.72
CA PRO C 113 -8.37 34.37 6.75
C PRO C 113 -8.39 35.09 5.39
N THR C 114 -8.34 34.33 4.30
CA THR C 114 -8.33 34.95 2.96
C THR C 114 -9.35 36.05 2.68
N TYR C 115 -10.60 35.74 2.95
CA TYR C 115 -11.70 36.65 2.60
C TYR C 115 -11.54 38.09 3.21
N THR C 116 -11.36 38.13 4.52
CA THR C 116 -11.24 39.40 5.25
C THR C 116 -9.94 40.14 4.86
N ALA C 117 -8.88 39.36 4.69
CA ALA C 117 -7.62 39.89 4.19
C ALA C 117 -7.67 40.43 2.74
N SER C 118 -8.74 40.19 1.96
CA SER C 118 -8.80 40.73 0.59
C SER C 118 -9.88 41.82 0.40
N THR C 119 -9.79 42.61 -0.66
CA THR C 119 -10.68 43.73 -0.85
C THR C 119 -11.88 43.39 -1.76
N PHE C 120 -12.07 42.12 -2.12
CA PHE C 120 -13.25 41.81 -2.95
C PHE C 120 -14.40 41.42 -2.05
N ASP C 121 -15.62 41.62 -2.55
CA ASP C 121 -16.84 41.19 -1.88
C ASP C 121 -17.30 39.78 -2.34
N GLY C 122 -17.24 39.51 -3.63
CA GLY C 122 -17.64 38.20 -4.16
C GLY C 122 -16.85 37.85 -5.40
N ILE C 123 -17.28 36.76 -6.08
CA ILE C 123 -16.64 36.28 -7.26
C ILE C 123 -17.68 36.17 -8.35
N LEU C 124 -17.28 36.55 -9.57
CA LEU C 124 -18.09 36.50 -10.73
C LEU C 124 -17.33 35.58 -11.68
N GLY C 125 -17.87 34.38 -11.83
CA GLY C 125 -17.23 33.41 -12.65
C GLY C 125 -17.60 33.70 -14.12
N LEU C 126 -16.70 33.33 -15.01
CA LEU C 126 -16.80 33.56 -16.44
C LEU C 126 -16.41 32.28 -17.22
N GLY C 127 -16.51 31.14 -16.58
CA GLY C 127 -16.33 29.82 -17.26
C GLY C 127 -17.58 29.39 -18.03
N TRP C 128 -17.66 28.09 -18.31
CA TRP C 128 -18.69 27.46 -19.09
C TRP C 128 -19.73 26.88 -18.17
N LYS C 129 -20.92 26.64 -18.70
CA LYS C 129 -22.02 26.10 -17.92
C LYS C 129 -21.67 24.83 -17.13
N ASP C 130 -20.96 23.90 -17.72
CA ASP C 130 -20.67 22.65 -17.06
C ASP C 130 -19.72 22.76 -15.87
N LEU C 131 -19.08 23.90 -15.72
CA LEU C 131 -18.24 24.20 -14.57
C LEU C 131 -19.06 24.75 -13.40
N SER C 132 -20.26 25.20 -13.66
CA SER C 132 -21.11 25.88 -12.67
C SER C 132 -21.74 24.89 -11.70
N ILE C 133 -21.94 25.31 -10.47
CA ILE C 133 -22.82 24.59 -9.56
C ILE C 133 -24.21 25.10 -9.84
N GLY C 134 -25.17 24.21 -10.10
CA GLY C 134 -26.53 24.65 -10.33
C GLY C 134 -26.86 24.81 -11.81
N SER C 135 -25.95 24.41 -12.68
CA SER C 135 -26.16 24.47 -14.14
C SER C 135 -26.60 25.85 -14.60
N VAL C 136 -25.86 26.87 -14.22
CA VAL C 136 -26.20 28.24 -14.62
C VAL C 136 -25.60 28.63 -15.96
N ASP C 137 -26.43 29.12 -16.88
CA ASP C 137 -25.89 29.59 -18.13
C ASP C 137 -24.97 30.81 -17.87
N PRO C 138 -23.84 30.92 -18.56
CA PRO C 138 -22.98 32.08 -18.29
C PRO C 138 -23.67 33.38 -18.67
N ILE C 139 -23.26 34.47 -17.99
CA ILE C 139 -23.81 35.78 -18.19
C ILE C 139 -23.72 36.22 -19.63
N VAL C 140 -22.54 36.03 -20.20
CA VAL C 140 -22.29 36.48 -21.57
C VAL C 140 -23.14 35.73 -22.62
N VAL C 141 -23.28 34.43 -22.41
CA VAL C 141 -24.17 33.60 -23.20
C VAL C 141 -25.63 34.10 -23.15
N GLU C 142 -26.11 34.33 -21.96
CA GLU C 142 -27.46 34.85 -21.78
C GLU C 142 -27.64 36.27 -22.39
N LEU C 143 -26.63 37.14 -22.27
CA LEU C 143 -26.71 38.46 -22.86
C LEU C 143 -26.87 38.35 -24.38
N LYS C 144 -26.12 37.43 -25.00
CA LYS C 144 -26.22 37.24 -26.44
C LYS C 144 -27.58 36.70 -26.76
N ASN C 145 -28.00 35.67 -26.06
CA ASN C 145 -29.31 35.12 -26.30
C ASN C 145 -30.43 36.17 -26.28
N GLN C 146 -30.28 37.24 -25.50
CA GLN C 146 -31.33 38.27 -25.36
C GLN C 146 -31.09 39.42 -26.32
N ASN C 147 -30.13 39.25 -27.22
CA ASN C 147 -29.78 40.18 -28.26
C ASN C 147 -29.36 41.51 -27.65
N LYS C 148 -28.69 41.45 -26.50
CA LYS C 148 -28.16 42.59 -25.84
C LYS C 148 -26.73 42.88 -26.24
N ILE C 149 -26.06 41.89 -26.86
CA ILE C 149 -24.73 42.09 -27.40
C ILE C 149 -24.64 41.38 -28.75
N GLU C 150 -23.75 41.84 -29.61
CA GLU C 150 -23.55 41.28 -30.97
C GLU C 150 -22.95 39.87 -30.98
N ASN C 151 -22.01 39.60 -30.07
CA ASN C 151 -21.29 38.32 -30.04
C ASN C 151 -21.17 37.81 -28.57
N ALA C 152 -21.27 36.49 -28.38
CA ALA C 152 -21.09 35.84 -27.05
C ALA C 152 -19.61 35.69 -26.80
N LEU C 153 -18.93 36.82 -26.56
CA LEU C 153 -17.53 36.81 -26.20
C LEU C 153 -17.22 37.93 -25.27
N PHE C 154 -16.12 37.79 -24.56
CA PHE C 154 -15.53 38.83 -23.71
C PHE C 154 -14.02 38.83 -23.85
N THR C 155 -13.40 39.93 -23.46
CA THR C 155 -12.00 40.08 -23.57
C THR C 155 -11.42 40.63 -22.31
N PHE C 156 -10.17 40.28 -22.04
CA PHE C 156 -9.44 40.81 -20.86
C PHE C 156 -8.16 41.56 -21.32
N TYR C 157 -8.07 42.80 -20.89
CA TYR C 157 -6.89 43.66 -20.99
C TYR C 157 -6.52 43.99 -19.55
N LEU C 158 -5.50 43.32 -19.00
CA LEU C 158 -5.26 43.37 -17.59
C LEU C 158 -4.53 44.66 -17.20
N PRO C 159 -4.83 45.18 -16.01
CA PRO C 159 -4.05 46.30 -15.50
C PRO C 159 -2.62 45.92 -15.27
N VAL C 160 -1.71 46.92 -15.35
CA VAL C 160 -0.32 46.72 -14.98
C VAL C 160 0.05 47.68 -13.83
N HIS C 161 0.56 47.10 -12.75
CA HIS C 161 0.98 47.77 -11.52
C HIS C 161 1.73 49.08 -11.77
N ASP C 162 1.11 50.19 -11.35
CA ASP C 162 1.62 51.58 -11.47
C ASP C 162 1.45 52.25 -12.84
N LYS C 163 1.13 51.46 -13.88
CA LYS C 163 1.29 51.91 -15.28
C LYS C 163 -0.03 52.18 -15.96
N HIS C 164 -0.96 51.21 -15.90
CA HIS C 164 -2.28 51.43 -16.46
C HIS C 164 -3.32 50.47 -15.86
N THR C 165 -4.54 50.97 -15.83
CA THR C 165 -5.71 50.25 -15.51
C THR C 165 -6.06 49.24 -16.64
N GLY C 166 -6.95 48.29 -16.36
CA GLY C 166 -7.36 47.34 -17.42
C GLY C 166 -8.85 47.41 -17.68
N PHE C 167 -9.33 46.55 -18.57
CA PHE C 167 -10.74 46.41 -18.82
C PHE C 167 -11.17 44.97 -19.09
N LEU C 168 -12.38 44.71 -18.72
CA LEU C 168 -13.15 43.56 -19.19
C LEU C 168 -14.13 44.12 -20.17
N THR C 169 -14.08 43.65 -21.40
CA THR C 169 -15.01 44.04 -22.36
C THR C 169 -15.90 42.94 -22.82
N ILE C 170 -17.21 43.22 -22.88
CA ILE C 170 -18.15 42.23 -23.23
C ILE C 170 -18.80 42.57 -24.56
N GLY C 171 -18.78 41.63 -25.47
CA GLY C 171 -19.58 41.70 -26.68
C GLY C 171 -18.84 42.00 -27.98
N GLY C 172 -17.58 42.43 -27.89
CA GLY C 172 -16.80 42.60 -29.10
C GLY C 172 -15.35 42.85 -28.79
N ILE C 173 -14.53 42.81 -29.83
CA ILE C 173 -13.11 42.93 -29.70
C ILE C 173 -12.67 44.37 -30.08
N GLU C 174 -11.91 45.02 -29.22
CA GLU C 174 -11.36 46.33 -29.53
C GLU C 174 -9.86 46.33 -29.89
N GLU C 175 -9.58 46.80 -31.10
CA GLU C 175 -8.20 46.84 -31.61
C GLU C 175 -7.26 47.66 -30.73
N ARG C 176 -7.78 48.64 -29.98
CA ARG C 176 -6.94 49.40 -29.10
C ARG C 176 -6.19 48.61 -28.04
N PHE C 177 -6.63 47.37 -27.73
CA PHE C 177 -5.96 46.61 -26.63
C PHE C 177 -4.76 45.75 -26.98
N TYR C 178 -4.44 45.58 -28.28
CA TYR C 178 -3.48 44.62 -28.68
C TYR C 178 -2.76 45.06 -29.95
N GLU C 179 -1.62 44.45 -30.16
CA GLU C 179 -0.91 44.65 -31.39
C GLU C 179 -0.46 43.31 -31.95
N GLY C 180 -0.13 43.34 -33.23
CA GLY C 180 0.28 42.15 -33.95
C GLY C 180 -0.89 41.22 -34.13
N PRO C 181 -0.59 39.94 -34.41
CA PRO C 181 -1.75 39.16 -34.82
C PRO C 181 -2.53 38.64 -33.60
N LEU C 182 -3.81 38.38 -33.82
CA LEU C 182 -4.65 37.67 -32.86
C LEU C 182 -4.84 36.25 -33.36
N THR C 183 -4.46 35.26 -32.54
CA THR C 183 -4.45 33.86 -32.96
C THR C 183 -5.46 33.15 -32.05
N TYR C 184 -6.37 32.39 -32.64
CA TYR C 184 -7.35 31.65 -31.84
C TYR C 184 -6.98 30.21 -31.67
N GLU C 185 -7.15 29.71 -30.44
CA GLU C 185 -6.83 28.39 -30.02
C GLU C 185 -8.14 27.73 -29.58
N LYS C 186 -8.55 26.66 -30.27
CA LYS C 186 -9.82 25.99 -30.04
C LYS C 186 -9.75 25.30 -28.67
N LEU C 187 -10.85 25.38 -27.92
CA LEU C 187 -10.96 24.70 -26.63
C LEU C 187 -10.89 23.23 -26.82
N ASN C 188 -10.20 22.57 -25.91
CA ASN C 188 -10.20 21.13 -25.89
C ASN C 188 -11.40 20.56 -25.11
N HIS C 189 -12.03 21.33 -24.24
CA HIS C 189 -13.30 20.98 -23.59
C HIS C 189 -14.04 22.24 -23.27
N ASP C 190 -15.37 22.21 -23.23
CA ASP C 190 -16.20 23.37 -22.85
C ASP C 190 -16.42 23.37 -21.34
N LEU C 191 -15.37 23.68 -20.59
CA LEU C 191 -15.44 23.61 -19.15
C LEU C 191 -14.70 24.82 -18.56
N TYR C 192 -13.39 24.69 -18.37
CA TYR C 192 -12.51 25.82 -18.24
C TYR C 192 -12.24 26.36 -19.62
N TRP C 193 -11.48 27.46 -19.65
CA TRP C 193 -11.03 27.99 -20.96
C TRP C 193 -9.69 27.32 -21.18
N GLN C 194 -9.79 26.11 -21.72
CA GLN C 194 -8.69 25.20 -21.72
C GLN C 194 -8.39 24.77 -23.18
N ILE C 195 -7.11 24.95 -23.52
CA ILE C 195 -6.56 24.73 -24.88
C ILE C 195 -5.34 23.83 -24.82
N THR C 196 -4.92 23.32 -25.98
CA THR C 196 -3.84 22.39 -26.03
C THR C 196 -2.62 23.07 -26.68
N LEU C 197 -1.52 23.17 -25.91
CA LEU C 197 -0.24 23.80 -26.36
C LEU C 197 0.96 22.94 -26.08
N ASP C 198 1.99 23.02 -26.95
CA ASP C 198 3.28 22.45 -26.58
C ASP C 198 4.01 23.44 -25.68
N ALA C 199 4.54 22.95 -24.56
CA ALA C 199 5.25 23.82 -23.59
C ALA C 199 6.78 23.46 -23.66
N HIS C 200 7.63 24.48 -23.73
CA HIS C 200 9.09 24.31 -23.80
C HIS C 200 9.71 25.30 -22.85
N VAL C 201 10.73 24.88 -22.10
CA VAL C 201 11.54 25.82 -21.37
C VAL C 201 12.94 25.26 -21.65
N GLY C 202 13.67 25.88 -22.55
CA GLY C 202 15.01 25.41 -22.98
C GLY C 202 14.89 24.03 -23.49
N ASN C 203 15.60 23.13 -22.84
CA ASN C 203 15.61 21.74 -23.29
C ASN C 203 14.45 20.91 -22.76
N ILE C 204 13.61 21.49 -21.89
CA ILE C 204 12.55 20.74 -21.25
C ILE C 204 11.29 20.91 -22.13
N SER C 205 10.70 19.82 -22.53
CA SER C 205 9.45 19.93 -23.30
C SER C 205 8.33 18.99 -22.87
N LEU C 206 7.12 19.48 -23.08
CA LEU C 206 5.91 18.71 -22.80
C LEU C 206 4.96 19.04 -23.90
N GLU C 207 4.72 18.06 -24.72
CA GLU C 207 3.93 18.26 -25.87
C GLU C 207 2.48 18.02 -25.48
N LYS C 208 1.61 18.78 -26.12
CA LYS C 208 0.19 18.66 -25.97
C LYS C 208 -0.33 18.80 -24.55
N ALA C 209 0.23 19.80 -23.87
CA ALA C 209 -0.17 20.18 -22.52
C ALA C 209 -1.55 20.82 -22.55
N ASN C 210 -2.36 20.55 -21.51
CA ASN C 210 -3.60 21.23 -21.32
C ASN C 210 -3.29 22.56 -20.65
N CYS C 211 -3.71 23.66 -21.23
CA CYS C 211 -3.37 24.99 -20.70
C CYS C 211 -4.67 25.65 -20.34
N ILE C 212 -4.82 25.98 -19.07
CA ILE C 212 -6.05 26.62 -18.63
C ILE C 212 -5.78 28.13 -18.43
N VAL C 213 -6.59 28.97 -19.06
CA VAL C 213 -6.40 30.43 -18.95
C VAL C 213 -7.31 30.87 -17.82
N ASP C 214 -6.73 31.27 -16.67
CA ASP C 214 -7.49 31.48 -15.44
C ASP C 214 -7.19 32.84 -14.78
N SER C 215 -8.13 33.74 -14.92
CA SER C 215 -7.91 35.11 -14.45
C SER C 215 -7.93 35.22 -12.93
N GLY C 216 -8.52 34.22 -12.29
CA GLY C 216 -8.67 34.24 -10.86
C GLY C 216 -7.50 33.64 -10.13
N THR C 217 -6.42 33.36 -10.87
CA THR C 217 -5.22 32.79 -10.28
C THR C 217 -4.06 33.73 -10.56
N SER C 218 -3.32 34.13 -9.53
CA SER C 218 -2.22 35.08 -9.73
C SER C 218 -0.86 34.46 -10.00
N ALA C 219 -0.81 33.21 -10.34
CA ALA C 219 0.42 32.53 -10.64
C ALA C 219 0.34 31.77 -11.99
N ILE C 220 1.48 31.21 -12.38
CA ILE C 220 1.56 30.19 -13.41
C ILE C 220 1.76 28.90 -12.63
N THR C 221 0.94 27.88 -12.91
CA THR C 221 1.23 26.55 -12.37
C THR C 221 1.71 25.67 -13.51
N VAL C 222 2.59 24.75 -13.15
CA VAL C 222 3.36 23.93 -14.03
C VAL C 222 3.39 22.50 -13.40
N PRO C 223 3.47 21.42 -14.20
CA PRO C 223 3.63 20.07 -13.62
C PRO C 223 4.87 20.00 -12.77
N THR C 224 4.82 19.27 -11.65
CA THR C 224 5.94 19.32 -10.68
C THR C 224 7.27 18.88 -11.20
N ASP C 225 7.28 17.90 -12.09
CA ASP C 225 8.54 17.44 -12.67
C ASP C 225 9.16 18.47 -13.60
N PHE C 226 8.30 19.10 -14.37
CA PHE C 226 8.67 20.12 -15.32
C PHE C 226 9.32 21.28 -14.56
N LEU C 227 8.73 21.62 -13.41
CA LEU C 227 9.22 22.68 -12.55
C LEU C 227 10.59 22.33 -11.92
N ASN C 228 10.69 21.14 -11.39
CA ASN C 228 11.93 20.63 -10.84
C ASN C 228 13.04 20.73 -11.89
N LYS C 229 12.79 20.25 -13.13
CA LYS C 229 13.79 20.38 -14.20
C LYS C 229 14.13 21.82 -14.53
N MET C 230 13.15 22.70 -14.55
CA MET C 230 13.43 24.02 -15.01
C MET C 230 14.20 24.83 -13.99
N LEU C 231 14.20 24.39 -12.74
CA LEU C 231 14.80 25.15 -11.67
C LEU C 231 16.23 24.68 -11.36
N GLN C 232 16.65 23.56 -11.93
CA GLN C 232 17.95 22.99 -11.59
C GLN C 232 19.07 23.97 -11.92
N ASN C 233 19.96 24.21 -10.96
CA ASN C 233 21.16 25.03 -11.20
C ASN C 233 20.87 26.40 -11.76
N LEU C 234 19.83 27.06 -11.26
CA LEU C 234 19.45 28.37 -11.76
C LEU C 234 19.75 29.50 -10.77
N ASP C 235 20.27 29.12 -9.59
CA ASP C 235 20.55 30.07 -8.51
C ASP C 235 19.25 30.61 -7.92
N VAL C 236 18.35 29.68 -7.67
CA VAL C 236 17.08 29.97 -7.04
C VAL C 236 17.09 29.23 -5.72
N ILE C 237 16.48 29.79 -4.69
CA ILE C 237 16.47 29.13 -3.41
C ILE C 237 15.05 28.96 -2.98
N LYS C 238 14.70 27.75 -2.56
CA LYS C 238 13.37 27.49 -2.00
C LYS C 238 13.36 27.87 -0.50
N VAL C 239 12.44 28.75 -0.13
CA VAL C 239 12.16 29.06 1.26
C VAL C 239 11.85 27.76 2.02
N PRO C 240 12.40 27.60 3.23
CA PRO C 240 12.08 26.41 4.03
C PRO C 240 10.60 26.29 4.40
N PHE C 241 10.06 25.07 4.27
CA PHE C 241 8.66 24.77 4.56
C PHE C 241 7.78 25.14 3.37
N LEU C 242 7.78 26.42 3.00
CA LEU C 242 6.89 26.95 1.96
C LEU C 242 7.26 26.46 0.56
N PRO C 243 6.26 26.45 -0.36
CA PRO C 243 6.40 26.08 -1.78
C PRO C 243 6.76 27.23 -2.75
N PHE C 244 7.57 28.18 -2.28
CA PHE C 244 7.94 29.33 -3.07
C PHE C 244 9.46 29.49 -3.17
N TYR C 245 9.91 29.96 -4.32
CA TYR C 245 11.33 30.01 -4.63
C TYR C 245 11.75 31.47 -4.76
N VAL C 246 12.95 31.78 -4.24
CA VAL C 246 13.43 33.15 -4.24
C VAL C 246 14.64 33.25 -5.15
N THR C 247 14.85 34.44 -5.69
CA THR C 247 15.98 34.71 -6.55
C THR C 247 16.33 36.21 -6.52
N LEU C 248 17.54 36.54 -6.96
CA LEU C 248 17.90 37.91 -7.31
C LEU C 248 17.04 38.33 -8.47
N CYS C 249 16.45 39.52 -8.37
CA CYS C 249 15.55 40.03 -9.41
C CYS C 249 16.19 40.29 -10.74
N ASN C 250 17.51 40.26 -10.79
CA ASN C 250 18.27 40.42 -12.03
C ASN C 250 18.85 39.11 -12.58
N ASN C 251 18.69 38.02 -11.81
CA ASN C 251 19.21 36.70 -12.20
C ASN C 251 18.93 36.43 -13.69
N SER C 252 19.95 36.56 -14.55
CA SER C 252 19.70 36.35 -16.00
C SER C 252 19.86 34.88 -16.43
N LYS C 253 19.97 33.95 -15.47
CA LYS C 253 19.85 32.52 -15.76
C LYS C 253 18.36 32.09 -15.86
N LEU C 254 17.45 33.01 -15.58
CA LEU C 254 16.02 32.68 -15.50
C LEU C 254 15.43 32.41 -16.87
N PRO C 255 14.69 31.30 -17.01
CA PRO C 255 14.22 31.00 -18.37
C PRO C 255 12.91 31.69 -18.79
N THR C 256 12.70 31.64 -20.09
CA THR C 256 11.48 32.06 -20.68
C THR C 256 10.62 30.84 -21.05
N PHE C 257 9.37 30.89 -20.64
CA PHE C 257 8.41 29.86 -21.15
C PHE C 257 8.09 30.09 -22.61
N GLU C 258 7.99 28.98 -23.37
CA GLU C 258 7.51 29.07 -24.73
C GLU C 258 6.34 28.05 -24.90
N PHE C 259 5.19 28.57 -25.30
CA PHE C 259 4.02 27.78 -25.61
C PHE C 259 3.71 27.91 -27.11
N THR C 260 3.52 26.77 -27.80
CA THR C 260 3.30 26.77 -29.25
C THR C 260 2.08 25.93 -29.65
N SER C 261 1.32 26.48 -30.56
CA SER C 261 0.35 25.70 -31.35
C SER C 261 0.80 25.66 -32.77
N GLU C 262 0.01 25.02 -33.66
CA GLU C 262 0.38 24.96 -35.02
C GLU C 262 0.23 26.36 -35.60
N ASN C 263 -0.59 27.24 -35.01
CA ASN C 263 -0.80 28.56 -35.55
C ASN C 263 -0.09 29.73 -34.84
N GLY C 264 0.44 29.50 -33.66
CA GLY C 264 0.88 30.62 -32.84
C GLY C 264 1.96 30.19 -31.85
N LYS C 265 2.71 31.21 -31.37
CA LYS C 265 3.75 31.01 -30.37
C LYS C 265 3.68 32.13 -29.36
N TYR C 266 3.69 31.77 -28.08
CA TYR C 266 3.53 32.69 -26.99
C TYR C 266 4.69 32.46 -25.99
N THR C 267 5.23 33.53 -25.43
CA THR C 267 6.38 33.39 -24.56
C THR C 267 6.10 34.20 -23.33
N LEU C 268 6.70 33.77 -22.22
CA LEU C 268 6.57 34.43 -21.00
C LEU C 268 7.93 34.56 -20.31
N GLU C 269 8.43 35.78 -20.41
CA GLU C 269 9.75 36.14 -19.89
C GLU C 269 9.73 36.34 -18.37
N PRO C 270 10.92 36.25 -17.71
CA PRO C 270 11.03 36.45 -16.25
C PRO C 270 10.36 37.69 -15.70
N GLU C 271 10.42 38.82 -16.40
CA GLU C 271 9.77 40.03 -15.90
C GLU C 271 8.30 39.86 -15.61
N TYR C 272 7.63 39.00 -16.39
CA TYR C 272 6.22 38.70 -16.12
C TYR C 272 5.95 37.78 -14.95
N TYR C 273 6.86 36.89 -14.60
CA TYR C 273 6.58 35.99 -13.47
C TYR C 273 7.41 36.19 -12.18
N LEU C 274 8.19 37.27 -12.12
CA LEU C 274 8.95 37.62 -10.93
C LEU C 274 8.16 38.65 -10.15
N GLN C 275 8.01 38.42 -8.86
CA GLN C 275 7.42 39.42 -7.93
C GLN C 275 8.50 39.95 -6.95
N HIS C 276 8.67 41.28 -6.88
CA HIS C 276 9.66 41.92 -5.95
C HIS C 276 9.25 41.81 -4.50
N ILE C 277 10.16 41.44 -3.60
CA ILE C 277 9.76 41.20 -2.21
C ILE C 277 10.44 42.19 -1.24
N LEU C 284 16.03 41.10 -4.47
CA LEU C 284 15.26 39.89 -4.09
C LEU C 284 13.86 39.76 -4.71
N CYS C 285 13.60 38.59 -5.29
CA CYS C 285 12.36 38.31 -5.98
C CYS C 285 11.91 36.92 -5.67
N MET C 286 10.59 36.74 -5.70
CA MET C 286 9.96 35.42 -5.68
C MET C 286 9.41 35.11 -7.07
N LEU C 287 9.52 33.84 -7.42
CA LEU C 287 8.95 33.30 -8.63
C LEU C 287 7.47 32.99 -8.39
N ASN C 288 6.65 33.63 -9.17
CA ASN C 288 5.25 33.42 -9.17
C ASN C 288 4.78 32.19 -10.01
N ILE C 289 5.36 31.05 -9.64
CA ILE C 289 5.21 29.76 -10.32
C ILE C 289 5.08 28.70 -9.24
N ILE C 290 4.08 27.83 -9.37
CA ILE C 290 3.76 26.78 -8.38
C ILE C 290 3.64 25.48 -9.16
N GLY C 291 4.13 24.39 -8.56
CA GLY C 291 4.01 23.05 -9.14
C GLY C 291 2.70 22.38 -8.73
N LEU C 292 2.01 21.85 -9.73
CA LEU C 292 0.75 21.16 -9.50
C LEU C 292 0.52 20.10 -10.58
N ASP C 293 0.26 18.88 -10.15
CA ASP C 293 0.02 17.74 -10.98
C ASP C 293 -1.46 17.41 -11.02
N PHE C 294 -1.93 17.17 -12.22
CA PHE C 294 -3.29 16.71 -12.50
C PHE C 294 -3.23 15.48 -13.39
N PRO C 295 -4.36 14.76 -13.56
CA PRO C 295 -4.35 13.58 -14.38
C PRO C 295 -4.01 13.83 -15.84
N VAL C 296 -4.50 14.93 -16.41
CA VAL C 296 -3.98 15.50 -17.67
C VAL C 296 -2.91 16.57 -17.30
N PRO C 297 -1.63 16.40 -17.75
CA PRO C 297 -0.57 17.34 -17.48
C PRO C 297 -1.00 18.72 -17.96
N THR C 298 -1.00 19.68 -17.03
CA THR C 298 -1.66 21.00 -17.22
C THR C 298 -0.74 22.14 -16.76
N PHE C 299 -0.81 23.25 -17.51
CA PHE C 299 -0.31 24.54 -17.07
C PHE C 299 -1.51 25.41 -16.76
N ILE C 300 -1.49 26.12 -15.66
CA ILE C 300 -2.53 27.12 -15.42
C ILE C 300 -1.84 28.47 -15.76
N LEU C 301 -2.33 29.08 -16.83
CA LEU C 301 -1.88 30.36 -17.36
C LEU C 301 -2.74 31.39 -16.67
N GLY C 302 -2.28 31.77 -15.50
CA GLY C 302 -2.97 32.83 -14.73
C GLY C 302 -2.58 34.26 -15.10
N ASP C 303 -2.76 35.14 -14.11
CA ASP C 303 -2.57 36.56 -14.37
C ASP C 303 -1.23 36.94 -15.01
N PRO C 304 -0.11 36.29 -14.63
CA PRO C 304 1.15 36.70 -15.25
C PRO C 304 1.11 36.56 -16.79
N PHE C 305 0.44 35.52 -17.30
CA PHE C 305 0.34 35.32 -18.75
C PHE C 305 -0.58 36.37 -19.36
N MET C 306 -1.69 36.60 -18.67
CA MET C 306 -2.74 37.52 -19.11
C MET C 306 -2.23 38.98 -18.98
N ARG C 307 -1.21 39.24 -18.16
CA ARG C 307 -0.69 40.62 -18.13
C ARG C 307 0.02 40.96 -19.45
N LYS C 308 0.72 39.98 -20.04
CA LYS C 308 1.43 40.16 -21.30
C LYS C 308 0.50 40.07 -22.49
N TYR C 309 -0.43 39.10 -22.47
CA TYR C 309 -1.29 38.82 -23.64
C TYR C 309 -2.73 39.19 -23.41
N PHE C 310 -3.25 40.03 -24.31
CA PHE C 310 -4.67 40.30 -24.44
C PHE C 310 -5.36 38.98 -24.79
N THR C 311 -6.49 38.73 -24.14
CA THR C 311 -7.21 37.46 -24.35
C THR C 311 -8.66 37.65 -24.70
N VAL C 312 -9.16 36.83 -25.62
CA VAL C 312 -10.51 36.89 -26.14
C VAL C 312 -11.12 35.49 -25.86
N PHE C 313 -12.24 35.52 -25.16
CA PHE C 313 -12.93 34.30 -24.76
C PHE C 313 -14.22 34.25 -25.51
N ASP C 314 -14.29 33.30 -26.44
CA ASP C 314 -15.40 33.27 -27.38
C ASP C 314 -16.26 32.03 -27.24
N TYR C 315 -17.47 32.19 -26.71
CA TYR C 315 -18.34 31.03 -26.51
C TYR C 315 -18.94 30.51 -27.84
N ASP C 316 -19.14 31.40 -28.80
CA ASP C 316 -19.81 31.09 -30.05
C ASP C 316 -18.88 30.19 -30.84
N ASN C 317 -17.59 30.49 -30.82
CA ASN C 317 -16.56 29.73 -31.56
C ASN C 317 -15.72 28.78 -30.73
N HIS C 318 -16.04 28.65 -29.45
CA HIS C 318 -15.37 27.67 -28.56
C HIS C 318 -13.86 27.81 -28.65
N SER C 319 -13.37 29.03 -28.40
CA SER C 319 -11.98 29.32 -28.58
C SER C 319 -11.51 30.47 -27.71
N VAL C 320 -10.22 30.52 -27.51
CA VAL C 320 -9.50 31.61 -26.88
C VAL C 320 -8.60 32.27 -27.96
N GLY C 321 -8.73 33.56 -28.12
CA GLY C 321 -7.84 34.31 -28.96
C GLY C 321 -6.79 34.97 -28.10
N ILE C 322 -5.57 35.02 -28.61
CA ILE C 322 -4.43 35.52 -27.91
C ILE C 322 -3.66 36.53 -28.80
N ALA C 323 -3.36 37.70 -28.24
CA ALA C 323 -2.53 38.70 -28.92
C ALA C 323 -1.71 39.46 -27.85
N LEU C 324 -0.59 40.00 -28.27
CA LEU C 324 0.23 40.85 -27.41
C LEU C 324 -0.59 42.01 -26.99
N ALA C 325 -0.67 42.24 -25.68
CA ALA C 325 -1.40 43.37 -25.15
C ALA C 325 -0.60 44.66 -25.43
N LYS C 326 -1.29 45.71 -25.86
CA LYS C 326 -0.66 47.07 -25.97
C LYS C 326 -0.05 47.49 -24.64
N LYS C 327 1.17 47.98 -24.67
CA LYS C 327 1.89 48.32 -23.41
C LYS C 327 1.18 49.48 -22.68
N ASN C 328 0.47 50.30 -23.43
CA ASN C 328 -0.28 51.41 -22.93
C ASN C 328 -1.48 51.69 -23.83
N LEU C 329 -2.53 52.22 -23.24
CA LEU C 329 -3.65 52.84 -23.94
C LEU C 329 -3.41 54.38 -24.07
N SER D 2 33.73 11.08 45.21
CA SER D 2 33.36 10.93 43.81
C SER D 2 31.99 11.59 43.52
N ASN D 3 31.85 12.03 42.31
CA ASN D 3 30.55 12.62 41.89
C ASN D 3 29.84 11.68 40.94
N ASP D 4 28.57 11.98 40.67
CA ASP D 4 27.78 11.21 39.81
C ASP D 4 27.84 11.81 38.38
N ASN D 5 28.48 11.14 37.42
CA ASN D 5 28.73 11.74 36.07
C ASN D 5 27.86 11.05 35.02
N ILE D 6 26.96 11.81 34.34
CA ILE D 6 26.02 11.26 33.37
C ILE D 6 26.44 11.77 32.02
N GLU D 7 26.80 10.84 31.12
CA GLU D 7 27.25 11.22 29.83
C GLU D 7 26.14 11.80 28.96
N LEU D 8 26.53 12.77 28.15
CA LEU D 8 25.63 13.52 27.34
C LEU D 8 26.05 13.32 25.89
N VAL D 9 25.09 13.17 24.98
CA VAL D 9 25.35 13.00 23.57
C VAL D 9 24.69 14.14 22.80
N ASP D 10 25.37 14.57 21.75
CA ASP D 10 24.94 15.71 20.99
C ASP D 10 23.98 15.26 19.89
N PHE D 11 22.94 16.08 19.60
CA PHE D 11 22.13 15.93 18.38
C PHE D 11 22.31 17.15 17.50
N GLN D 12 23.24 16.99 16.54
CA GLN D 12 23.41 17.84 15.37
C GLN D 12 23.79 19.27 15.73
N ASN D 13 24.71 19.38 16.68
CA ASN D 13 25.15 20.67 17.25
C ASN D 13 23.98 21.64 17.57
N ILE D 14 22.80 21.07 17.81
CA ILE D 14 21.60 21.77 18.31
C ILE D 14 21.38 21.48 19.82
N MET D 15 20.87 20.26 20.08
CA MET D 15 20.48 19.80 21.41
C MET D 15 21.40 18.67 21.88
N PHE D 16 21.26 18.29 23.12
CA PHE D 16 22.05 17.18 23.67
C PHE D 16 21.09 16.38 24.52
N TYR D 17 21.38 15.11 24.71
CA TYR D 17 20.60 14.28 25.60
C TYR D 17 21.40 13.53 26.61
N GLY D 18 20.68 13.00 27.59
CA GLY D 18 21.31 12.22 28.64
C GLY D 18 20.36 11.12 29.08
N ASP D 19 20.86 10.00 29.55
CA ASP D 19 19.96 8.89 29.93
C ASP D 19 19.69 8.83 31.43
N ALA D 20 18.51 8.31 31.78
CA ALA D 20 18.15 8.05 33.16
C ALA D 20 17.11 6.93 33.15
N GLU D 21 16.84 6.35 34.29
CA GLU D 21 15.89 5.26 34.39
C GLU D 21 14.80 5.51 35.45
N VAL D 22 13.69 4.83 35.26
CA VAL D 22 12.58 4.93 36.19
C VAL D 22 12.13 3.48 36.48
N GLY D 23 11.79 3.24 37.71
CA GLY D 23 11.33 1.94 38.17
C GLY D 23 12.42 1.15 38.89
N ASP D 24 12.01 0.15 39.66
CA ASP D 24 13.00 -0.72 40.30
C ASP D 24 13.59 -1.67 39.27
N ASN D 25 12.94 -1.87 38.13
CA ASN D 25 13.56 -2.61 37.03
C ASN D 25 14.32 -1.70 36.06
N GLN D 26 14.65 -0.48 36.50
CA GLN D 26 15.56 0.45 35.76
C GLN D 26 15.11 0.63 34.35
N GLN D 27 13.86 0.98 34.12
CA GLN D 27 13.37 1.14 32.76
C GLN D 27 14.10 2.33 32.12
N PRO D 28 14.73 2.16 30.94
CA PRO D 28 15.61 3.25 30.45
C PRO D 28 14.92 4.29 29.51
N PHE D 29 15.34 5.55 29.65
CA PHE D 29 14.81 6.67 28.81
C PHE D 29 15.89 7.63 28.43
N THR D 30 15.71 8.31 27.29
CA THR D 30 16.54 9.41 26.89
C THR D 30 15.83 10.74 27.23
N PHE D 31 16.55 11.63 27.85
CA PHE D 31 16.01 12.94 28.26
C PHE D 31 16.72 14.16 27.75
N ILE D 32 15.92 15.20 27.51
CA ILE D 32 16.41 16.54 27.41
C ILE D 32 16.61 16.92 28.90
N LEU D 33 17.77 17.45 29.22
CA LEU D 33 18.07 17.83 30.60
C LEU D 33 18.05 19.37 30.64
N ASP D 34 17.04 19.93 31.31
CA ASP D 34 16.56 21.26 31.02
C ASP D 34 16.63 22.16 32.25
N THR D 35 17.64 23.00 32.32
CA THR D 35 17.74 23.95 33.45
C THR D 35 16.64 25.00 33.41
N GLY D 36 15.92 25.07 32.27
CA GLY D 36 14.79 26.01 32.06
C GLY D 36 13.41 25.52 32.45
N SER D 37 13.31 24.33 33.06
CA SER D 37 12.07 23.79 33.63
C SER D 37 12.37 22.95 34.85
N ALA D 38 11.32 22.41 35.48
CA ALA D 38 11.45 21.79 36.78
C ALA D 38 10.52 20.60 37.02
N ASN D 39 10.13 19.89 35.94
CA ASN D 39 9.37 18.64 36.14
C ASN D 39 10.12 17.51 35.39
N LEU D 40 9.88 16.27 35.80
CA LEU D 40 10.40 15.14 35.08
C LEU D 40 9.18 14.46 34.46
N TRP D 41 9.24 14.12 33.19
CA TRP D 41 8.13 13.31 32.64
C TRP D 41 8.67 12.23 31.72
N VAL D 42 7.92 11.15 31.68
CA VAL D 42 8.14 10.06 30.72
C VAL D 42 6.83 9.63 30.03
N PRO D 43 6.91 9.16 28.78
CA PRO D 43 5.72 8.63 28.14
C PRO D 43 5.33 7.29 28.73
N SER D 44 4.03 7.04 28.90
CA SER D 44 3.55 5.84 29.56
C SER D 44 3.22 4.74 28.51
N VAL D 45 3.22 3.49 28.93
CA VAL D 45 2.71 2.39 28.04
C VAL D 45 1.26 2.64 27.77
N LYS D 46 0.59 3.40 28.63
CA LYS D 46 -0.77 3.77 28.38
C LYS D 46 -0.98 4.83 27.34
N CYS D 47 0.10 5.40 26.78
CA CYS D 47 0.02 6.36 25.75
C CYS D 47 0.01 5.51 24.47
N THR D 48 -1.04 5.65 23.67
CA THR D 48 -1.15 4.94 22.37
C THR D 48 -1.08 5.85 21.11
N THR D 49 -0.60 7.11 21.25
CA THR D 49 -0.32 7.98 20.08
C THR D 49 0.78 7.35 19.23
N ALA D 50 0.80 7.69 17.95
CA ALA D 50 1.81 7.13 17.04
C ALA D 50 3.24 7.54 17.47
N GLY D 51 3.35 8.72 18.08
CA GLY D 51 4.65 9.23 18.51
C GLY D 51 5.19 8.39 19.64
N CYS D 52 4.33 8.16 20.63
CA CYS D 52 4.65 7.26 21.70
C CYS D 52 5.15 5.90 21.24
N LEU D 53 4.61 5.39 20.14
CA LEU D 53 5.03 4.02 19.73
C LEU D 53 6.42 4.01 19.08
N THR D 54 7.03 5.17 18.90
CA THR D 54 8.48 5.23 18.60
C THR D 54 9.42 5.35 19.83
N LYS D 55 8.88 5.47 21.04
CA LYS D 55 9.63 5.86 22.26
C LYS D 55 9.78 4.75 23.20
N HIS D 56 10.77 4.85 24.09
CA HIS D 56 10.83 3.98 25.24
C HIS D 56 9.71 4.46 26.20
N LEU D 57 8.93 3.51 26.73
CA LEU D 57 7.72 3.79 27.51
C LEU D 57 7.84 3.26 28.91
N TYR D 58 7.17 3.94 29.85
CA TYR D 58 7.11 3.57 31.20
C TYR D 58 5.91 2.68 31.56
N ASP D 59 6.22 1.55 32.22
CA ASP D 59 5.23 0.56 32.73
C ASP D 59 5.30 0.44 34.22
N SER D 60 4.36 1.13 34.83
CA SER D 60 4.28 1.11 36.22
C SER D 60 3.97 -0.33 36.69
N SER D 61 3.18 -1.06 35.90
CA SER D 61 2.76 -2.49 36.22
C SER D 61 3.91 -3.48 36.10
N LYS D 62 5.08 -3.01 35.66
CA LYS D 62 6.30 -3.80 35.65
C LYS D 62 7.24 -3.36 36.74
N SER D 63 6.88 -2.36 37.55
CA SER D 63 7.77 -1.84 38.62
C SER D 63 7.16 -2.01 39.96
N ARG D 64 7.95 -2.51 40.91
CA ARG D 64 7.44 -2.82 42.24
C ARG D 64 7.62 -1.72 43.29
N THR D 65 8.29 -0.66 42.91
CA THR D 65 8.41 0.50 43.73
C THR D 65 7.45 1.68 43.32
N TYR D 66 6.64 1.46 42.32
CA TYR D 66 5.64 2.44 41.87
C TYR D 66 4.60 2.70 42.95
N GLU D 67 4.30 3.97 43.21
CA GLU D 67 3.28 4.40 44.18
C GLU D 67 2.30 5.27 43.37
N LYS D 68 1.06 4.80 43.28
CA LYS D 68 0.04 5.52 42.49
C LYS D 68 -0.16 6.94 43.09
N ASP D 69 -0.41 7.92 42.22
CA ASP D 69 -0.83 9.31 42.63
C ASP D 69 -2.10 9.56 41.79
N GLY D 70 -1.98 9.75 40.48
CA GLY D 70 -3.14 9.88 39.62
C GLY D 70 -3.66 11.29 39.36
N THR D 71 -3.10 12.28 40.04
CA THR D 71 -3.47 13.71 39.87
C THR D 71 -3.20 14.09 38.43
N LYS D 72 -4.21 14.59 37.72
CA LYS D 72 -4.08 14.95 36.32
C LYS D 72 -3.21 16.24 36.20
N VAL D 73 -2.42 16.29 35.14
CA VAL D 73 -1.55 17.46 34.95
C VAL D 73 -1.25 17.63 33.49
N GLU D 74 -1.10 18.89 33.05
CA GLU D 74 -0.83 19.23 31.65
C GLU D 74 0.40 20.14 31.74
N MET D 75 1.50 19.77 31.07
CA MET D 75 2.71 20.62 30.95
C MET D 75 2.68 21.40 29.65
N ASN D 76 2.90 22.70 29.71
CA ASN D 76 2.95 23.55 28.51
C ASN D 76 4.36 24.08 28.32
N TYR D 77 4.87 23.86 27.13
CA TYR D 77 6.14 24.40 26.72
C TYR D 77 5.83 25.20 25.46
N VAL D 78 6.84 25.89 24.92
CA VAL D 78 6.63 26.78 23.77
C VAL D 78 6.34 25.94 22.54
N SER D 79 7.06 24.84 22.38
CA SER D 79 6.84 23.92 21.27
C SER D 79 5.62 23.03 21.43
N GLY D 80 4.92 23.13 22.57
CA GLY D 80 3.77 22.28 22.80
C GLY D 80 3.47 21.86 24.23
N THR D 81 2.55 20.91 24.33
CA THR D 81 1.88 20.55 25.53
C THR D 81 1.89 19.03 25.61
N VAL D 82 2.13 18.51 26.79
CA VAL D 82 1.89 17.10 27.06
C VAL D 82 1.02 16.98 28.28
N SER D 83 0.23 15.90 28.32
CA SER D 83 -0.65 15.67 29.44
C SER D 83 -0.65 14.25 29.97
N GLY D 84 -0.94 14.13 31.24
CA GLY D 84 -0.94 12.84 31.92
C GLY D 84 -1.33 12.96 33.34
N PHE D 85 -0.61 12.25 34.18
CA PHE D 85 -0.89 12.25 35.60
C PHE D 85 0.33 12.01 36.35
N PHE D 86 0.38 12.50 37.59
CA PHE D 86 1.48 12.24 38.48
C PHE D 86 1.54 10.78 38.93
N SER D 87 2.78 10.29 38.95
CA SER D 87 3.13 9.02 39.63
C SER D 87 4.38 9.21 40.51
N LYS D 88 4.71 8.20 41.32
CA LYS D 88 5.93 8.26 42.09
C LYS D 88 6.63 6.89 41.91
N ASP D 89 7.95 6.94 41.73
CA ASP D 89 8.72 5.71 41.56
C ASP D 89 10.20 6.04 41.71
N LEU D 90 11.01 4.99 41.68
CA LEU D 90 12.41 5.13 41.78
C LEU D 90 12.93 5.78 40.52
N VAL D 91 13.69 6.85 40.67
CA VAL D 91 14.35 7.52 39.55
C VAL D 91 15.86 7.34 39.82
N THR D 92 16.54 6.81 38.81
CA THR D 92 17.99 6.59 38.80
C THR D 92 18.64 7.51 37.75
N VAL D 93 19.52 8.35 38.24
CA VAL D 93 20.33 9.30 37.48
C VAL D 93 21.81 8.92 37.72
N GLY D 94 22.46 8.40 36.71
CA GLY D 94 23.84 7.92 36.87
C GLY D 94 23.87 6.82 37.89
N ASN D 95 24.62 7.01 38.93
CA ASN D 95 24.66 5.97 39.97
C ASN D 95 23.99 6.37 41.28
N LEU D 96 23.11 7.35 41.22
CA LEU D 96 22.32 7.75 42.34
C LEU D 96 20.84 7.49 42.03
N SER D 97 20.05 7.22 43.08
CA SER D 97 18.65 6.93 42.87
C SER D 97 17.84 7.38 44.08
N LEU D 98 16.59 7.69 43.84
CA LEU D 98 15.68 8.11 44.88
C LEU D 98 14.23 7.97 44.40
N PRO D 99 13.31 7.77 45.39
CA PRO D 99 11.88 7.78 45.07
C PRO D 99 11.51 9.19 44.69
N TYR D 100 10.78 9.35 43.59
CA TYR D 100 10.56 10.72 43.08
C TYR D 100 9.24 10.83 42.34
N LYS D 101 8.63 11.99 42.44
CA LYS D 101 7.35 12.29 41.77
C LYS D 101 7.62 12.82 40.36
N PHE D 102 6.96 12.28 39.35
CA PHE D 102 7.17 12.63 37.98
C PHE D 102 5.83 12.52 37.28
N ILE D 103 5.76 12.98 36.05
CA ILE D 103 4.56 12.89 35.26
C ILE D 103 4.63 11.72 34.28
N GLU D 104 3.65 10.83 34.38
CA GLU D 104 3.33 9.87 33.30
C GLU D 104 2.49 10.45 32.18
N VAL D 105 3.04 10.55 31.00
CA VAL D 105 2.43 11.20 29.86
C VAL D 105 1.62 10.18 29.02
N ILE D 106 0.36 10.54 28.82
CA ILE D 106 -0.64 9.71 28.07
C ILE D 106 -1.01 10.36 26.80
N ASP D 107 -0.84 11.68 26.66
CA ASP D 107 -1.13 12.36 25.39
C ASP D 107 -0.04 13.37 24.97
N THR D 108 0.53 13.13 23.79
CA THR D 108 1.65 13.87 23.21
C THR D 108 1.31 14.49 21.88
N ASN D 109 0.03 14.43 21.49
CA ASN D 109 -0.49 15.07 20.29
C ASN D 109 -0.24 16.59 20.23
N GLY D 110 -0.33 17.29 21.36
CA GLY D 110 -0.02 18.74 21.38
C GLY D 110 1.49 19.07 21.36
N PHE D 111 2.33 18.06 21.13
CA PHE D 111 3.76 18.16 21.15
C PHE D 111 4.42 17.67 19.83
N GLU D 112 3.59 17.52 18.80
CA GLU D 112 4.09 17.11 17.45
C GLU D 112 4.18 18.29 16.47
N PRO D 113 5.05 18.21 15.44
CA PRO D 113 5.80 17.02 15.08
C PRO D 113 7.13 16.93 15.81
N THR D 114 7.47 17.93 16.64
CA THR D 114 8.73 17.88 17.41
C THR D 114 9.03 16.57 18.10
N TYR D 115 8.05 16.03 18.82
CA TYR D 115 8.29 14.86 19.62
C TYR D 115 8.70 13.64 18.75
N THR D 116 7.92 13.36 17.72
CA THR D 116 8.25 12.22 16.88
C THR D 116 9.56 12.42 16.15
N ALA D 117 9.84 13.63 15.69
CA ALA D 117 11.08 13.88 14.98
C ALA D 117 12.36 13.83 15.85
N SER D 118 12.23 13.88 17.17
CA SER D 118 13.42 13.95 18.02
C SER D 118 13.71 12.61 18.65
N THR D 119 14.91 12.45 19.20
CA THR D 119 15.28 11.15 19.73
C THR D 119 15.11 11.07 21.25
N PHE D 120 14.55 12.11 21.86
CA PHE D 120 14.32 12.04 23.34
C PHE D 120 12.94 11.40 23.64
N ASP D 121 12.84 10.79 24.83
CA ASP D 121 11.63 10.19 25.31
C ASP D 121 10.87 11.16 26.24
N GLY D 122 11.62 11.86 27.07
CA GLY D 122 11.04 12.76 28.06
C GLY D 122 11.96 13.94 28.36
N ILE D 123 11.58 14.72 29.37
CA ILE D 123 12.31 15.89 29.78
C ILE D 123 12.50 15.78 31.30
N LEU D 124 13.71 16.05 31.74
CA LEU D 124 14.08 16.08 33.12
C LEU D 124 14.51 17.53 33.40
N GLY D 125 13.70 18.20 34.23
CA GLY D 125 13.98 19.58 34.56
C GLY D 125 14.91 19.66 35.75
N LEU D 126 15.73 20.70 35.73
CA LEU D 126 16.76 20.99 36.68
C LEU D 126 16.66 22.41 37.21
N GLY D 127 15.50 23.03 37.12
CA GLY D 127 15.31 24.31 37.80
C GLY D 127 14.98 24.24 39.29
N TRP D 128 14.36 25.34 39.77
CA TRP D 128 14.02 25.51 41.20
C TRP D 128 12.58 25.11 41.48
N LYS D 129 12.29 24.75 42.74
CA LYS D 129 10.97 24.21 43.09
C LYS D 129 9.83 25.11 42.59
N ASP D 130 9.96 26.42 42.71
CA ASP D 130 8.87 27.33 42.35
C ASP D 130 8.60 27.35 40.85
N LEU D 131 9.47 26.73 40.06
CA LEU D 131 9.21 26.63 38.65
C LEU D 131 8.39 25.37 38.28
N SER D 132 8.29 24.43 39.20
CA SER D 132 7.70 23.12 38.91
C SER D 132 6.19 23.22 39.05
N ILE D 133 5.51 22.44 38.21
CA ILE D 133 4.10 22.13 38.39
C ILE D 133 3.98 21.06 39.46
N GLY D 134 3.23 21.34 40.55
CA GLY D 134 3.02 20.38 41.56
C GLY D 134 4.05 20.51 42.72
N SER D 135 4.82 21.56 42.72
CA SER D 135 5.78 21.92 43.85
C SER D 135 6.67 20.75 44.23
N VAL D 136 7.31 20.23 43.20
CA VAL D 136 8.23 19.12 43.35
C VAL D 136 9.60 19.63 43.71
N ASP D 137 10.17 19.10 44.77
CA ASP D 137 11.54 19.47 45.14
C ASP D 137 12.48 19.00 44.04
N PRO D 138 13.43 19.82 43.59
CA PRO D 138 14.40 19.35 42.57
C PRO D 138 15.16 18.11 43.00
N ILE D 139 15.48 17.27 42.02
CA ILE D 139 16.20 16.03 42.23
C ILE D 139 17.44 16.21 43.03
N VAL D 140 18.25 17.22 42.68
CA VAL D 140 19.54 17.38 43.33
C VAL D 140 19.43 17.87 44.79
N VAL D 141 18.44 18.70 45.07
CA VAL D 141 18.11 19.10 46.44
C VAL D 141 17.68 17.87 47.26
N GLU D 142 16.84 17.03 46.70
CA GLU D 142 16.38 15.82 47.39
C GLU D 142 17.53 14.87 47.71
N LEU D 143 18.45 14.74 46.76
CA LEU D 143 19.58 13.91 46.94
C LEU D 143 20.45 14.39 48.11
N LYS D 144 20.66 15.70 48.20
CA LYS D 144 21.47 16.26 49.23
C LYS D 144 20.77 16.08 50.60
N ASN D 145 19.47 16.33 50.64
CA ASN D 145 18.67 16.08 51.85
C ASN D 145 18.71 14.63 52.31
N GLN D 146 18.96 13.70 51.37
CA GLN D 146 19.10 12.28 51.71
C GLN D 146 20.56 11.88 51.91
N ASN D 147 21.43 12.88 52.05
CA ASN D 147 22.85 12.70 52.24
C ASN D 147 23.46 11.75 51.25
N LYS D 148 22.90 11.72 50.04
CA LYS D 148 23.44 10.92 48.98
C LYS D 148 24.53 11.68 48.25
N ILE D 149 24.57 13.01 48.44
CA ILE D 149 25.64 13.85 47.89
C ILE D 149 26.09 14.84 48.94
N GLU D 150 27.30 15.36 48.74
CA GLU D 150 27.93 16.35 49.62
C GLU D 150 27.34 17.76 49.44
N ASN D 151 27.17 18.15 48.20
CA ASN D 151 26.73 19.50 47.89
C ASN D 151 25.56 19.42 46.89
N ALA D 152 24.56 20.24 47.11
CA ALA D 152 23.40 20.28 46.24
C ALA D 152 23.80 21.15 45.06
N LEU D 153 24.57 20.59 44.13
CA LEU D 153 24.95 21.33 42.94
C LEU D 153 25.09 20.35 41.80
N PHE D 154 25.02 20.88 40.58
CA PHE D 154 25.27 20.07 39.39
C PHE D 154 26.03 20.96 38.40
N THR D 155 26.69 20.32 37.44
CA THR D 155 27.48 21.01 36.44
C THR D 155 27.18 20.44 35.08
N PHE D 156 27.30 21.31 34.09
CA PHE D 156 27.18 20.94 32.72
C PHE D 156 28.47 21.26 31.94
N TYR D 157 29.03 20.24 31.38
CA TYR D 157 30.07 20.28 30.36
C TYR D 157 29.45 19.75 29.02
N LEU D 158 29.09 20.61 28.07
CA LEU D 158 28.24 20.13 26.97
C LEU D 158 29.11 19.42 25.92
N PRO D 159 28.53 18.44 25.23
CA PRO D 159 29.19 17.80 24.06
C PRO D 159 29.28 18.80 22.91
N VAL D 160 30.21 18.52 22.03
CA VAL D 160 30.42 19.26 20.76
C VAL D 160 30.50 18.24 19.60
N HIS D 161 29.63 18.41 18.60
CA HIS D 161 29.43 17.42 17.54
C HIS D 161 30.73 17.02 16.88
N ASP D 162 30.98 15.71 16.76
CA ASP D 162 32.25 15.17 16.26
C ASP D 162 33.50 15.82 16.90
N LYS D 163 33.43 16.19 18.18
CA LYS D 163 34.62 16.64 18.88
C LYS D 163 34.78 15.86 20.16
N HIS D 164 33.75 15.93 21.02
CA HIS D 164 33.85 15.27 22.31
C HIS D 164 32.48 15.15 22.92
N THR D 165 32.43 14.22 23.87
CA THR D 165 31.24 13.94 24.59
C THR D 165 31.07 14.98 25.69
N GLY D 166 29.92 14.94 26.37
CA GLY D 166 29.75 15.86 27.51
C GLY D 166 29.28 15.12 28.77
N PHE D 167 29.14 15.87 29.84
CA PHE D 167 28.75 15.32 31.12
C PHE D 167 27.83 16.28 31.88
N LEU D 168 26.76 15.72 32.44
CA LEU D 168 26.07 16.33 33.58
C LEU D 168 26.69 15.67 34.84
N THR D 169 27.23 16.47 35.74
CA THR D 169 27.83 15.98 36.94
C THR D 169 27.04 16.43 38.18
N ILE D 170 26.55 15.50 38.96
CA ILE D 170 25.84 15.85 40.17
C ILE D 170 26.71 15.66 41.43
N GLY D 171 26.80 16.72 42.25
CA GLY D 171 27.39 16.65 43.61
C GLY D 171 28.74 17.30 43.81
N GLY D 172 29.42 17.62 42.72
CA GLY D 172 30.70 18.31 42.85
C GLY D 172 31.23 18.82 41.54
N ILE D 173 32.29 19.63 41.65
CA ILE D 173 32.88 20.33 40.53
C ILE D 173 34.15 19.61 40.13
N GLU D 174 34.27 19.22 38.88
CA GLU D 174 35.52 18.58 38.40
C GLU D 174 36.35 19.47 37.52
N GLU D 175 37.61 19.55 37.91
CA GLU D 175 38.61 20.37 37.21
C GLU D 175 38.86 20.01 35.79
N ARG D 176 38.70 18.75 35.43
CA ARG D 176 38.90 18.33 34.04
C ARG D 176 37.97 19.00 33.05
N PHE D 177 36.90 19.60 33.53
CA PHE D 177 35.97 20.26 32.63
C PHE D 177 36.22 21.69 32.21
N TYR D 178 37.06 22.40 32.92
CA TYR D 178 37.18 23.76 32.67
C TYR D 178 38.63 24.25 32.76
N GLU D 179 38.89 25.35 32.10
CA GLU D 179 40.16 26.08 32.24
C GLU D 179 39.96 27.55 32.59
N GLY D 180 40.83 28.08 33.42
CA GLY D 180 40.66 29.47 33.74
C GLY D 180 39.74 29.67 34.92
N PRO D 181 39.45 30.92 35.17
CA PRO D 181 38.84 31.29 36.42
C PRO D 181 37.37 30.85 36.36
N LEU D 182 36.91 30.28 37.45
CA LEU D 182 35.46 30.02 37.74
C LEU D 182 34.93 31.16 38.57
N THR D 183 33.93 31.86 38.05
CA THR D 183 33.39 33.02 38.72
C THR D 183 31.93 32.75 39.07
N TYR D 184 31.51 33.04 40.32
CA TYR D 184 30.15 32.79 40.69
C TYR D 184 29.29 34.02 40.65
N GLU D 185 28.08 33.87 40.07
CA GLU D 185 27.12 34.93 39.94
C GLU D 185 25.89 34.57 40.76
N LYS D 186 25.53 35.41 41.70
CA LYS D 186 24.38 35.15 42.56
C LYS D 186 23.06 35.22 41.72
N LEU D 187 22.14 34.33 42.01
CA LEU D 187 20.79 34.38 41.41
C LEU D 187 20.03 35.62 41.84
N ASN D 188 19.33 36.21 40.90
CA ASN D 188 18.43 37.29 41.22
C ASN D 188 17.07 36.76 41.70
N HIS D 189 16.72 35.54 41.34
CA HIS D 189 15.51 34.87 41.82
C HIS D 189 15.77 33.38 41.87
N ASP D 190 15.15 32.68 42.79
CA ASP D 190 15.21 31.22 42.86
C ASP D 190 14.04 30.62 42.03
N LEU D 191 14.20 30.65 40.72
CA LEU D 191 13.10 30.27 39.80
C LEU D 191 13.79 29.60 38.60
N TYR D 192 14.20 30.39 37.62
CA TYR D 192 15.17 29.96 36.61
C TYR D 192 16.51 30.14 37.23
N TRP D 193 17.52 29.60 36.54
CA TRP D 193 18.95 29.92 36.89
C TRP D 193 19.27 31.25 36.20
N GLN D 194 18.85 32.30 36.91
CA GLN D 194 18.79 33.63 36.35
C GLN D 194 19.65 34.58 37.16
N ILE D 195 20.50 35.30 36.45
CA ILE D 195 21.51 36.18 37.06
C ILE D 195 21.45 37.52 36.39
N THR D 196 22.05 38.53 37.01
CA THR D 196 22.07 39.85 36.46
C THR D 196 23.46 40.18 35.88
N LEU D 197 23.52 40.57 34.61
CA LEU D 197 24.78 40.91 33.91
C LEU D 197 24.54 42.13 33.01
N ASP D 198 25.60 42.92 32.80
CA ASP D 198 25.56 44.00 31.83
C ASP D 198 25.88 43.40 30.50
N ALA D 199 25.15 43.78 29.46
CA ALA D 199 25.30 43.18 28.10
C ALA D 199 25.76 44.28 27.20
N HIS D 200 26.76 43.99 26.38
CA HIS D 200 27.31 44.97 25.41
C HIS D 200 27.56 44.28 24.08
N VAL D 201 27.24 44.96 22.99
CA VAL D 201 27.81 44.65 21.67
C VAL D 201 28.22 46.00 21.10
N GLY D 202 29.52 46.30 21.07
CA GLY D 202 30.02 47.67 20.80
C GLY D 202 29.36 48.72 21.66
N ASN D 203 28.70 49.71 21.03
CA ASN D 203 28.00 50.75 21.79
C ASN D 203 26.59 50.38 22.20
N ILE D 204 26.12 49.25 21.70
CA ILE D 204 24.79 48.77 22.00
C ILE D 204 24.89 48.18 23.40
N SER D 205 24.14 48.72 24.33
CA SER D 205 24.28 48.20 25.71
C SER D 205 22.97 48.12 26.43
N LEU D 206 22.90 47.16 27.35
CA LEU D 206 21.78 46.98 28.24
C LEU D 206 22.33 46.64 29.58
N GLU D 207 22.16 47.56 30.53
CA GLU D 207 22.68 47.39 31.88
C GLU D 207 21.75 46.56 32.75
N LYS D 208 22.31 45.69 33.55
CA LYS D 208 21.52 44.89 34.47
C LYS D 208 20.44 44.06 33.75
N ALA D 209 20.84 43.45 32.64
CA ALA D 209 19.97 42.45 32.03
C ALA D 209 19.80 41.21 32.92
N ASN D 210 18.61 40.64 32.86
CA ASN D 210 18.30 39.37 33.45
C ASN D 210 18.77 38.27 32.47
N CYS D 211 19.65 37.40 32.90
CA CYS D 211 20.23 36.38 32.01
C CYS D 211 19.84 35.03 32.57
N ILE D 212 19.12 34.25 31.77
CA ILE D 212 18.67 32.90 32.16
C ILE D 212 19.56 31.89 31.46
N VAL D 213 20.17 31.02 32.26
CA VAL D 213 21.00 29.95 31.73
C VAL D 213 20.09 28.73 31.55
N ASP D 214 19.87 28.41 30.27
CA ASP D 214 18.85 27.42 29.87
C ASP D 214 19.33 26.32 28.91
N SER D 215 19.63 25.14 29.47
CA SER D 215 20.19 24.07 28.65
C SER D 215 19.21 23.50 27.66
N GLY D 216 17.94 23.78 27.88
CA GLY D 216 16.86 23.27 27.06
C GLY D 216 16.53 24.08 25.82
N THR D 217 17.34 25.12 25.55
CA THR D 217 17.07 25.99 24.42
C THR D 217 18.29 25.98 23.53
N SER D 218 18.12 25.81 22.22
CA SER D 218 19.27 25.70 21.34
C SER D 218 19.72 27.07 20.80
N ALA D 219 19.20 28.16 21.34
CA ALA D 219 19.56 29.48 20.89
C ALA D 219 19.97 30.43 21.97
N ILE D 220 20.51 31.55 21.56
CA ILE D 220 20.56 32.75 22.42
C ILE D 220 19.34 33.61 22.09
N THR D 221 18.65 34.12 23.10
CA THR D 221 17.56 35.08 22.82
C THR D 221 18.00 36.43 23.36
N VAL D 222 17.55 37.50 22.70
CA VAL D 222 18.00 38.84 22.97
C VAL D 222 16.76 39.78 22.88
N PRO D 223 16.72 40.85 23.67
CA PRO D 223 15.69 41.84 23.49
C PRO D 223 15.65 42.34 22.06
N THR D 224 14.42 42.54 21.55
CA THR D 224 14.30 42.79 20.08
C THR D 224 14.96 44.10 19.60
N ASP D 225 14.95 45.13 20.42
CA ASP D 225 15.60 46.41 20.01
C ASP D 225 17.14 46.27 20.00
N PHE D 226 17.62 45.55 20.96
CA PHE D 226 19.05 45.20 21.03
C PHE D 226 19.47 44.45 19.74
N LEU D 227 18.74 43.42 19.39
CA LEU D 227 19.01 42.57 18.21
C LEU D 227 18.96 43.44 16.95
N ASN D 228 17.94 44.30 16.86
CA ASN D 228 17.76 45.14 15.67
C ASN D 228 18.94 46.04 15.51
N LYS D 229 19.44 46.61 16.61
CA LYS D 229 20.56 47.52 16.48
C LYS D 229 21.83 46.72 16.18
N MET D 230 21.99 45.54 16.77
CA MET D 230 23.26 44.84 16.48
C MET D 230 23.30 44.29 15.03
N LEU D 231 22.17 44.09 14.37
CA LEU D 231 22.20 43.52 13.04
C LEU D 231 22.29 44.56 11.94
N GLN D 232 22.32 45.85 12.28
CA GLN D 232 22.43 46.92 11.27
C GLN D 232 23.73 46.89 10.50
N ASN D 233 23.62 46.83 9.17
CA ASN D 233 24.78 46.92 8.27
C ASN D 233 25.77 45.77 8.43
N LEU D 234 25.26 44.56 8.62
CA LEU D 234 26.10 43.43 8.98
C LEU D 234 26.23 42.42 7.86
N ASP D 235 25.34 42.50 6.87
CA ASP D 235 25.26 41.55 5.75
C ASP D 235 24.49 40.30 6.20
N VAL D 236 23.33 40.53 6.81
CA VAL D 236 22.47 39.49 7.32
C VAL D 236 21.05 39.66 6.75
N ILE D 237 20.34 38.55 6.50
CA ILE D 237 19.03 38.59 5.82
C ILE D 237 18.00 37.77 6.57
N LYS D 238 16.75 38.24 6.60
CA LYS D 238 15.67 37.49 7.23
C LYS D 238 14.66 37.05 6.17
N PHE D 244 14.28 33.90 12.21
CA PHE D 244 15.68 33.47 11.99
C PHE D 244 16.38 34.23 10.86
N TYR D 245 17.67 34.52 11.04
CA TYR D 245 18.47 35.25 10.07
C TYR D 245 19.61 34.41 9.49
N VAL D 246 20.01 34.76 8.26
CA VAL D 246 21.08 34.06 7.54
C VAL D 246 22.22 34.98 7.13
N THR D 247 23.40 34.39 7.00
CA THR D 247 24.64 35.09 6.75
C THR D 247 25.61 34.09 6.07
N LEU D 248 26.65 34.60 5.40
CA LEU D 248 27.82 33.81 5.01
C LEU D 248 28.58 33.44 6.28
N CYS D 249 29.07 32.20 6.33
CA CYS D 249 29.71 31.72 7.54
C CYS D 249 30.97 32.48 7.80
N ASN D 250 31.61 33.02 6.76
CA ASN D 250 32.88 33.72 7.01
C ASN D 250 32.76 35.22 7.03
N ASN D 251 31.52 35.70 7.14
CA ASN D 251 31.29 37.14 7.30
C ASN D 251 32.04 37.66 8.50
N SER D 252 33.00 38.57 8.29
CA SER D 252 33.82 39.05 9.41
C SER D 252 33.27 40.31 10.08
N LYS D 253 32.09 40.76 9.74
CA LYS D 253 31.47 41.85 10.51
C LYS D 253 30.57 41.35 11.66
N LEU D 254 30.39 40.04 11.80
CA LEU D 254 29.55 39.56 12.90
C LEU D 254 30.13 39.97 14.25
N PRO D 255 29.27 40.46 15.16
CA PRO D 255 29.68 40.95 16.46
C PRO D 255 29.85 39.82 17.50
N THR D 256 30.61 40.12 18.54
CA THR D 256 30.77 39.28 19.73
C THR D 256 29.94 39.86 20.89
N PHE D 257 29.11 39.04 21.55
CA PHE D 257 28.43 39.52 22.77
C PHE D 257 29.46 39.62 23.93
N GLU D 258 29.32 40.60 24.83
CA GLU D 258 30.11 40.64 26.03
C GLU D 258 29.09 40.84 27.14
N PHE D 259 29.24 40.02 28.18
CA PHE D 259 28.45 40.12 29.40
C PHE D 259 29.41 40.32 30.57
N THR D 260 29.10 41.27 31.43
CA THR D 260 29.97 41.56 32.53
C THR D 260 29.22 41.65 33.83
N SER D 261 29.92 41.23 34.90
CA SER D 261 29.53 41.55 36.25
C SER D 261 30.63 42.31 36.96
N GLU D 262 30.46 42.67 38.25
CA GLU D 262 31.62 43.20 39.00
C GLU D 262 32.76 42.20 39.10
N ASN D 263 32.48 40.89 39.02
CA ASN D 263 33.55 39.88 39.22
C ASN D 263 34.07 39.17 37.99
N GLY D 264 33.31 39.22 36.89
CA GLY D 264 33.65 38.38 35.75
C GLY D 264 33.21 38.97 34.44
N LYS D 265 33.79 38.45 33.37
CA LYS D 265 33.51 38.91 32.03
C LYS D 265 33.37 37.66 31.16
N TYR D 266 32.30 37.62 30.37
CA TYR D 266 31.99 36.45 29.54
C TYR D 266 31.70 36.89 28.13
N THR D 267 32.30 36.29 27.12
CA THR D 267 32.01 36.73 25.75
C THR D 267 31.51 35.59 24.91
N LEU D 268 30.79 35.90 23.84
CA LEU D 268 30.34 34.86 22.93
C LEU D 268 30.55 35.31 21.49
N GLU D 269 31.51 34.61 20.85
CA GLU D 269 31.98 34.92 19.48
C GLU D 269 31.07 34.26 18.42
N PRO D 270 31.12 34.74 17.18
CA PRO D 270 30.25 34.13 16.14
C PRO D 270 30.36 32.62 15.97
N GLU D 271 31.56 32.10 16.15
CA GLU D 271 31.73 30.69 15.95
C GLU D 271 30.82 29.88 16.85
N TYR D 272 30.35 30.46 17.97
CA TYR D 272 29.45 29.74 18.86
C TYR D 272 27.98 29.91 18.51
N TYR D 273 27.63 30.96 17.78
CA TYR D 273 26.20 31.17 17.49
C TYR D 273 25.77 30.94 16.03
N LEU D 274 26.64 30.36 15.21
CA LEU D 274 26.33 30.14 13.80
C LEU D 274 26.08 28.67 13.60
N GLN D 275 24.96 28.33 12.98
CA GLN D 275 24.73 26.95 12.57
C GLN D 275 24.86 26.87 11.03
N HIS D 276 25.64 25.92 10.52
CA HIS D 276 25.72 25.73 9.05
C HIS D 276 24.40 25.24 8.45
N ILE D 277 24.09 25.75 7.27
CA ILE D 277 22.86 25.39 6.57
C ILE D 277 23.13 25.21 5.08
N GLU D 278 24.06 24.30 4.77
CA GLU D 278 24.34 23.93 3.37
C GLU D 278 23.21 23.04 2.87
N ASP D 279 22.47 22.44 3.80
CA ASP D 279 21.11 21.99 3.55
C ASP D 279 20.35 22.89 2.57
N VAL D 280 20.69 24.17 2.50
CA VAL D 280 19.93 25.16 1.73
C VAL D 280 20.73 26.06 0.78
N GLY D 281 21.99 26.33 1.07
CA GLY D 281 22.84 27.14 0.19
C GLY D 281 24.31 26.95 0.56
N PRO D 282 25.23 27.19 -0.38
CA PRO D 282 26.66 26.98 -0.08
C PRO D 282 27.32 28.18 0.63
N GLY D 283 28.27 27.93 1.54
CA GLY D 283 28.86 29.02 2.38
C GLY D 283 27.94 29.63 3.48
N LEU D 284 26.70 29.13 3.57
CA LEU D 284 25.60 29.80 4.27
C LEU D 284 25.38 29.24 5.70
N CYS D 285 25.04 30.16 6.62
CA CYS D 285 24.88 29.88 8.05
C CYS D 285 23.61 30.55 8.55
N MET D 286 23.00 29.98 9.58
CA MET D 286 21.91 30.63 10.32
C MET D 286 22.49 31.19 11.62
N LEU D 287 22.13 32.39 11.98
CA LEU D 287 22.35 32.87 13.37
C LEU D 287 21.42 32.10 14.36
N ASN D 288 21.97 31.42 15.34
CA ASN D 288 21.20 30.81 16.42
C ASN D 288 20.89 31.88 17.46
N ILE D 289 20.21 32.93 17.02
CA ILE D 289 19.80 34.08 17.88
C ILE D 289 18.39 34.46 17.52
N ILE D 290 17.53 34.62 18.51
CA ILE D 290 16.14 34.98 18.29
C ILE D 290 15.81 36.22 19.19
N GLY D 291 14.99 37.11 18.67
CA GLY D 291 14.55 38.26 19.45
C GLY D 291 13.33 37.92 20.29
N LEU D 292 13.38 38.32 21.53
CA LEU D 292 12.27 38.07 22.47
C LEU D 292 12.23 39.10 23.58
N ASP D 293 11.07 39.72 23.76
CA ASP D 293 10.91 40.70 24.78
C ASP D 293 10.10 40.20 25.97
N PHE D 294 10.57 40.57 27.14
CA PHE D 294 9.91 40.23 28.42
C PHE D 294 9.80 41.49 29.28
N PRO D 295 9.00 41.43 30.34
CA PRO D 295 8.85 42.59 31.23
C PRO D 295 10.14 43.04 31.91
N VAL D 296 10.97 42.07 32.32
CA VAL D 296 12.36 42.35 32.67
C VAL D 296 13.17 41.99 31.40
N PRO D 297 13.90 42.94 30.86
CA PRO D 297 14.67 42.74 29.71
C PRO D 297 15.71 41.62 30.03
N THR D 298 15.68 40.59 29.18
CA THR D 298 16.31 39.31 29.41
C THR D 298 17.09 38.78 28.20
N PHE D 299 18.21 38.10 28.48
CA PHE D 299 18.90 37.27 27.51
C PHE D 299 18.75 35.84 27.94
N ILE D 300 18.36 34.94 27.05
CA ILE D 300 18.37 33.54 27.41
C ILE D 300 19.65 32.97 26.82
N LEU D 301 20.51 32.48 27.71
CA LEU D 301 21.82 31.91 27.38
C LEU D 301 21.66 30.42 27.30
N GLY D 302 21.27 29.98 26.13
CA GLY D 302 21.05 28.58 25.89
C GLY D 302 22.32 27.88 25.49
N ASP D 303 22.12 26.81 24.73
CA ASP D 303 23.20 25.88 24.44
C ASP D 303 24.43 26.54 23.82
N PRO D 304 24.27 27.58 22.98
CA PRO D 304 25.47 28.16 22.38
C PRO D 304 26.42 28.72 23.40
N PHE D 305 25.87 29.32 24.44
CA PHE D 305 26.68 29.84 25.53
C PHE D 305 27.31 28.73 26.33
N MET D 306 26.50 27.73 26.62
CA MET D 306 26.91 26.61 27.44
C MET D 306 27.92 25.71 26.73
N ARG D 307 27.93 25.74 25.42
CA ARG D 307 28.99 25.03 24.68
C ARG D 307 30.40 25.65 24.89
N LYS D 308 30.45 26.96 25.06
CA LYS D 308 31.71 27.63 25.30
C LYS D 308 32.06 27.59 26.78
N TYR D 309 31.06 27.74 27.66
CA TYR D 309 31.28 27.91 29.09
C TYR D 309 30.77 26.72 29.86
N PHE D 310 31.65 26.06 30.60
CA PHE D 310 31.29 25.15 31.68
C PHE D 310 30.44 25.90 32.71
N THR D 311 29.37 25.25 33.20
CA THR D 311 28.46 25.92 34.13
C THR D 311 28.17 25.07 35.38
N VAL D 312 28.11 25.73 36.52
CA VAL D 312 27.92 25.14 37.82
C VAL D 312 26.64 25.79 38.41
N PHE D 313 25.68 24.92 38.77
CA PHE D 313 24.34 25.33 39.28
C PHE D 313 24.30 24.90 40.72
N ASP D 314 24.37 25.87 41.61
CA ASP D 314 24.52 25.63 43.02
C ASP D 314 23.30 26.03 43.82
N TYR D 315 22.59 25.07 44.33
CA TYR D 315 21.41 25.31 45.11
C TYR D 315 21.67 25.86 46.49
N ASP D 316 22.73 25.36 47.11
CA ASP D 316 23.11 25.73 48.47
C ASP D 316 23.48 27.17 48.51
N ASN D 317 24.25 27.64 47.51
CA ASN D 317 24.66 29.01 47.46
C ASN D 317 23.88 29.92 46.53
N HIS D 318 22.78 29.42 45.96
CA HIS D 318 21.95 30.25 45.10
C HIS D 318 22.80 30.99 44.08
N SER D 319 23.60 30.27 43.28
CA SER D 319 24.49 30.94 42.34
C SER D 319 24.76 30.04 41.12
N VAL D 320 25.20 30.69 40.05
CA VAL D 320 25.72 30.01 38.90
C VAL D 320 27.21 30.33 38.77
N GLY D 321 28.02 29.31 38.64
CA GLY D 321 29.44 29.47 38.30
C GLY D 321 29.68 29.29 36.83
N ILE D 322 30.63 30.06 36.31
CA ILE D 322 30.88 30.17 34.91
C ILE D 322 32.40 30.13 34.71
N ALA D 323 32.82 29.18 33.87
CA ALA D 323 34.26 29.04 33.49
C ALA D 323 34.39 28.52 32.04
N LEU D 324 35.46 28.89 31.33
CA LEU D 324 35.68 28.34 29.96
C LEU D 324 35.74 26.85 29.99
N ALA D 325 35.01 26.18 29.12
CA ALA D 325 34.97 24.76 29.10
C ALA D 325 36.30 24.30 28.43
N LYS D 326 36.82 23.19 28.87
CA LYS D 326 38.01 22.63 28.20
C LYS D 326 37.67 22.28 26.80
N LYS D 327 38.54 22.56 25.82
CA LYS D 327 38.22 22.23 24.41
C LYS D 327 38.17 20.73 24.12
N ASN D 328 38.93 19.94 24.87
CA ASN D 328 38.82 18.48 24.82
C ASN D 328 39.18 17.80 26.14
N LEU D 329 38.69 16.57 26.30
CA LEU D 329 39.00 15.79 27.49
C LEU D 329 40.18 14.79 27.30
N SER E 2 -17.77 63.79 39.35
CA SER E 2 -17.96 62.39 38.87
C SER E 2 -16.69 61.80 38.20
N ASN E 3 -16.85 60.60 37.65
CA ASN E 3 -15.72 59.79 37.26
C ASN E 3 -15.75 59.70 35.75
N ASP E 4 -14.81 58.97 35.22
CA ASP E 4 -14.64 58.84 33.81
C ASP E 4 -15.24 57.48 33.46
N ASN E 5 -16.40 57.49 32.80
CA ASN E 5 -17.10 56.27 32.39
C ASN E 5 -16.84 55.99 30.92
N ILE E 6 -16.37 54.79 30.61
CA ILE E 6 -16.20 54.35 29.18
C ILE E 6 -17.16 53.19 28.90
N GLU E 7 -18.01 53.32 27.88
CA GLU E 7 -18.93 52.31 27.56
C GLU E 7 -18.26 51.05 27.07
N LEU E 8 -18.77 49.92 27.54
CA LEU E 8 -18.30 48.64 27.10
C LEU E 8 -19.40 48.01 26.22
N VAL E 9 -19.05 47.59 25.02
CA VAL E 9 -20.08 47.07 24.12
C VAL E 9 -19.88 45.62 23.83
N ASP E 10 -20.93 44.85 24.07
CA ASP E 10 -20.99 43.47 23.69
C ASP E 10 -20.96 43.35 22.15
N PHE E 11 -20.15 42.41 21.71
CA PHE E 11 -20.07 42.03 20.31
C PHE E 11 -20.63 40.65 20.18
N GLN E 12 -21.87 40.54 19.69
CA GLN E 12 -22.49 39.26 19.37
C GLN E 12 -22.35 38.20 20.49
N ASN E 13 -22.41 38.63 21.74
CA ASN E 13 -22.30 37.74 22.90
C ASN E 13 -21.02 36.93 22.96
N ILE E 14 -20.01 37.39 22.28
CA ILE E 14 -18.74 36.67 22.09
C ILE E 14 -17.65 37.36 22.93
N MET E 15 -17.53 38.70 22.79
CA MET E 15 -16.61 39.52 23.59
C MET E 15 -17.22 40.92 23.81
N PHE E 16 -16.57 41.74 24.65
CA PHE E 16 -16.88 43.17 24.75
C PHE E 16 -15.67 44.02 24.53
N TYR E 17 -15.93 45.19 23.98
CA TYR E 17 -14.90 46.12 23.63
C TYR E 17 -15.19 47.51 24.18
N GLY E 18 -14.18 48.34 24.25
CA GLY E 18 -14.37 49.75 24.57
C GLY E 18 -13.57 50.59 23.57
N ASP E 19 -13.99 51.82 23.30
CA ASP E 19 -13.21 52.75 22.50
C ASP E 19 -12.28 53.63 23.32
N ALA E 20 -11.18 54.03 22.69
CA ALA E 20 -10.36 55.09 23.19
C ALA E 20 -9.67 55.70 21.97
N GLU E 21 -8.98 56.80 22.17
CA GLU E 21 -8.39 57.56 21.08
C GLU E 21 -6.96 57.82 21.35
N VAL E 22 -6.22 58.03 20.26
CA VAL E 22 -4.84 58.37 20.31
C VAL E 22 -4.57 59.59 19.38
N GLY E 23 -3.72 60.51 19.86
CA GLY E 23 -3.28 61.65 19.05
C GLY E 23 -4.12 62.85 19.42
N ASP E 24 -3.63 64.04 19.10
CA ASP E 24 -4.41 65.24 19.40
C ASP E 24 -5.62 65.42 18.49
N ASN E 25 -5.64 64.74 17.37
CA ASN E 25 -6.82 64.68 16.55
C ASN E 25 -7.76 63.51 16.91
N GLN E 26 -7.55 62.88 18.06
CA GLN E 26 -8.49 61.85 18.62
C GLN E 26 -8.84 60.75 17.64
N GLN E 27 -7.81 60.10 17.12
CA GLN E 27 -7.99 59.00 16.23
C GLN E 27 -8.60 57.84 17.06
N PRO E 28 -9.73 57.29 16.62
CA PRO E 28 -10.53 56.28 17.27
C PRO E 28 -10.07 54.86 17.02
N PHE E 29 -10.12 54.04 18.07
CA PHE E 29 -9.81 52.61 18.03
C PHE E 29 -10.72 51.87 18.96
N THR E 30 -11.02 50.64 18.56
CA THR E 30 -11.73 49.66 19.39
C THR E 30 -10.69 48.76 20.10
N PHE E 31 -10.80 48.68 21.44
CA PHE E 31 -9.83 47.95 22.23
C PHE E 31 -10.45 46.84 22.99
N ILE E 32 -9.70 45.76 23.15
CA ILE E 32 -9.90 44.90 24.32
C ILE E 32 -9.27 45.60 25.52
N LEU E 33 -10.01 45.66 26.64
CA LEU E 33 -9.55 46.32 27.87
C LEU E 33 -9.22 45.18 28.79
N ASP E 34 -7.92 44.99 29.02
CA ASP E 34 -7.36 43.72 29.47
C ASP E 34 -6.66 43.84 30.83
N THR E 35 -7.31 43.41 31.90
CA THR E 35 -6.66 43.51 33.23
C THR E 35 -5.51 42.43 33.29
N GLY E 36 -5.45 41.49 32.34
CA GLY E 36 -4.45 40.46 32.27
C GLY E 36 -3.22 40.82 31.47
N SER E 37 -3.04 42.09 31.09
CA SER E 37 -1.86 42.55 30.46
C SER E 37 -1.62 43.99 30.81
N ALA E 38 -0.51 44.55 30.33
CA ALA E 38 -0.09 45.85 30.77
C ALA E 38 0.53 46.75 29.71
N ASN E 39 0.14 46.57 28.45
CA ASN E 39 0.64 47.44 27.41
C ASN E 39 -0.54 47.88 26.57
N LEU E 40 -0.39 49.04 25.97
CA LEU E 40 -1.34 49.58 24.98
C LEU E 40 -0.70 49.52 23.60
N TRP E 41 -1.42 48.98 22.63
CA TRP E 41 -0.92 48.99 21.27
C TRP E 41 -2.05 49.25 20.28
N VAL E 42 -1.66 49.91 19.21
CA VAL E 42 -2.54 50.20 18.06
C VAL E 42 -1.81 49.91 16.74
N PRO E 43 -2.55 49.43 15.74
CA PRO E 43 -1.95 49.20 14.40
C PRO E 43 -1.65 50.52 13.70
N SER E 44 -0.51 50.60 13.06
CA SER E 44 -0.03 51.81 12.45
C SER E 44 -0.49 51.88 10.95
N VAL E 45 -0.57 53.09 10.44
CA VAL E 45 -0.79 53.26 8.97
C VAL E 45 0.43 52.72 8.24
N LYS E 46 1.57 52.61 8.93
CA LYS E 46 2.78 51.96 8.38
C LYS E 46 2.73 50.43 8.40
N CYS E 47 1.64 49.84 8.86
CA CYS E 47 1.59 48.39 8.95
C CYS E 47 1.50 47.76 7.54
N THR E 48 2.30 46.74 7.34
CA THR E 48 2.51 46.11 6.06
C THR E 48 1.90 44.73 5.92
N THR E 49 0.99 44.36 6.83
CA THR E 49 0.47 43.02 6.88
C THR E 49 -1.02 43.03 6.61
N ALA E 50 -1.52 41.90 6.09
CA ALA E 50 -2.89 41.83 5.59
C ALA E 50 -3.94 42.07 6.68
N GLY E 51 -3.65 41.60 7.89
CA GLY E 51 -4.48 41.89 9.07
C GLY E 51 -4.87 43.35 9.28
N CYS E 52 -3.97 44.28 8.99
CA CYS E 52 -4.26 45.69 9.17
C CYS E 52 -5.27 46.33 8.20
N LEU E 53 -5.60 45.62 7.13
CA LEU E 53 -6.36 46.16 6.01
C LEU E 53 -7.68 46.68 6.49
N THR E 54 -8.35 45.95 7.36
CA THR E 54 -9.68 46.35 7.80
C THR E 54 -9.74 47.06 9.14
N LYS E 55 -8.61 47.40 9.73
CA LYS E 55 -8.57 47.97 11.05
C LYS E 55 -8.57 49.48 10.98
N HIS E 56 -8.98 50.16 12.06
CA HIS E 56 -8.61 51.58 12.24
C HIS E 56 -7.15 51.69 12.52
N LEU E 57 -6.45 52.60 11.83
CA LEU E 57 -5.03 52.68 11.92
C LEU E 57 -4.54 53.99 12.47
N TYR E 58 -3.39 54.00 13.11
CA TYR E 58 -2.84 55.18 13.74
C TYR E 58 -1.82 55.85 12.82
N ASP E 59 -1.99 57.15 12.64
CA ASP E 59 -1.14 57.97 11.77
C ASP E 59 -0.49 59.10 12.60
N SER E 60 0.74 58.89 12.97
CA SER E 60 1.47 59.78 13.86
C SER E 60 1.67 61.15 13.19
N SER E 61 1.66 61.17 11.86
CA SER E 61 1.89 62.40 11.08
C SER E 61 0.74 63.36 11.18
N LYS E 62 -0.43 62.90 11.63
CA LYS E 62 -1.57 63.76 11.73
C LYS E 62 -1.79 64.25 13.12
N SER E 63 -0.93 63.85 14.07
CA SER E 63 -0.99 64.32 15.45
C SER E 63 0.15 65.24 15.86
N ARG E 64 -0.20 66.43 16.38
CA ARG E 64 0.82 67.41 16.83
C ARG E 64 1.51 67.05 18.14
N THR E 65 0.93 66.12 18.88
CA THR E 65 1.48 65.75 20.17
C THR E 65 2.29 64.45 20.04
N TYR E 66 2.44 63.91 18.86
CA TYR E 66 3.28 62.71 18.69
C TYR E 66 4.74 63.01 19.08
N GLU E 67 5.34 62.14 19.90
CA GLU E 67 6.77 62.20 20.15
C GLU E 67 7.37 60.88 19.74
N LYS E 68 8.37 60.94 18.89
CA LYS E 68 9.04 59.73 18.37
C LYS E 68 9.80 59.02 19.48
N ASP E 69 9.78 57.68 19.47
CA ASP E 69 10.66 56.84 20.37
C ASP E 69 11.38 55.87 19.43
N GLY E 70 10.69 54.87 18.92
CA GLY E 70 11.21 54.06 17.82
C GLY E 70 11.90 52.76 18.30
N THR E 71 11.99 52.61 19.61
CA THR E 71 12.49 51.36 20.23
C THR E 71 11.66 50.19 19.74
N LYS E 72 12.32 49.18 19.18
CA LYS E 72 11.62 48.00 18.71
C LYS E 72 11.05 47.20 19.89
N VAL E 73 9.87 46.62 19.64
CA VAL E 73 9.26 45.75 20.61
C VAL E 73 8.26 44.76 20.00
N GLU E 74 8.12 43.58 20.64
CA GLU E 74 7.18 42.54 20.21
C GLU E 74 6.41 42.10 21.46
N MET E 75 5.11 42.06 21.36
CA MET E 75 4.21 41.53 22.40
C MET E 75 3.77 40.13 22.09
N ASN E 76 3.77 39.26 23.11
CA ASN E 76 3.45 37.87 22.97
C ASN E 76 2.27 37.56 23.86
N TYR E 77 1.24 37.06 23.24
CA TYR E 77 0.05 36.60 23.91
C TYR E 77 -0.07 35.15 23.61
N VAL E 78 -1.04 34.47 24.24
CA VAL E 78 -1.29 33.06 23.89
C VAL E 78 -1.70 32.87 22.42
N SER E 79 -2.54 33.76 21.95
CA SER E 79 -3.04 33.80 20.57
C SER E 79 -2.01 34.25 19.52
N GLY E 80 -0.83 34.70 19.98
CA GLY E 80 0.18 35.15 19.06
C GLY E 80 0.86 36.47 19.42
N THR E 81 1.54 37.01 18.44
CA THR E 81 2.55 38.05 18.63
C THR E 81 2.24 39.16 17.67
N VAL E 82 2.38 40.38 18.17
CA VAL E 82 2.43 41.56 17.30
C VAL E 82 3.70 42.31 17.56
N SER E 83 4.17 42.99 16.55
CA SER E 83 5.36 43.71 16.70
C SER E 83 5.35 45.05 16.02
N GLY E 84 6.20 45.89 16.56
CA GLY E 84 6.32 47.28 16.16
C GLY E 84 7.36 48.02 16.96
N PHE E 85 7.04 49.28 17.34
CA PHE E 85 7.97 50.09 18.00
C PHE E 85 7.19 51.02 18.93
N PHE E 86 7.85 51.50 19.93
CA PHE E 86 7.23 52.42 20.84
C PHE E 86 7.08 53.79 20.25
N SER E 87 5.97 54.43 20.61
CA SER E 87 5.66 55.84 20.36
C SER E 87 5.05 56.47 21.59
N LYS E 88 4.98 57.80 21.56
CA LYS E 88 4.35 58.53 22.62
C LYS E 88 3.43 59.56 22.03
N ASP E 89 2.22 59.63 22.56
CA ASP E 89 1.21 60.58 22.05
C ASP E 89 0.18 60.74 23.12
N LEU E 90 -0.76 61.63 22.86
CA LEU E 90 -1.89 61.78 23.74
C LEU E 90 -2.81 60.59 23.63
N VAL E 91 -3.21 60.03 24.77
CA VAL E 91 -4.15 58.94 24.82
C VAL E 91 -5.36 59.40 25.58
N THR E 92 -6.51 59.24 24.92
CA THR E 92 -7.77 59.65 25.50
C THR E 92 -8.59 58.47 25.89
N VAL E 93 -8.83 58.37 27.19
CA VAL E 93 -9.72 57.32 27.71
CA VAL E 93 -9.71 57.32 27.73
C VAL E 93 -10.96 57.92 28.36
N GLY E 94 -12.08 57.76 27.67
CA GLY E 94 -13.34 58.36 28.08
C GLY E 94 -13.06 59.83 28.02
N ASN E 95 -13.39 60.53 29.09
CA ASN E 95 -13.21 61.97 29.11
C ASN E 95 -11.91 62.51 29.70
N LEU E 96 -10.88 61.67 29.81
CA LEU E 96 -9.59 62.09 30.30
C LEU E 96 -8.51 61.70 29.28
N SER E 97 -7.41 62.43 29.27
CA SER E 97 -6.35 62.15 28.35
C SER E 97 -5.06 62.46 29.02
N LEU E 98 -3.98 61.86 28.56
CA LEU E 98 -2.64 62.06 29.06
C LEU E 98 -1.63 61.61 27.99
N PRO E 99 -0.44 62.24 27.95
CA PRO E 99 0.66 61.79 27.10
C PRO E 99 1.07 60.39 27.56
N TYR E 100 1.20 59.42 26.67
CA TYR E 100 1.42 58.04 27.13
C TYR E 100 2.23 57.28 26.14
N LYS E 101 3.11 56.40 26.65
CA LYS E 101 3.87 55.52 25.78
C LYS E 101 3.07 54.28 25.38
N PHE E 102 3.04 53.98 24.10
CA PHE E 102 2.35 52.81 23.56
C PHE E 102 3.12 52.21 22.42
N ILE E 103 2.62 51.07 21.95
CA ILE E 103 3.25 50.40 20.83
C ILE E 103 2.47 50.61 19.53
N GLU E 104 3.16 51.15 18.56
CA GLU E 104 2.69 51.25 17.17
C GLU E 104 3.05 49.93 16.47
N VAL E 105 2.05 49.16 16.13
CA VAL E 105 2.21 47.84 15.57
C VAL E 105 2.33 47.94 14.02
N ILE E 106 3.36 47.28 13.51
CA ILE E 106 3.65 47.23 12.08
C ILE E 106 3.50 45.84 11.50
N ASP E 107 3.54 44.78 12.32
CA ASP E 107 3.42 43.44 11.77
C ASP E 107 2.52 42.57 12.67
N THR E 108 1.47 42.05 12.06
CA THR E 108 0.46 41.30 12.78
C THR E 108 0.41 39.88 12.26
N ASN E 109 1.36 39.46 11.43
CA ASN E 109 1.25 38.12 10.80
C ASN E 109 1.34 37.02 11.82
N GLY E 110 2.06 37.32 12.90
CA GLY E 110 2.17 36.38 13.98
C GLY E 110 0.96 36.34 14.90
N PHE E 111 -0.09 37.09 14.60
CA PHE E 111 -1.27 37.17 15.44
C PHE E 111 -2.50 36.78 14.63
N GLU E 112 -2.24 35.97 13.59
CA GLU E 112 -3.28 35.40 12.76
C GLU E 112 -3.56 33.93 13.10
N PRO E 113 -4.81 33.50 12.89
CA PRO E 113 -5.91 34.28 12.34
C PRO E 113 -6.74 35.08 13.35
N THR E 114 -6.34 35.12 14.62
CA THR E 114 -7.07 35.84 15.67
C THR E 114 -7.40 37.29 15.27
N TYR E 115 -6.43 38.00 14.75
CA TYR E 115 -6.62 39.42 14.51
C TYR E 115 -7.68 39.66 13.44
N THR E 116 -7.60 38.89 12.37
CA THR E 116 -8.58 38.98 11.25
C THR E 116 -9.98 38.50 11.65
N ALA E 117 -10.03 37.51 12.50
CA ALA E 117 -11.30 36.93 12.95
C ALA E 117 -12.06 37.79 13.96
N SER E 118 -11.37 38.77 14.54
CA SER E 118 -11.90 39.61 15.60
C SER E 118 -12.21 41.04 15.14
N THR E 119 -13.03 41.80 15.89
CA THR E 119 -13.35 43.17 15.50
C THR E 119 -12.68 44.28 16.33
N PHE E 120 -11.65 43.96 17.11
CA PHE E 120 -10.91 45.02 17.79
C PHE E 120 -9.74 45.51 16.94
N ASP E 121 -9.25 46.70 17.24
CA ASP E 121 -8.05 47.26 16.59
C ASP E 121 -6.78 46.97 17.42
N GLY E 122 -6.90 47.06 18.74
CA GLY E 122 -5.71 47.01 19.64
C GLY E 122 -6.11 46.47 20.98
N ILE E 123 -5.12 46.44 21.87
CA ILE E 123 -5.36 46.02 23.25
C ILE E 123 -4.84 47.12 24.18
N LEU E 124 -5.61 47.38 25.23
CA LEU E 124 -5.28 48.33 26.26
C LEU E 124 -5.22 47.55 27.60
N GLY E 125 -4.01 47.34 28.09
CA GLY E 125 -3.77 46.58 29.33
C GLY E 125 -3.98 47.46 30.55
N LEU E 126 -4.48 46.82 31.60
CA LEU E 126 -4.83 47.49 32.84
C LEU E 126 -4.22 46.77 34.07
N GLY E 127 -3.14 46.03 33.83
CA GLY E 127 -2.37 45.36 34.88
C GLY E 127 -1.39 46.29 35.56
N TRP E 128 -0.41 45.71 36.26
CA TRP E 128 0.56 46.46 37.00
C TRP E 128 1.83 46.69 36.21
N LYS E 129 2.65 47.64 36.65
CA LYS E 129 3.86 48.02 35.93
C LYS E 129 4.78 46.82 35.59
N ASP E 130 4.96 45.92 36.55
CA ASP E 130 5.87 44.83 36.43
C ASP E 130 5.39 43.80 35.39
N LEU E 131 4.14 43.86 34.93
CA LEU E 131 3.65 43.05 33.84
C LEU E 131 3.92 43.65 32.49
N SER E 132 4.34 44.89 32.45
CA SER E 132 4.49 45.63 31.17
C SER E 132 5.80 45.34 30.52
N ILE E 133 5.74 45.28 29.20
CA ILE E 133 6.92 45.35 28.40
C ILE E 133 7.34 46.77 28.29
N GLY E 134 8.57 47.09 28.70
CA GLY E 134 9.04 48.45 28.66
C GLY E 134 8.86 49.28 29.95
N SER E 135 8.45 48.66 31.03
CA SER E 135 8.33 49.34 32.33
C SER E 135 7.39 50.57 32.23
N VAL E 136 6.23 50.39 31.65
CA VAL E 136 5.31 51.52 31.43
C VAL E 136 4.42 51.65 32.65
N ASP E 137 4.39 52.80 33.28
CA ASP E 137 3.46 53.03 34.35
C ASP E 137 2.01 52.90 33.84
N PRO E 138 1.16 52.21 34.59
CA PRO E 138 -0.20 52.02 34.13
C PRO E 138 -0.91 53.36 33.97
N ILE E 139 -1.84 53.39 33.03
CA ILE E 139 -2.56 54.64 32.65
C ILE E 139 -3.24 55.20 33.88
N VAL E 140 -3.91 54.35 34.64
CA VAL E 140 -4.64 54.88 35.85
C VAL E 140 -3.70 55.39 36.89
N VAL E 141 -2.54 54.76 37.07
CA VAL E 141 -1.52 55.25 38.01
C VAL E 141 -1.04 56.63 37.50
N GLU E 142 -0.81 56.74 36.22
CA GLU E 142 -0.36 58.04 35.69
C GLU E 142 -1.41 59.15 35.79
N LEU E 143 -2.67 58.83 35.63
CA LEU E 143 -3.74 59.86 35.78
C LEU E 143 -3.78 60.38 37.20
N LYS E 144 -3.57 59.48 38.15
CA LYS E 144 -3.57 59.90 39.56
C LYS E 144 -2.35 60.72 39.84
N ASN E 145 -1.19 60.28 39.37
CA ASN E 145 0.03 61.07 39.54
C ASN E 145 -0.05 62.51 38.95
N GLN E 146 -0.91 62.73 37.95
CA GLN E 146 -1.04 64.02 37.27
C GLN E 146 -2.26 64.73 37.75
N ASN E 147 -2.89 64.22 38.80
CA ASN E 147 -3.99 64.87 39.44
C ASN E 147 -5.20 65.01 38.58
N LYS E 148 -5.42 64.02 37.71
CA LYS E 148 -6.60 64.05 36.87
C LYS E 148 -7.72 63.28 37.46
N ILE E 149 -7.39 62.49 38.49
CA ILE E 149 -8.39 61.70 39.19
C ILE E 149 -8.08 61.67 40.69
N GLU E 150 -9.16 61.49 41.44
CA GLU E 150 -9.18 61.34 42.90
C GLU E 150 -8.33 60.14 43.37
N ASN E 151 -8.70 58.99 42.84
CA ASN E 151 -8.15 57.70 43.33
C ASN E 151 -7.63 56.89 42.17
N ALA E 152 -6.51 56.23 42.38
CA ALA E 152 -5.92 55.39 41.36
C ALA E 152 -6.61 54.02 41.38
N LEU E 153 -7.82 54.03 40.92
CA LEU E 153 -8.65 52.87 40.77
C LEU E 153 -9.49 52.90 39.52
N PHE E 154 -9.93 51.72 39.10
CA PHE E 154 -10.91 51.58 38.02
C PHE E 154 -11.84 50.43 38.36
N THR E 155 -13.00 50.37 37.70
CA THR E 155 -14.00 49.41 37.94
C THR E 155 -14.57 48.86 36.66
N PHE E 156 -15.00 47.62 36.67
CA PHE E 156 -15.64 46.93 35.54
C PHE E 156 -17.04 46.49 35.84
N TYR E 157 -17.98 46.99 35.03
CA TYR E 157 -19.36 46.59 35.05
C TYR E 157 -19.64 46.07 33.62
N LEU E 158 -19.70 44.75 33.50
CA LEU E 158 -19.65 44.16 32.18
C LEU E 158 -21.03 44.18 31.57
N PRO E 159 -21.08 44.31 30.25
CA PRO E 159 -22.37 44.28 29.58
C PRO E 159 -22.97 42.86 29.63
N VAL E 160 -24.29 42.77 29.58
CA VAL E 160 -24.93 41.47 29.42
C VAL E 160 -25.77 41.52 28.13
N HIS E 161 -25.49 40.57 27.25
CA HIS E 161 -26.08 40.48 25.91
C HIS E 161 -27.58 40.62 25.98
N ASP E 162 -28.07 41.65 25.30
CA ASP E 162 -29.48 41.94 25.18
C ASP E 162 -30.17 42.36 26.47
N LYS E 163 -29.44 42.65 27.55
CA LYS E 163 -30.04 43.28 28.74
C LYS E 163 -29.54 44.70 28.87
N HIS E 164 -28.21 44.88 28.93
CA HIS E 164 -27.65 46.19 29.23
C HIS E 164 -26.19 46.35 28.79
N THR E 165 -25.83 47.58 28.55
CA THR E 165 -24.49 47.88 28.19
C THR E 165 -23.59 47.86 29.47
N GLY E 166 -22.29 48.06 29.28
CA GLY E 166 -21.30 48.02 30.41
C GLY E 166 -20.53 49.27 30.51
N PHE E 167 -19.72 49.39 31.57
CA PHE E 167 -18.81 50.47 31.69
C PHE E 167 -17.51 50.04 32.38
N LEU E 168 -16.44 50.61 31.86
CA LEU E 168 -15.19 50.79 32.58
C LEU E 168 -15.24 52.20 33.17
N THR E 169 -15.09 52.28 34.48
CA THR E 169 -15.07 53.58 35.14
C THR E 169 -13.73 53.79 35.81
N ILE E 170 -13.14 54.93 35.58
CA ILE E 170 -11.85 55.25 36.11
C ILE E 170 -12.00 56.34 37.13
N GLY E 171 -11.45 56.09 38.31
CA GLY E 171 -11.31 57.12 39.35
C GLY E 171 -12.22 57.09 40.56
N GLY E 172 -13.26 56.27 40.53
CA GLY E 172 -14.18 56.18 41.61
C GLY E 172 -15.20 55.10 41.38
N ILE E 173 -15.88 54.75 42.47
CA ILE E 173 -16.79 53.68 42.60
C ILE E 173 -18.22 54.21 42.59
N GLU E 174 -19.00 53.71 41.65
CA GLU E 174 -20.36 54.09 41.44
C GLU E 174 -21.34 53.05 41.93
N GLU E 175 -22.17 53.51 42.88
CA GLU E 175 -23.13 52.64 43.54
C GLU E 175 -24.13 52.03 42.63
N ARG E 176 -24.44 52.68 41.48
CA ARG E 176 -25.44 52.17 40.55
C ARG E 176 -25.04 50.85 39.94
N PHE E 177 -23.78 50.49 40.09
CA PHE E 177 -23.31 49.23 39.48
C PHE E 177 -23.38 47.98 40.29
N TYR E 178 -23.65 48.08 41.57
CA TYR E 178 -23.58 46.89 42.41
C TYR E 178 -24.62 46.93 43.53
N GLU E 179 -24.85 45.76 44.12
CA GLU E 179 -25.69 45.65 45.32
C GLU E 179 -25.01 44.77 46.31
N GLY E 180 -25.47 44.86 47.55
CA GLY E 180 -24.86 44.07 48.56
C GLY E 180 -23.46 44.55 48.97
N PRO E 181 -22.77 43.72 49.71
CA PRO E 181 -21.47 44.13 50.18
C PRO E 181 -20.39 44.17 49.11
N LEU E 182 -19.51 45.10 49.27
CA LEU E 182 -18.34 45.24 48.47
C LEU E 182 -17.15 44.83 49.36
N THR E 183 -16.54 43.69 49.05
CA THR E 183 -15.50 43.12 49.84
C THR E 183 -14.18 43.27 49.12
N TYR E 184 -13.16 43.80 49.80
CA TYR E 184 -11.82 43.96 49.23
C TYR E 184 -10.89 42.79 49.62
N GLU E 185 -10.25 42.23 48.62
CA GLU E 185 -9.30 41.17 48.74
C GLU E 185 -7.90 41.67 48.38
N LYS E 186 -6.95 41.50 49.29
CA LYS E 186 -5.61 42.06 49.03
C LYS E 186 -4.89 41.23 47.99
N LEU E 187 -4.22 41.92 47.07
CA LEU E 187 -3.39 41.25 46.07
C LEU E 187 -2.28 40.42 46.69
N ASN E 188 -2.07 39.25 46.14
CA ASN E 188 -0.89 38.43 46.60
C ASN E 188 0.43 38.79 45.89
N HIS E 189 0.37 39.51 44.79
CA HIS E 189 1.52 40.11 44.08
C HIS E 189 0.98 41.28 43.27
N ASP E 190 1.81 42.32 43.10
CA ASP E 190 1.48 43.47 42.26
C ASP E 190 1.95 43.16 40.82
N LEU E 191 1.16 42.36 40.10
CA LEU E 191 1.55 41.86 38.77
C LEU E 191 0.31 41.73 37.94
N TYR E 192 -0.34 40.59 38.03
CA TYR E 192 -1.73 40.46 37.65
C TYR E 192 -2.58 40.99 38.82
N TRP E 193 -3.85 41.14 38.57
CA TRP E 193 -4.80 41.39 39.68
C TRP E 193 -5.14 40.01 40.29
N GLN E 194 -4.31 39.59 41.21
CA GLN E 194 -4.29 38.20 41.68
C GLN E 194 -4.39 38.13 43.20
N ILE E 195 -5.36 37.38 43.63
CA ILE E 195 -5.80 37.32 45.04
C ILE E 195 -5.81 35.82 45.42
N THR E 196 -5.86 35.55 46.73
CA THR E 196 -5.84 34.19 47.23
C THR E 196 -7.23 33.84 47.79
N LEU E 197 -7.83 32.77 47.28
CA LEU E 197 -9.16 32.30 47.69
C LEU E 197 -9.16 30.82 47.85
N ASP E 198 -9.98 30.30 48.77
CA ASP E 198 -10.26 28.89 48.75
C ASP E 198 -11.33 28.58 47.74
N ALA E 199 -11.14 27.49 46.97
CA ALA E 199 -12.07 27.13 45.89
C ALA E 199 -12.66 25.76 46.20
N HIS E 200 -13.97 25.65 46.05
CA HIS E 200 -14.71 24.42 46.35
C HIS E 200 -15.69 24.25 45.23
N VAL E 201 -15.88 23.01 44.78
CA VAL E 201 -17.07 22.66 43.98
C VAL E 201 -17.53 21.35 44.63
N GLY E 202 -18.65 21.40 45.34
CA GLY E 202 -19.05 20.24 46.16
C GLY E 202 -17.96 19.84 47.12
N ASN E 203 -17.58 18.55 47.07
CA ASN E 203 -16.50 18.03 47.95
C ASN E 203 -15.08 18.11 47.35
N ILE E 204 -14.94 18.77 46.20
CA ILE E 204 -13.61 19.01 45.61
C ILE E 204 -13.14 20.40 46.06
N SER E 205 -11.97 20.49 46.66
CA SER E 205 -11.53 21.76 47.20
C SER E 205 -10.04 22.00 46.95
N LEU E 206 -9.69 23.26 46.78
CA LEU E 206 -8.29 23.63 46.64
C LEU E 206 -8.14 24.84 47.53
N GLU E 207 -7.38 24.69 48.61
CA GLU E 207 -7.19 25.79 49.55
C GLU E 207 -6.12 26.78 49.09
N LYS E 208 -6.35 28.04 49.37
CA LYS E 208 -5.41 29.08 49.03
C LYS E 208 -5.04 29.09 47.56
N ALA E 209 -6.01 28.99 46.65
CA ALA E 209 -5.73 29.06 45.23
C ALA E 209 -5.37 30.52 44.89
N ASN E 210 -4.50 30.70 43.91
CA ASN E 210 -4.26 31.96 43.25
C ASN E 210 -5.38 32.20 42.20
N CYS E 211 -6.10 33.31 42.32
CA CYS E 211 -7.17 33.64 41.43
C CYS E 211 -6.77 34.94 40.71
N ILE E 212 -6.75 34.90 39.40
CA ILE E 212 -6.37 36.09 38.61
C ILE E 212 -7.66 36.60 38.02
N VAL E 213 -7.97 37.87 38.27
CA VAL E 213 -9.13 38.49 37.69
C VAL E 213 -8.73 39.11 36.34
N ASP E 214 -9.24 38.52 35.25
CA ASP E 214 -8.77 38.81 33.94
C ASP E 214 -9.88 39.12 32.93
N SER E 215 -10.04 40.39 32.61
CA SER E 215 -11.08 40.85 31.73
C SER E 215 -10.82 40.44 30.28
N GLY E 216 -9.58 40.13 29.96
CA GLY E 216 -9.17 39.76 28.53
C GLY E 216 -9.29 38.31 28.21
N THR E 217 -10.01 37.58 29.05
CA THR E 217 -10.23 36.14 28.82
C THR E 217 -11.73 35.83 29.00
N SER E 218 -12.35 35.11 28.05
CA SER E 218 -13.78 34.84 28.13
C SER E 218 -14.16 33.54 28.85
N ALA E 219 -13.22 32.91 29.51
CA ALA E 219 -13.40 31.68 30.23
C ALA E 219 -13.04 31.81 31.69
N ILE E 220 -13.51 30.86 32.51
CA ILE E 220 -12.88 30.47 33.75
C ILE E 220 -11.84 29.37 33.44
N THR E 221 -10.63 29.51 33.95
CA THR E 221 -9.67 28.44 33.87
C THR E 221 -9.46 27.87 35.25
N VAL E 222 -9.18 26.57 35.30
CA VAL E 222 -9.30 25.75 36.46
C VAL E 222 -8.10 24.75 36.35
N PRO E 223 -7.44 24.42 37.45
CA PRO E 223 -6.40 23.35 37.44
C PRO E 223 -6.98 22.10 36.80
N THR E 224 -6.20 21.41 35.97
CA THR E 224 -6.78 20.33 35.19
C THR E 224 -7.32 19.18 36.05
N ASP E 225 -6.70 18.88 37.19
CA ASP E 225 -7.18 17.76 38.01
C ASP E 225 -8.53 18.15 38.69
N PHE E 226 -8.67 19.40 39.09
CA PHE E 226 -9.91 19.92 39.71
C PHE E 226 -11.02 19.79 38.68
N LEU E 227 -10.73 20.21 37.46
CA LEU E 227 -11.70 20.15 36.38
C LEU E 227 -12.10 18.68 36.06
N ASN E 228 -11.11 17.81 35.97
CA ASN E 228 -11.42 16.40 35.80
C ASN E 228 -12.36 15.86 36.85
N LYS E 229 -12.11 16.15 38.14
CA LYS E 229 -12.98 15.73 39.25
C LYS E 229 -14.32 16.42 39.24
N MET E 230 -14.40 17.72 38.95
CA MET E 230 -15.75 18.30 38.88
C MET E 230 -16.56 17.82 37.63
N LEU E 231 -15.88 17.35 36.59
CA LEU E 231 -16.56 16.82 35.41
C LEU E 231 -17.13 15.39 35.59
N GLN E 232 -16.63 14.60 36.54
CA GLN E 232 -17.03 13.21 36.63
C GLN E 232 -18.56 13.14 36.79
N ASN E 233 -19.21 12.43 35.86
CA ASN E 233 -20.62 12.06 35.94
C ASN E 233 -21.61 13.22 35.87
N LEU E 234 -21.30 14.23 35.05
CA LEU E 234 -22.15 15.41 34.95
C LEU E 234 -22.93 15.51 33.66
N ASP E 235 -22.67 14.62 32.72
CA ASP E 235 -23.34 14.64 31.41
C ASP E 235 -22.82 15.80 30.57
N VAL E 236 -21.51 15.97 30.66
CA VAL E 236 -20.86 16.91 29.84
C VAL E 236 -20.09 16.04 28.86
N ILE E 237 -20.03 16.50 27.62
CA ILE E 237 -19.41 15.77 26.53
C ILE E 237 -18.28 16.60 25.90
N LYS E 238 -17.04 16.09 25.91
CA LYS E 238 -15.92 16.72 25.19
C LYS E 238 -16.24 16.77 23.73
N VAL E 239 -15.85 17.83 23.08
CA VAL E 239 -16.10 17.94 21.66
C VAL E 239 -14.80 17.44 21.05
N PRO E 240 -14.88 16.30 20.35
CA PRO E 240 -13.68 15.58 19.93
C PRO E 240 -12.73 16.47 19.13
N PHE E 241 -11.42 16.33 19.37
CA PHE E 241 -10.40 17.25 18.82
C PHE E 241 -10.25 18.51 19.71
N LEU E 242 -11.34 19.27 19.86
CA LEU E 242 -11.34 20.54 20.60
C LEU E 242 -11.26 20.39 22.14
N PRO E 243 -10.78 21.44 22.83
CA PRO E 243 -10.81 21.44 24.30
C PRO E 243 -12.14 21.92 24.93
N PHE E 244 -13.21 21.96 24.14
CA PHE E 244 -14.48 22.50 24.61
C PHE E 244 -15.45 21.41 24.99
N TYR E 245 -16.17 21.68 26.06
CA TYR E 245 -17.15 20.76 26.59
C TYR E 245 -18.52 21.32 26.27
N VAL E 246 -19.47 20.44 25.99
CA VAL E 246 -20.87 20.87 25.76
C VAL E 246 -21.88 20.06 26.55
N THR E 247 -23.04 20.63 26.73
CA THR E 247 -24.06 20.07 27.60
C THR E 247 -25.39 20.64 27.15
N LEU E 248 -26.45 20.11 27.71
CA LEU E 248 -27.76 20.69 27.59
C LEU E 248 -27.84 21.90 28.50
N CYS E 249 -28.29 23.03 27.98
CA CYS E 249 -28.45 24.27 28.77
C CYS E 249 -29.24 24.10 30.08
N ASN E 250 -30.16 23.15 30.10
CA ASN E 250 -30.96 22.82 31.29
C ASN E 250 -30.37 21.70 32.16
N ASN E 251 -29.15 21.28 31.87
CA ASN E 251 -28.57 20.19 32.66
C ASN E 251 -28.51 20.64 34.10
N SER E 252 -29.10 19.88 35.00
CA SER E 252 -29.21 20.32 36.39
C SER E 252 -28.17 19.64 37.26
N LYS E 253 -27.27 18.85 36.66
CA LYS E 253 -26.15 18.32 37.44
C LYS E 253 -25.02 19.40 37.52
N LEU E 254 -25.14 20.48 36.75
CA LEU E 254 -24.05 21.43 36.60
C LEU E 254 -23.74 22.10 37.94
N PRO E 255 -22.43 22.18 38.30
CA PRO E 255 -22.00 22.61 39.61
C PRO E 255 -21.88 24.14 39.75
N THR E 256 -21.90 24.58 41.01
CA THR E 256 -21.68 25.96 41.36
C THR E 256 -20.30 26.07 41.95
N PHE E 257 -19.48 27.02 41.45
CA PHE E 257 -18.10 27.22 42.02
C PHE E 257 -18.35 27.98 43.28
N GLU E 258 -17.61 27.76 44.37
CA GLU E 258 -17.63 28.66 45.53
C GLU E 258 -16.19 29.04 45.87
N PHE E 259 -15.94 30.32 45.99
CA PHE E 259 -14.65 30.83 46.35
C PHE E 259 -14.83 31.65 47.61
N THR E 260 -13.96 31.42 48.59
CA THR E 260 -14.13 32.05 49.90
C THR E 260 -12.80 32.70 50.33
N SER E 261 -12.88 33.86 50.97
CA SER E 261 -11.79 34.36 51.69
C SER E 261 -12.27 34.45 53.14
N GLU E 262 -11.46 35.03 54.01
CA GLU E 262 -11.92 35.23 55.37
C GLU E 262 -13.02 36.27 55.52
N ASN E 263 -13.16 37.20 54.56
CA ASN E 263 -14.14 38.26 54.63
C ASN E 263 -15.29 38.07 53.67
N GLY E 264 -15.20 37.21 52.67
CA GLY E 264 -16.21 37.20 51.62
C GLY E 264 -16.43 35.82 51.02
N LYS E 265 -17.61 35.62 50.43
CA LYS E 265 -17.92 34.35 49.75
C LYS E 265 -18.52 34.63 48.39
N TYR E 266 -17.99 34.03 47.33
CA TYR E 266 -18.40 34.35 45.97
C TYR E 266 -18.75 33.02 45.38
N THR E 267 -19.79 33.00 44.53
CA THR E 267 -20.22 31.77 43.85
C THR E 267 -20.46 32.05 42.40
N LEU E 268 -20.36 31.01 41.59
CA LEU E 268 -20.60 31.16 40.19
C LEU E 268 -21.39 29.96 39.67
N GLU E 269 -22.65 30.26 39.43
CA GLU E 269 -23.66 29.30 39.01
C GLU E 269 -23.50 29.04 37.50
N PRO E 270 -23.99 27.90 37.05
CA PRO E 270 -23.97 27.55 35.61
C PRO E 270 -24.47 28.60 34.69
N GLU E 271 -25.47 29.37 35.09
CA GLU E 271 -25.97 30.37 34.15
C GLU E 271 -24.86 31.33 33.72
N TYR E 272 -23.85 31.57 34.57
CA TYR E 272 -22.82 32.52 34.20
C TYR E 272 -21.73 31.88 33.37
N TYR E 273 -21.55 30.57 33.47
CA TYR E 273 -20.46 29.97 32.71
C TYR E 273 -20.90 29.19 31.44
N LEU E 274 -22.20 29.10 31.18
CA LEU E 274 -22.72 28.46 29.95
C LEU E 274 -22.92 29.44 28.79
N GLN E 275 -22.50 29.05 27.60
CA GLN E 275 -22.57 29.88 26.38
C GLN E 275 -23.55 29.16 25.45
N HIS E 276 -24.60 29.85 24.99
CA HIS E 276 -25.66 29.20 24.22
C HIS E 276 -25.18 28.82 22.84
N GLY E 283 -32.01 23.33 24.41
CA GLY E 283 -30.85 24.08 23.93
C GLY E 283 -29.52 23.40 24.22
N LEU E 284 -28.54 23.64 23.35
CA LEU E 284 -27.16 23.18 23.55
C LEU E 284 -26.17 24.32 23.97
N CYS E 285 -25.41 24.08 25.02
CA CYS E 285 -24.52 25.08 25.61
C CYS E 285 -23.07 24.55 25.64
N MET E 286 -22.09 25.44 25.41
CA MET E 286 -20.66 25.21 25.72
C MET E 286 -20.36 25.69 27.17
N LEU E 287 -19.55 24.95 27.91
CA LEU E 287 -19.03 25.46 29.20
C LEU E 287 -17.87 26.43 28.93
N ASN E 288 -17.95 27.69 29.39
CA ASN E 288 -16.81 28.60 29.23
C ASN E 288 -15.84 28.26 30.36
N ILE E 289 -15.30 27.04 30.37
CA ILE E 289 -14.40 26.58 31.42
C ILE E 289 -13.27 25.82 30.72
N ILE E 290 -12.01 26.03 31.12
CA ILE E 290 -10.94 25.25 30.51
C ILE E 290 -9.87 24.89 31.50
N GLY E 291 -9.20 23.75 31.28
CA GLY E 291 -8.20 23.29 32.26
C GLY E 291 -6.79 23.87 31.95
N LEU E 292 -6.12 24.42 32.97
CA LEU E 292 -4.79 24.99 32.81
C LEU E 292 -4.04 24.90 34.12
N ASP E 293 -2.80 24.36 34.07
CA ASP E 293 -1.98 24.14 35.19
C ASP E 293 -0.77 25.10 35.18
N PHE E 294 -0.50 25.66 36.36
CA PHE E 294 0.59 26.56 36.54
C PHE E 294 1.36 26.13 37.76
N PRO E 295 2.55 26.70 37.97
CA PRO E 295 3.32 26.26 39.15
C PRO E 295 2.65 26.58 40.44
N VAL E 296 2.00 27.76 40.51
CA VAL E 296 1.03 28.02 41.59
C VAL E 296 -0.36 27.66 41.03
N PRO E 297 -1.06 26.70 41.67
CA PRO E 297 -2.39 26.29 41.37
C PRO E 297 -3.31 27.55 41.29
N THR E 298 -3.93 27.75 40.16
CA THR E 298 -4.55 29.03 39.75
C THR E 298 -5.86 28.83 39.13
N PHE E 299 -6.78 29.76 39.47
CA PHE E 299 -8.00 29.93 38.73
C PHE E 299 -7.88 31.27 38.04
N ILE E 300 -8.21 31.31 36.77
CA ILE E 300 -8.33 32.62 36.09
C ILE E 300 -9.82 32.88 36.03
N LEU E 301 -10.24 33.91 36.73
CA LEU E 301 -11.62 34.37 36.80
C LEU E 301 -11.78 35.42 35.72
N GLY E 302 -12.17 34.95 34.55
CA GLY E 302 -12.33 35.80 33.40
C GLY E 302 -13.73 36.35 33.34
N ASP E 303 -14.15 36.59 32.12
CA ASP E 303 -15.39 37.35 31.94
C ASP E 303 -16.61 36.70 32.61
N PRO E 304 -16.70 35.35 32.61
CA PRO E 304 -17.89 34.78 33.28
C PRO E 304 -18.03 35.21 34.74
N PHE E 305 -16.96 35.32 35.46
CA PHE E 305 -17.04 35.77 36.86
C PHE E 305 -17.35 37.26 36.96
N MET E 306 -16.72 38.02 36.09
CA MET E 306 -16.87 39.49 36.01
C MET E 306 -18.26 39.87 35.54
N ARG E 307 -18.92 39.01 34.78
CA ARG E 307 -20.34 39.28 34.40
C ARG E 307 -21.28 39.22 35.61
N LYS E 308 -21.02 38.31 36.54
CA LYS E 308 -21.79 38.22 37.78
C LYS E 308 -21.40 39.33 38.79
N TYR E 309 -20.12 39.55 38.93
CA TYR E 309 -19.55 40.42 39.97
C TYR E 309 -18.97 41.68 39.38
N PHE E 310 -19.47 42.83 39.83
CA PHE E 310 -18.78 44.07 39.67
C PHE E 310 -17.43 44.00 40.38
N THR E 311 -16.43 44.58 39.77
CA THR E 311 -15.07 44.50 40.26
C THR E 311 -14.37 45.82 40.31
N VAL E 312 -13.67 46.05 41.41
CA VAL E 312 -12.94 47.30 41.64
C VAL E 312 -11.44 46.99 41.78
N PHE E 313 -10.65 47.64 40.99
CA PHE E 313 -9.24 47.41 40.88
C PHE E 313 -8.46 48.62 41.41
N ASP E 314 -7.95 48.46 42.64
CA ASP E 314 -7.39 49.60 43.39
C ASP E 314 -5.91 49.53 43.51
N TYR E 315 -5.21 50.39 42.74
CA TYR E 315 -3.76 50.43 42.82
C TYR E 315 -3.22 51.03 44.19
N ASP E 316 -3.93 51.97 44.78
CA ASP E 316 -3.44 52.70 45.98
C ASP E 316 -3.49 51.73 47.17
N ASN E 317 -4.52 50.91 47.21
CA ASN E 317 -4.71 49.91 48.27
C ASN E 317 -4.33 48.46 47.92
N HIS E 318 -3.84 48.22 46.70
CA HIS E 318 -3.34 46.92 46.27
C HIS E 318 -4.38 45.88 46.50
N SER E 319 -5.59 46.10 46.01
CA SER E 319 -6.74 45.25 46.30
C SER E 319 -7.67 45.13 45.10
N VAL E 320 -8.46 44.07 45.10
CA VAL E 320 -9.61 43.92 44.19
C VAL E 320 -10.83 43.92 45.07
N GLY E 321 -11.75 44.82 44.82
CA GLY E 321 -13.03 44.72 45.45
C GLY E 321 -14.09 44.04 44.58
N ILE E 322 -14.94 43.27 45.22
CA ILE E 322 -15.91 42.38 44.55
C ILE E 322 -17.29 42.56 45.17
N ALA E 323 -18.29 42.82 44.30
CA ALA E 323 -19.68 42.90 44.77
C ALA E 323 -20.57 42.34 43.68
N LEU E 324 -21.73 41.86 44.04
CA LEU E 324 -22.72 41.47 43.03
C LEU E 324 -23.09 42.63 42.12
N ALA E 325 -22.98 42.45 40.78
CA ALA E 325 -23.31 43.43 39.81
C ALA E 325 -24.87 43.58 39.80
N LYS E 326 -25.33 44.81 39.65
CA LYS E 326 -26.80 45.07 39.48
C LYS E 326 -27.24 44.47 38.17
N LYS E 327 -28.40 43.84 38.16
CA LYS E 327 -28.78 42.96 37.07
C LYS E 327 -29.14 43.84 35.89
N ASN E 328 -29.55 45.05 36.20
CA ASN E 328 -29.83 46.02 35.20
C ASN E 328 -29.47 47.42 35.63
N LEU E 329 -29.33 48.29 34.65
CA LEU E 329 -28.91 49.64 34.88
C LEU E 329 -30.12 50.57 34.66
N SER F 1 26.29 -17.83 -19.82
CA SER F 1 24.93 -17.23 -20.07
C SER F 1 24.62 -16.83 -21.55
N SER F 2 24.04 -17.73 -22.30
CA SER F 2 23.89 -17.52 -23.70
C SER F 2 22.96 -18.65 -24.27
N ASN F 3 21.70 -18.34 -24.42
CA ASN F 3 20.69 -19.32 -24.80
C ASN F 3 20.97 -19.87 -26.21
N ASP F 4 20.71 -21.14 -26.40
CA ASP F 4 20.92 -21.79 -27.75
C ASP F 4 19.57 -22.07 -28.30
N ASN F 5 19.14 -21.31 -29.33
CA ASN F 5 17.78 -21.43 -29.90
C ASN F 5 17.80 -22.19 -31.20
N ILE F 6 17.13 -23.33 -31.24
CA ILE F 6 16.99 -24.18 -32.42
C ILE F 6 15.56 -24.01 -32.99
N GLU F 7 15.44 -23.59 -34.25
CA GLU F 7 14.17 -23.34 -34.81
C GLU F 7 13.41 -24.60 -35.09
N LEU F 8 12.13 -24.56 -34.81
CA LEU F 8 11.26 -25.70 -34.96
C LEU F 8 10.28 -25.42 -36.10
N VAL F 9 10.09 -26.39 -36.95
CA VAL F 9 9.23 -26.22 -38.14
CA VAL F 9 9.22 -26.16 -38.11
C VAL F 9 8.00 -27.10 -38.02
N ASP F 10 6.82 -26.54 -38.25
CA ASP F 10 5.58 -27.27 -38.11
C ASP F 10 5.31 -28.27 -39.27
N PHE F 11 4.62 -29.35 -38.98
CA PHE F 11 4.14 -30.27 -40.06
C PHE F 11 2.67 -30.62 -39.93
N GLN F 12 1.84 -30.01 -40.77
CA GLN F 12 0.42 -30.28 -40.79
C GLN F 12 -0.27 -30.01 -39.44
N ASN F 13 0.03 -28.90 -38.77
CA ASN F 13 -0.34 -28.66 -37.35
C ASN F 13 -0.47 -29.93 -36.49
N ILE F 14 0.36 -30.92 -36.79
CA ILE F 14 0.31 -32.24 -36.13
C ILE F 14 1.65 -32.44 -35.42
N MET F 15 2.74 -32.46 -36.19
CA MET F 15 4.08 -32.62 -35.64
C MET F 15 4.99 -31.43 -35.96
N PHE F 16 6.18 -31.44 -35.40
CA PHE F 16 7.17 -30.37 -35.59
C PHE F 16 8.51 -31.09 -35.63
N TYR F 17 9.49 -30.48 -36.26
CA TYR F 17 10.85 -31.00 -36.31
C TYR F 17 11.85 -29.93 -36.09
N GLY F 18 13.10 -30.31 -35.84
CA GLY F 18 14.16 -29.41 -35.76
C GLY F 18 15.41 -30.09 -36.28
N ASP F 19 16.35 -29.29 -36.75
CA ASP F 19 17.55 -29.82 -37.36
C ASP F 19 18.77 -29.83 -36.40
N ALA F 20 19.64 -30.81 -36.52
CA ALA F 20 20.90 -30.76 -35.81
C ALA F 20 21.91 -31.53 -36.67
N GLU F 21 23.16 -31.55 -36.25
CA GLU F 21 24.19 -32.14 -37.07
C GLU F 21 25.01 -33.15 -36.31
N VAL F 22 25.62 -34.07 -37.09
CA VAL F 22 26.52 -35.04 -36.55
C VAL F 22 27.80 -35.05 -37.37
N GLY F 23 28.93 -35.19 -36.72
CA GLY F 23 30.22 -35.22 -37.38
C GLY F 23 30.95 -33.88 -37.33
N ASP F 24 32.27 -33.86 -37.43
CA ASP F 24 32.94 -32.55 -37.49
C ASP F 24 32.93 -31.93 -38.86
N ASN F 25 32.22 -32.52 -39.81
CA ASN F 25 31.79 -31.86 -41.03
C ASN F 25 30.31 -31.45 -41.04
N GLN F 26 29.65 -31.48 -39.87
CA GLN F 26 28.28 -31.02 -39.68
C GLN F 26 27.32 -31.56 -40.70
N GLN F 27 27.22 -32.88 -40.73
CA GLN F 27 26.26 -33.55 -41.56
C GLN F 27 24.85 -33.28 -41.00
N PRO F 28 23.96 -32.76 -41.85
CA PRO F 28 22.64 -32.25 -41.38
C PRO F 28 21.55 -33.37 -41.36
N PHE F 29 20.67 -33.33 -40.35
CA PHE F 29 19.55 -34.24 -40.19
C PHE F 29 18.37 -33.48 -39.62
N THR F 30 17.18 -33.93 -39.98
CA THR F 30 15.96 -33.45 -39.41
C THR F 30 15.53 -34.46 -38.36
N PHE F 31 15.22 -33.94 -37.19
CA PHE F 31 14.86 -34.79 -36.02
C PHE F 31 13.48 -34.51 -35.48
N ILE F 32 12.81 -35.56 -35.03
CA ILE F 32 11.83 -35.46 -33.93
C ILE F 32 12.62 -35.20 -32.63
N LEU F 33 12.17 -34.20 -31.90
CA LEU F 33 12.83 -33.79 -30.67
C LEU F 33 11.83 -34.19 -29.59
N ASP F 34 12.18 -35.21 -28.83
CA ASP F 34 11.26 -36.09 -28.13
C ASP F 34 11.59 -36.16 -26.61
N THR F 35 10.78 -35.47 -25.83
CA THR F 35 10.96 -35.53 -24.39
C THR F 35 10.49 -36.85 -23.84
N GLY F 36 9.84 -37.69 -24.69
CA GLY F 36 9.36 -39.04 -24.34
C GLY F 36 10.31 -40.19 -24.62
N SER F 37 11.57 -39.89 -24.97
CA SER F 37 12.58 -40.90 -25.13
C SER F 37 13.96 -40.28 -24.82
N ALA F 38 15.00 -41.07 -24.87
CA ALA F 38 16.29 -40.65 -24.38
C ALA F 38 17.48 -41.21 -25.16
N ASN F 39 17.25 -41.53 -26.44
CA ASN F 39 18.32 -41.85 -27.35
C ASN F 39 18.32 -40.97 -28.59
N LEU F 40 19.52 -40.72 -29.10
CA LEU F 40 19.70 -40.09 -30.36
C LEU F 40 20.04 -41.17 -31.41
N TRP F 41 19.36 -41.14 -32.52
CA TRP F 41 19.79 -41.97 -33.65
C TRP F 41 19.66 -41.30 -34.98
N VAL F 42 20.54 -41.73 -35.89
CA VAL F 42 20.54 -41.27 -37.28
C VAL F 42 20.75 -42.47 -38.20
N PRO F 43 20.18 -42.40 -39.36
CA PRO F 43 20.43 -43.50 -40.33
C PRO F 43 21.81 -43.38 -40.93
N SER F 44 22.45 -44.53 -41.13
CA SER F 44 23.77 -44.61 -41.63
C SER F 44 23.78 -44.67 -43.17
N VAL F 45 24.89 -44.22 -43.78
CA VAL F 45 25.13 -44.48 -45.20
C VAL F 45 25.19 -45.99 -45.45
N LYS F 46 25.44 -46.79 -44.43
CA LYS F 46 25.40 -48.26 -44.63
C LYS F 46 23.99 -48.85 -44.63
N CYS F 47 23.00 -48.04 -44.30
CA CYS F 47 21.63 -48.45 -44.43
C CYS F 47 21.23 -48.45 -45.90
N THR F 48 20.84 -49.62 -46.38
CA THR F 48 20.52 -49.81 -47.81
C THR F 48 19.03 -49.87 -48.10
N THR F 49 18.20 -49.72 -47.06
CA THR F 49 16.76 -49.93 -47.22
C THR F 49 16.21 -48.88 -48.09
N ALA F 50 14.99 -49.10 -48.54
CA ALA F 50 14.34 -48.16 -49.44
C ALA F 50 14.06 -46.87 -48.68
N GLY F 51 13.65 -46.99 -47.41
CA GLY F 51 13.36 -45.82 -46.59
C GLY F 51 14.60 -44.91 -46.43
N CYS F 52 15.75 -45.52 -46.22
CA CYS F 52 17.00 -44.75 -46.02
C CYS F 52 17.42 -44.04 -47.25
N LEU F 53 16.99 -44.56 -48.42
CA LEU F 53 17.28 -43.88 -49.69
C LEU F 53 16.63 -42.53 -49.80
N THR F 54 15.61 -42.27 -48.99
CA THR F 54 14.97 -41.01 -49.10
C THR F 54 15.52 -40.03 -48.06
N LYS F 55 16.47 -40.42 -47.22
CA LYS F 55 16.84 -39.61 -46.00
C LYS F 55 18.24 -38.99 -46.08
N HIS F 56 18.56 -38.03 -45.20
CA HIS F 56 19.93 -37.61 -44.99
C HIS F 56 20.60 -38.70 -44.21
N LEU F 57 21.80 -39.09 -44.59
CA LEU F 57 22.49 -40.24 -44.01
C LEU F 57 23.82 -39.82 -43.40
N TYR F 58 24.26 -40.53 -42.39
CA TYR F 58 25.42 -40.21 -41.63
C TYR F 58 26.59 -41.09 -42.16
N ASP F 59 27.68 -40.42 -42.53
CA ASP F 59 28.90 -41.06 -43.02
C ASP F 59 30.06 -40.80 -42.09
N SER F 60 30.35 -41.77 -41.24
CA SER F 60 31.36 -41.64 -40.21
C SER F 60 32.76 -41.43 -40.83
N SER F 61 32.94 -41.97 -42.01
CA SER F 61 34.24 -41.91 -42.70
C SER F 61 34.60 -40.46 -43.08
N LYS F 62 33.63 -39.53 -43.07
CA LYS F 62 33.85 -38.12 -43.45
C LYS F 62 34.12 -37.23 -42.21
N SER F 63 34.08 -37.80 -41.01
CA SER F 63 34.23 -37.07 -39.76
C SER F 63 35.48 -37.47 -39.08
N ARG F 64 36.35 -36.49 -38.80
CA ARG F 64 37.58 -36.77 -38.07
C ARG F 64 37.43 -37.09 -36.60
N THR F 65 36.30 -36.71 -36.01
CA THR F 65 36.01 -36.91 -34.59
C THR F 65 35.17 -38.20 -34.35
N TYR F 66 34.87 -38.97 -35.40
CA TYR F 66 34.23 -40.26 -35.19
C TYR F 66 35.06 -41.22 -34.38
N GLU F 67 34.41 -41.87 -33.41
CA GLU F 67 35.05 -42.89 -32.59
C GLU F 67 34.20 -44.11 -32.61
N LYS F 68 34.73 -45.21 -33.15
CA LYS F 68 33.96 -46.43 -33.27
C LYS F 68 33.55 -46.98 -31.88
N ASP F 69 32.36 -47.60 -31.80
CA ASP F 69 31.95 -48.36 -30.64
C ASP F 69 31.51 -49.71 -31.17
N GLY F 70 30.42 -49.74 -31.92
CA GLY F 70 29.94 -50.91 -32.60
C GLY F 70 29.05 -51.84 -31.80
N THR F 71 28.80 -51.53 -30.53
CA THR F 71 27.81 -52.31 -29.72
C THR F 71 26.49 -52.35 -30.45
N LYS F 72 25.95 -53.54 -30.71
CA LYS F 72 24.67 -53.65 -31.36
C LYS F 72 23.55 -53.18 -30.45
N VAL F 73 22.48 -52.62 -31.06
CA VAL F 73 21.34 -52.16 -30.28
C VAL F 73 20.09 -52.09 -31.19
N GLU F 74 18.94 -52.40 -30.59
CA GLU F 74 17.67 -52.32 -31.31
C GLU F 74 16.70 -51.48 -30.44
N MET F 75 16.12 -50.41 -31.03
CA MET F 75 15.22 -49.48 -30.34
C MET F 75 13.83 -49.82 -30.68
N ASN F 76 12.98 -49.90 -29.66
CA ASN F 76 11.61 -50.29 -29.90
C ASN F 76 10.72 -49.10 -29.59
N TYR F 77 9.91 -48.73 -30.56
CA TYR F 77 8.98 -47.65 -30.42
C TYR F 77 7.60 -48.26 -30.70
N VAL F 78 6.51 -47.50 -30.47
CA VAL F 78 5.17 -48.02 -30.75
C VAL F 78 4.97 -48.19 -32.26
N SER F 79 5.53 -47.28 -33.03
CA SER F 79 5.45 -47.30 -34.47
C SER F 79 6.40 -48.30 -35.12
N GLY F 80 7.23 -48.96 -34.29
CA GLY F 80 8.15 -49.93 -34.81
C GLY F 80 9.52 -49.92 -34.20
N THR F 81 10.42 -50.57 -34.92
CA THR F 81 11.75 -50.85 -34.44
C THR F 81 12.80 -50.43 -35.44
N VAL F 82 13.88 -49.86 -34.93
CA VAL F 82 15.08 -49.61 -35.75
C VAL F 82 16.28 -50.26 -35.08
N SER F 83 17.25 -50.73 -35.84
CA SER F 83 18.40 -51.37 -35.24
C SER F 83 19.67 -50.93 -35.92
N GLY F 84 20.73 -51.02 -35.17
CA GLY F 84 22.05 -50.65 -35.62
C GLY F 84 23.06 -50.86 -34.57
N PHE F 85 23.88 -49.85 -34.39
CA PHE F 85 24.97 -49.97 -33.44
C PHE F 85 25.37 -48.63 -32.92
N PHE F 86 25.97 -48.59 -31.76
CA PHE F 86 26.42 -47.35 -31.19
C PHE F 86 27.66 -46.82 -31.86
N SER F 87 27.71 -45.50 -31.92
CA SER F 87 28.88 -44.76 -32.43
C SER F 87 29.01 -43.53 -31.58
N LYS F 88 30.19 -42.90 -31.66
CA LYS F 88 30.44 -41.64 -30.95
C LYS F 88 31.00 -40.61 -31.94
N ASP F 89 30.50 -39.37 -31.93
CA ASP F 89 31.01 -38.31 -32.86
C ASP F 89 30.51 -37.01 -32.29
N LEU F 90 30.92 -35.91 -32.92
CA LEU F 90 30.50 -34.58 -32.54
C LEU F 90 29.02 -34.43 -32.89
N VAL F 91 28.20 -34.01 -31.94
CA VAL F 91 26.82 -33.71 -32.20
C VAL F 91 26.62 -32.27 -31.94
N THR F 92 26.07 -31.58 -32.92
CA THR F 92 25.84 -30.15 -32.89
C THR F 92 24.34 -29.79 -32.84
N VAL F 93 23.93 -29.12 -31.77
CA VAL F 93 22.53 -28.68 -31.62
CA VAL F 93 22.55 -28.71 -31.59
C VAL F 93 22.58 -27.16 -31.51
N GLY F 94 22.16 -26.49 -32.58
CA GLY F 94 22.33 -25.02 -32.71
C GLY F 94 23.80 -24.66 -32.66
N ASN F 95 24.22 -23.91 -31.65
CA ASN F 95 25.57 -23.45 -31.51
CA ASN F 95 25.61 -23.50 -31.48
C ASN F 95 26.43 -24.29 -30.51
N LEU F 96 25.82 -25.27 -29.87
CA LEU F 96 26.53 -26.05 -28.91
C LEU F 96 26.88 -27.40 -29.55
N SER F 97 28.08 -27.86 -29.25
CA SER F 97 28.54 -29.17 -29.70
C SER F 97 29.34 -29.90 -28.69
N LEU F 98 29.25 -31.23 -28.78
CA LEU F 98 30.00 -32.07 -27.90
C LEU F 98 30.14 -33.44 -28.52
N PRO F 99 31.21 -34.15 -28.20
CA PRO F 99 31.34 -35.58 -28.48
C PRO F 99 30.22 -36.31 -27.75
N TYR F 100 29.51 -37.19 -28.43
CA TYR F 100 28.30 -37.80 -27.87
C TYR F 100 28.06 -39.15 -28.45
N LYS F 101 27.50 -40.08 -27.64
CA LYS F 101 27.20 -41.41 -28.08
C LYS F 101 25.78 -41.44 -28.68
N PHE F 102 25.64 -42.08 -29.84
CA PHE F 102 24.39 -42.15 -30.52
C PHE F 102 24.29 -43.50 -31.26
N ILE F 103 23.13 -43.82 -31.78
CA ILE F 103 22.93 -45.02 -32.58
C ILE F 103 22.94 -44.74 -34.06
N GLU F 104 23.80 -45.44 -34.78
CA GLU F 104 23.82 -45.41 -36.20
C GLU F 104 22.91 -46.57 -36.70
N VAL F 105 21.83 -46.21 -37.32
CA VAL F 105 20.80 -47.14 -37.72
C VAL F 105 21.10 -47.72 -39.11
N ILE F 106 21.04 -49.05 -39.16
CA ILE F 106 21.31 -49.81 -40.40
C ILE F 106 20.06 -50.51 -40.90
N ASP F 107 19.09 -50.74 -40.05
CA ASP F 107 17.85 -51.30 -40.57
C ASP F 107 16.62 -50.59 -40.02
N THR F 108 15.76 -50.18 -40.97
CA THR F 108 14.54 -49.44 -40.73
C THR F 108 13.30 -50.13 -41.32
N ASN F 109 13.46 -51.39 -41.71
CA ASN F 109 12.36 -52.14 -42.33
C ASN F 109 11.28 -52.50 -41.31
N GLY F 110 11.61 -52.64 -40.03
CA GLY F 110 10.56 -52.70 -38.96
C GLY F 110 9.92 -51.39 -38.48
N PHE F 111 10.18 -50.28 -39.17
CA PHE F 111 9.69 -48.94 -38.87
C PHE F 111 8.95 -48.32 -40.08
N GLU F 112 8.54 -49.16 -41.05
CA GLU F 112 7.74 -48.73 -42.20
C GLU F 112 6.25 -49.11 -42.09
N PRO F 113 5.34 -48.36 -42.75
CA PRO F 113 5.52 -47.22 -43.66
C PRO F 113 5.75 -45.87 -43.00
N THR F 114 5.71 -45.81 -41.66
CA THR F 114 5.91 -44.58 -40.92
C THR F 114 7.10 -43.77 -41.44
N TYR F 115 8.25 -44.43 -41.47
CA TYR F 115 9.50 -43.74 -41.64
C TYR F 115 9.63 -43.09 -43.05
N THR F 116 9.33 -43.85 -44.11
CA THR F 116 9.44 -43.24 -45.44
C THR F 116 8.43 -42.16 -45.67
N ALA F 117 7.27 -42.33 -45.05
CA ALA F 117 6.21 -41.38 -45.21
C ALA F 117 6.44 -40.11 -44.37
N SER F 118 7.38 -40.16 -43.44
CA SER F 118 7.68 -38.95 -42.63
C SER F 118 8.86 -38.17 -43.14
N THR F 119 8.93 -36.89 -42.77
CA THR F 119 10.00 -36.05 -43.22
C THR F 119 11.21 -36.02 -42.25
N PHE F 120 11.15 -36.74 -41.13
CA PHE F 120 12.35 -36.80 -40.29
C PHE F 120 13.37 -37.89 -40.72
N ASP F 121 14.66 -37.67 -40.39
CA ASP F 121 15.71 -38.63 -40.58
C ASP F 121 15.91 -39.48 -39.32
N GLY F 122 15.85 -38.85 -38.13
CA GLY F 122 16.10 -39.52 -36.87
C GLY F 122 15.33 -38.93 -35.72
N ILE F 123 15.63 -39.42 -34.56
CA ILE F 123 14.97 -38.99 -33.29
C ILE F 123 16.08 -38.55 -32.37
N LEU F 124 15.83 -37.46 -31.65
CA LEU F 124 16.72 -36.96 -30.60
C LEU F 124 15.91 -36.89 -29.29
N GLY F 125 16.16 -37.87 -28.42
CA GLY F 125 15.57 -37.99 -27.09
C GLY F 125 16.07 -36.90 -26.15
N LEU F 126 15.14 -36.43 -25.32
CA LEU F 126 15.43 -35.37 -24.38
C LEU F 126 14.88 -35.75 -22.95
N GLY F 127 14.72 -37.03 -22.73
CA GLY F 127 14.33 -37.55 -21.41
C GLY F 127 15.48 -37.71 -20.43
N TRP F 128 15.29 -38.53 -19.39
CA TRP F 128 16.33 -38.73 -18.41
C TRP F 128 17.19 -39.96 -18.73
N LYS F 129 18.34 -40.02 -18.12
CA LYS F 129 19.27 -41.14 -18.36
C LYS F 129 18.66 -42.53 -18.19
N ASP F 130 17.84 -42.74 -17.16
CA ASP F 130 17.24 -44.05 -16.93
C ASP F 130 16.23 -44.54 -17.95
N LEU F 131 15.80 -43.64 -18.84
CA LEU F 131 15.02 -43.96 -19.94
C LEU F 131 15.83 -44.38 -21.18
N SER F 132 17.12 -44.15 -21.18
CA SER F 132 17.92 -44.42 -22.37
C SER F 132 18.37 -45.86 -22.48
N ILE F 133 18.36 -46.40 -23.69
CA ILE F 133 19.15 -47.63 -23.95
C ILE F 133 20.63 -47.34 -23.96
N GLY F 134 21.39 -48.06 -23.15
CA GLY F 134 22.84 -47.85 -23.04
C GLY F 134 23.30 -46.86 -21.99
N SER F 135 22.38 -46.37 -21.18
CA SER F 135 22.77 -45.46 -20.08
C SER F 135 23.54 -44.22 -20.51
N VAL F 136 22.96 -43.55 -21.49
CA VAL F 136 23.60 -42.37 -22.08
C VAL F 136 23.14 -41.13 -21.34
N ASP F 137 24.07 -40.34 -20.83
CA ASP F 137 23.72 -39.11 -20.16
C ASP F 137 23.03 -38.20 -21.19
N PRO F 138 21.92 -37.59 -20.81
CA PRO F 138 21.23 -36.73 -21.75
C PRO F 138 22.13 -35.60 -22.23
N ILE F 139 21.89 -35.16 -23.45
CA ILE F 139 22.74 -34.14 -24.05
C ILE F 139 22.88 -32.84 -23.26
N VAL F 140 21.75 -32.36 -22.75
CA VAL F 140 21.75 -31.15 -22.01
C VAL F 140 22.52 -31.31 -20.67
N VAL F 141 22.40 -32.46 -20.00
CA VAL F 141 23.18 -32.75 -18.81
C VAL F 141 24.66 -32.80 -19.10
N GLU F 142 25.01 -33.47 -20.21
CA GLU F 142 26.39 -33.56 -20.65
C GLU F 142 27.02 -32.23 -21.03
N LEU F 143 26.23 -31.35 -21.66
CA LEU F 143 26.64 -29.96 -21.93
C LEU F 143 26.97 -29.20 -20.64
N LYS F 144 26.14 -29.34 -19.63
CA LYS F 144 26.41 -28.74 -18.36
C LYS F 144 27.62 -29.38 -17.64
N ASN F 145 27.71 -30.71 -17.67
CA ASN F 145 28.89 -31.42 -17.09
C ASN F 145 30.23 -31.02 -17.77
N GLN F 146 30.15 -30.63 -19.03
CA GLN F 146 31.35 -30.15 -19.76
C GLN F 146 31.54 -28.63 -19.69
N ASN F 147 30.76 -27.97 -18.86
CA ASN F 147 30.82 -26.56 -18.61
C ASN F 147 30.52 -25.66 -19.83
N LYS F 148 29.62 -26.15 -20.69
CA LYS F 148 29.29 -25.43 -21.92
C LYS F 148 28.05 -24.59 -21.79
N ILE F 149 27.23 -24.90 -20.77
CA ILE F 149 26.11 -24.05 -20.37
C ILE F 149 26.12 -24.05 -18.84
N GLU F 150 25.48 -23.05 -18.26
CA GLU F 150 25.38 -22.87 -16.79
C GLU F 150 24.27 -23.71 -16.17
N ASN F 151 23.10 -23.75 -16.83
CA ASN F 151 21.94 -24.46 -16.30
C ASN F 151 21.52 -25.60 -17.24
N ALA F 152 21.36 -26.81 -16.70
CA ALA F 152 20.92 -27.96 -17.50
C ALA F 152 19.40 -27.90 -17.62
N LEU F 153 18.94 -27.08 -18.55
CA LEU F 153 17.56 -26.93 -18.83
C LEU F 153 17.35 -26.69 -20.26
N PHE F 154 16.17 -27.00 -20.73
CA PHE F 154 15.77 -26.63 -22.10
C PHE F 154 14.28 -26.25 -22.10
N THR F 155 13.82 -25.57 -23.13
CA THR F 155 12.41 -25.17 -23.27
C THR F 155 11.89 -25.43 -24.66
N PHE F 156 10.59 -25.59 -24.74
CA PHE F 156 9.90 -25.74 -25.97
C PHE F 156 8.85 -24.65 -26.11
N TYR F 157 8.99 -23.96 -27.23
CA TYR F 157 7.96 -23.04 -27.75
C TYR F 157 7.55 -23.60 -29.09
N LEU F 158 6.37 -24.20 -29.17
CA LEU F 158 6.05 -25.00 -30.36
C LEU F 158 5.55 -24.06 -31.45
N PRO F 159 5.92 -24.39 -32.70
CA PRO F 159 5.32 -23.64 -33.80
C PRO F 159 3.82 -23.84 -33.86
N VAL F 160 3.14 -22.84 -34.39
CA VAL F 160 1.70 -22.94 -34.67
C VAL F 160 1.45 -22.64 -36.14
N HIS F 161 0.81 -23.58 -36.83
CA HIS F 161 0.56 -23.51 -38.29
C HIS F 161 0.02 -22.16 -38.71
N ASP F 162 0.67 -21.55 -39.69
CA ASP F 162 0.23 -20.27 -40.30
C ASP F 162 0.38 -19.07 -39.37
N LYS F 163 0.85 -19.27 -38.14
CA LYS F 163 0.89 -18.17 -37.17
C LYS F 163 2.32 -17.81 -36.86
N HIS F 164 3.06 -18.71 -36.22
CA HIS F 164 4.46 -18.45 -35.94
C HIS F 164 5.31 -19.73 -35.92
N THR F 165 6.61 -19.52 -36.02
CA THR F 165 7.52 -20.61 -35.94
C THR F 165 7.82 -20.90 -34.44
N GLY F 166 8.67 -21.89 -34.21
CA GLY F 166 8.88 -22.43 -32.81
C GLY F 166 10.35 -22.47 -32.53
N PHE F 167 10.70 -22.68 -31.25
CA PHE F 167 12.04 -22.83 -30.85
C PHE F 167 12.16 -23.88 -29.80
N LEU F 168 13.22 -24.69 -29.95
CA LEU F 168 13.84 -25.37 -28.83
C LEU F 168 14.97 -24.48 -28.26
N THR F 169 14.96 -24.19 -26.98
CA THR F 169 16.01 -23.41 -26.39
C THR F 169 16.77 -24.17 -25.33
N ILE F 170 18.06 -24.24 -25.44
CA ILE F 170 18.89 -24.84 -24.43
C ILE F 170 19.64 -23.82 -23.59
N GLY F 171 19.56 -23.97 -22.28
CA GLY F 171 20.43 -23.28 -21.36
C GLY F 171 19.79 -22.08 -20.62
N GLY F 172 18.61 -21.70 -21.02
CA GLY F 172 17.91 -20.60 -20.37
C GLY F 172 16.55 -20.41 -20.90
N ILE F 173 15.82 -19.48 -20.28
CA ILE F 173 14.43 -19.23 -20.57
C ILE F 173 14.24 -17.88 -21.25
N GLU F 174 13.60 -17.86 -22.43
CA GLU F 174 13.32 -16.59 -23.12
C GLU F 174 11.94 -16.09 -22.69
N GLU F 175 11.91 -14.97 -21.99
CA GLU F 175 10.63 -14.32 -21.64
C GLU F 175 9.71 -14.05 -22.79
N ARG F 176 10.27 -13.80 -23.99
CA ARG F 176 9.41 -13.47 -25.12
C ARG F 176 8.50 -14.58 -25.49
N PHE F 177 8.76 -15.81 -25.02
CA PHE F 177 8.00 -16.96 -25.51
C PHE F 177 6.75 -17.30 -24.68
N TYR F 178 6.55 -16.60 -23.56
CA TYR F 178 5.42 -16.91 -22.71
C TYR F 178 4.79 -15.67 -22.15
N GLU F 179 3.56 -15.88 -21.74
CA GLU F 179 2.79 -14.83 -20.99
C GLU F 179 2.11 -15.41 -19.76
N GLY F 180 1.77 -14.56 -18.80
CA GLY F 180 1.17 -15.05 -17.60
C GLY F 180 2.21 -15.75 -16.69
N PRO F 181 1.73 -16.41 -15.65
CA PRO F 181 2.70 -16.93 -14.73
C PRO F 181 3.43 -18.13 -15.35
N LEU F 182 4.64 -18.36 -14.87
CA LEU F 182 5.42 -19.63 -15.14
C LEU F 182 5.45 -20.37 -13.80
N THR F 183 4.87 -21.55 -13.75
CA THR F 183 4.76 -22.36 -12.58
C THR F 183 5.54 -23.62 -12.73
N TYR F 184 6.32 -23.97 -11.73
CA TYR F 184 7.10 -25.22 -11.81
C TYR F 184 6.53 -26.35 -11.01
N GLU F 185 6.47 -27.55 -11.58
CA GLU F 185 5.86 -28.76 -10.99
C GLU F 185 7.00 -29.75 -10.84
N LYS F 186 7.23 -30.23 -9.61
CA LYS F 186 8.31 -31.18 -9.34
C LYS F 186 8.07 -32.54 -9.97
N LEU F 187 9.13 -33.13 -10.54
CA LEU F 187 9.01 -34.45 -11.12
C LEU F 187 8.65 -35.47 -10.01
N ASN F 188 7.80 -36.44 -10.34
CA ASN F 188 7.53 -37.56 -9.40
C ASN F 188 8.54 -38.73 -9.58
N HIS F 189 9.26 -38.75 -10.69
CA HIS F 189 10.32 -39.70 -11.02
C HIS F 189 11.23 -39.09 -12.10
N ASP F 190 12.49 -39.42 -12.02
CA ASP F 190 13.47 -38.93 -12.97
C ASP F 190 13.59 -39.95 -14.12
N LEU F 191 12.61 -39.96 -15.00
CA LEU F 191 12.53 -40.99 -16.04
C LEU F 191 11.92 -40.31 -17.30
N TYR F 192 10.59 -40.19 -17.36
CA TYR F 192 9.94 -39.23 -18.22
C TYR F 192 9.96 -37.90 -17.47
N TRP F 193 9.47 -36.89 -18.18
CA TRP F 193 9.20 -35.58 -17.60
C TRP F 193 7.78 -35.70 -17.04
N GLN F 194 7.73 -36.30 -15.85
CA GLN F 194 6.48 -36.78 -15.26
C GLN F 194 6.20 -36.07 -13.95
N ILE F 195 5.02 -35.50 -13.90
CA ILE F 195 4.58 -34.69 -12.76
C ILE F 195 3.20 -35.16 -12.25
N THR F 196 2.87 -34.74 -11.03
CA THR F 196 1.64 -35.15 -10.42
C THR F 196 0.64 -33.99 -10.44
N LEU F 197 -0.53 -34.21 -11.06
CA LEU F 197 -1.57 -33.16 -11.16
C LEU F 197 -2.94 -33.78 -10.89
N ASP F 198 -3.86 -33.02 -10.32
CA ASP F 198 -5.28 -33.47 -10.28
C ASP F 198 -5.97 -33.14 -11.62
N ALA F 199 -6.74 -34.05 -12.19
CA ALA F 199 -7.32 -33.86 -13.48
C ALA F 199 -8.82 -33.81 -13.28
N HIS F 200 -9.46 -32.90 -14.02
CA HIS F 200 -10.92 -32.72 -13.93
C HIS F 200 -11.44 -32.36 -15.28
N VAL F 201 -12.57 -32.97 -15.60
CA VAL F 201 -13.34 -32.55 -16.72
C VAL F 201 -14.76 -32.48 -16.16
N GLY F 202 -15.22 -31.23 -16.09
CA GLY F 202 -16.18 -30.78 -15.10
C GLY F 202 -16.32 -31.71 -13.92
N ASN F 203 -17.39 -32.47 -14.05
CA ASN F 203 -17.83 -33.54 -13.16
C ASN F 203 -16.84 -34.70 -12.75
N ILE F 204 -16.05 -35.14 -13.72
CA ILE F 204 -15.17 -36.30 -13.62
C ILE F 204 -13.82 -35.85 -13.05
N SER F 205 -13.32 -36.56 -12.05
CA SER F 205 -12.11 -36.12 -11.33
C SER F 205 -11.20 -37.31 -11.11
N LEU F 206 -9.89 -37.07 -11.22
CA LEU F 206 -8.93 -38.08 -10.93
C LEU F 206 -7.80 -37.38 -10.21
N GLU F 207 -7.60 -37.71 -8.93
CA GLU F 207 -6.65 -36.98 -8.13
C GLU F 207 -5.30 -37.62 -8.22
N LYS F 208 -4.28 -36.80 -8.22
CA LYS F 208 -2.89 -37.27 -8.21
C LYS F 208 -2.56 -38.05 -9.44
N ALA F 209 -3.04 -37.62 -10.59
CA ALA F 209 -2.69 -38.36 -11.79
C ALA F 209 -1.24 -38.10 -12.15
N ASN F 210 -0.60 -39.10 -12.73
CA ASN F 210 0.71 -38.96 -13.27
C ASN F 210 0.56 -38.31 -14.64
N CYS F 211 1.22 -37.20 -14.88
CA CYS F 211 1.10 -36.52 -16.22
C CYS F 211 2.47 -36.48 -16.88
N ILE F 212 2.59 -37.07 -18.07
CA ILE F 212 3.90 -37.14 -18.76
C ILE F 212 3.91 -36.09 -19.88
N VAL F 213 4.89 -35.17 -19.90
CA VAL F 213 4.99 -34.17 -20.98
C VAL F 213 5.88 -34.74 -22.10
N ASP F 214 5.27 -35.02 -23.28
CA ASP F 214 5.86 -35.85 -24.30
C ASP F 214 5.75 -35.21 -25.65
N SER F 215 6.81 -34.53 -26.02
CA SER F 215 6.83 -33.76 -27.29
C SER F 215 6.73 -34.68 -28.54
N GLY F 216 7.11 -35.94 -28.40
CA GLY F 216 7.13 -36.88 -29.53
C GLY F 216 5.84 -37.60 -29.78
N THR F 217 4.74 -37.15 -29.16
CA THR F 217 3.43 -37.74 -29.36
C THR F 217 2.45 -36.64 -29.76
N SER F 218 1.74 -36.83 -30.85
CA SER F 218 0.80 -35.84 -31.33
C SER F 218 -0.60 -35.89 -30.74
N ALA F 219 -0.79 -36.40 -29.54
CA ALA F 219 -2.10 -36.66 -28.97
C ALA F 219 -2.05 -36.40 -27.50
N ILE F 220 -3.22 -36.44 -26.88
CA ILE F 220 -3.35 -36.49 -25.46
C ILE F 220 -3.81 -37.92 -25.15
N THR F 221 -3.23 -38.61 -24.18
CA THR F 221 -3.78 -39.89 -23.79
C THR F 221 -4.33 -39.69 -22.38
N VAL F 222 -5.37 -40.45 -22.09
CA VAL F 222 -6.09 -40.35 -20.87
C VAL F 222 -6.45 -41.78 -20.42
N PRO F 223 -6.63 -42.01 -19.15
CA PRO F 223 -7.15 -43.34 -18.74
C PRO F 223 -8.46 -43.70 -19.43
N THR F 224 -8.64 -44.97 -19.80
CA THR F 224 -9.81 -45.34 -20.57
C THR F 224 -11.12 -45.09 -19.84
N ASP F 225 -11.20 -45.31 -18.50
CA ASP F 225 -12.45 -45.01 -17.80
C ASP F 225 -12.79 -43.49 -17.82
N PHE F 226 -11.78 -42.65 -17.63
CA PHE F 226 -11.92 -41.20 -17.59
C PHE F 226 -12.41 -40.73 -18.96
N LEU F 227 -11.86 -41.27 -20.04
CA LEU F 227 -12.27 -40.95 -21.41
C LEU F 227 -13.72 -41.32 -21.65
N ASN F 228 -14.09 -42.51 -21.20
CA ASN F 228 -15.45 -43.00 -21.45
C ASN F 228 -16.47 -42.06 -20.76
N LYS F 229 -16.18 -41.66 -19.53
CA LYS F 229 -17.04 -40.76 -18.76
C LYS F 229 -17.06 -39.38 -19.39
N MET F 230 -15.91 -38.90 -19.84
CA MET F 230 -15.94 -37.51 -20.36
C MET F 230 -16.72 -37.37 -21.66
N LEU F 231 -16.83 -38.42 -22.43
CA LEU F 231 -17.52 -38.37 -23.70
C LEU F 231 -19.04 -38.66 -23.62
N GLN F 232 -19.47 -39.08 -22.43
CA GLN F 232 -20.85 -39.45 -22.13
C GLN F 232 -21.80 -38.37 -22.61
N ASN F 233 -22.75 -38.73 -23.48
CA ASN F 233 -23.70 -37.78 -24.10
C ASN F 233 -23.11 -36.54 -24.77
N LEU F 234 -22.03 -36.65 -25.55
CA LEU F 234 -21.43 -35.46 -26.14
C LEU F 234 -21.66 -35.09 -27.60
N ASP F 235 -22.37 -35.92 -28.35
CA ASP F 235 -22.48 -35.78 -29.81
C ASP F 235 -21.12 -36.09 -30.49
N VAL F 236 -20.46 -37.07 -29.93
CA VAL F 236 -19.23 -37.57 -30.41
C VAL F 236 -19.57 -39.02 -30.77
N ILE F 237 -18.89 -39.59 -31.75
CA ILE F 237 -19.12 -40.99 -32.12
C ILE F 237 -17.81 -41.74 -32.29
N LYS F 238 -17.77 -42.96 -31.74
CA LYS F 238 -16.67 -43.91 -31.93
C LYS F 238 -16.84 -44.49 -33.31
N VAL F 239 -15.82 -44.38 -34.17
CA VAL F 239 -15.93 -45.06 -35.45
C VAL F 239 -15.76 -46.57 -35.20
N PRO F 240 -16.71 -47.37 -35.68
CA PRO F 240 -16.72 -48.81 -35.33
C PRO F 240 -15.39 -49.53 -35.61
N PHE F 241 -15.03 -50.49 -34.77
CA PHE F 241 -13.73 -51.20 -34.87
C PHE F 241 -12.47 -50.38 -34.57
N LEU F 242 -12.56 -49.05 -34.54
CA LEU F 242 -11.38 -48.19 -34.39
C LEU F 242 -11.31 -47.45 -33.04
N PRO F 243 -10.10 -47.08 -32.58
CA PRO F 243 -9.92 -46.36 -31.32
C PRO F 243 -10.16 -44.83 -31.42
N PHE F 244 -10.91 -44.41 -32.44
CA PHE F 244 -11.01 -43.00 -32.84
C PHE F 244 -12.42 -42.41 -32.73
N TYR F 245 -12.44 -41.12 -32.43
CA TYR F 245 -13.65 -40.43 -32.05
C TYR F 245 -13.81 -39.23 -32.95
N VAL F 246 -15.01 -39.04 -33.48
CA VAL F 246 -15.23 -37.94 -34.43
C VAL F 246 -16.40 -37.11 -34.00
N THR F 247 -16.41 -35.89 -34.54
CA THR F 247 -17.41 -34.91 -34.17
C THR F 247 -17.41 -33.81 -35.14
N LEU F 248 -18.52 -33.07 -35.23
CA LEU F 248 -18.55 -31.89 -36.07
C LEU F 248 -17.56 -30.91 -35.50
N CYS F 249 -16.80 -30.26 -36.37
CA CYS F 249 -15.80 -29.31 -35.91
C CYS F 249 -16.42 -28.15 -35.11
N ASN F 250 -17.70 -27.93 -35.31
CA ASN F 250 -18.41 -26.80 -34.72
C ASN F 250 -19.10 -27.16 -33.39
N ASN F 251 -18.94 -28.40 -32.92
CA ASN F 251 -19.59 -28.85 -31.72
C ASN F 251 -19.23 -27.91 -30.58
N SER F 252 -20.25 -27.33 -29.97
CA SER F 252 -20.10 -26.36 -28.90
C SER F 252 -20.21 -27.02 -27.52
N LYS F 253 -20.39 -28.32 -27.46
CA LYS F 253 -20.62 -29.11 -26.23
C LYS F 253 -19.35 -29.92 -25.80
N LEU F 254 -18.23 -29.70 -26.45
CA LEU F 254 -16.99 -30.42 -26.06
C LEU F 254 -16.37 -29.88 -24.77
N PRO F 255 -15.79 -30.76 -23.97
CA PRO F 255 -15.24 -30.36 -22.67
C PRO F 255 -13.86 -29.73 -22.70
N THR F 256 -13.57 -28.96 -21.65
CA THR F 256 -12.20 -28.50 -21.33
C THR F 256 -11.52 -29.33 -20.26
N PHE F 257 -10.28 -29.78 -20.54
CA PHE F 257 -9.50 -30.45 -19.52
C PHE F 257 -9.03 -29.40 -18.54
N GLU F 258 -9.02 -29.70 -17.25
CA GLU F 258 -8.39 -28.85 -16.25
C GLU F 258 -7.42 -29.70 -15.42
N PHE F 259 -6.22 -29.21 -15.29
CA PHE F 259 -5.24 -29.90 -14.43
C PHE F 259 -4.81 -28.88 -13.40
N THR F 260 -4.68 -29.33 -12.15
CA THR F 260 -4.31 -28.43 -11.10
C THR F 260 -3.25 -29.04 -10.19
N SER F 261 -2.41 -28.16 -9.69
CA SER F 261 -1.53 -28.47 -8.55
C SER F 261 -1.87 -27.47 -7.43
N GLU F 262 -1.09 -27.53 -6.36
CA GLU F 262 -1.27 -26.52 -5.29
C GLU F 262 -0.83 -25.13 -5.75
N ASN F 263 0.05 -25.10 -6.76
CA ASN F 263 0.57 -23.83 -7.29
C ASN F 263 0.04 -23.26 -8.61
N GLY F 264 -0.63 -24.09 -9.40
CA GLY F 264 -1.02 -23.68 -10.74
C GLY F 264 -2.21 -24.44 -11.24
N LYS F 265 -2.77 -23.89 -12.32
CA LYS F 265 -3.91 -24.44 -13.04
C LYS F 265 -3.68 -24.33 -14.52
N TYR F 266 -3.96 -25.41 -15.22
CA TYR F 266 -3.67 -25.50 -16.68
C TYR F 266 -4.96 -26.11 -17.30
N THR F 267 -5.41 -25.50 -18.39
CA THR F 267 -6.59 -26.01 -19.09
C THR F 267 -6.29 -26.30 -20.54
N LEU F 268 -7.05 -27.21 -21.16
CA LEU F 268 -6.88 -27.52 -22.57
C LEU F 268 -8.30 -27.59 -23.18
N GLU F 269 -8.58 -26.56 -23.97
CA GLU F 269 -9.90 -26.37 -24.60
C GLU F 269 -9.98 -27.24 -25.87
N PRO F 270 -11.20 -27.49 -26.37
CA PRO F 270 -11.38 -28.31 -27.59
C PRO F 270 -10.55 -27.89 -28.78
N GLU F 271 -10.33 -26.59 -28.95
CA GLU F 271 -9.62 -26.14 -30.10
C GLU F 271 -8.19 -26.68 -30.15
N TYR F 272 -7.61 -27.02 -28.99
CA TYR F 272 -6.28 -27.63 -29.00
C TYR F 272 -6.25 -29.11 -29.28
N TYR F 273 -7.37 -29.81 -29.06
CA TYR F 273 -7.43 -31.26 -29.25
C TYR F 273 -8.30 -31.78 -30.39
N LEU F 274 -8.79 -30.89 -31.24
CA LEU F 274 -9.52 -31.35 -32.40
C LEU F 274 -8.60 -31.37 -33.59
N GLN F 275 -8.73 -32.35 -34.46
CA GLN F 275 -7.98 -32.39 -35.74
C GLN F 275 -9.01 -32.47 -36.87
N HIS F 276 -8.97 -31.52 -37.79
CA HIS F 276 -9.81 -31.51 -38.98
C HIS F 276 -9.47 -32.72 -39.82
N ILE F 277 -10.50 -33.40 -40.30
CA ILE F 277 -10.38 -34.54 -41.21
C ILE F 277 -11.33 -34.32 -42.40
N GLU F 278 -11.14 -33.22 -43.12
CA GLU F 278 -12.00 -32.90 -44.28
C GLU F 278 -12.01 -34.03 -45.33
N ASP F 279 -10.86 -34.68 -45.52
CA ASP F 279 -10.75 -35.88 -46.38
C ASP F 279 -11.87 -36.90 -46.12
N VAL F 280 -12.30 -37.00 -44.86
CA VAL F 280 -13.38 -37.93 -44.46
C VAL F 280 -14.76 -37.32 -44.46
N GLY F 281 -14.87 -36.01 -44.34
CA GLY F 281 -16.20 -35.47 -44.16
C GLY F 281 -16.18 -33.99 -44.00
N PRO F 282 -17.09 -33.32 -44.70
CA PRO F 282 -17.10 -31.87 -44.63
C PRO F 282 -17.50 -31.45 -43.20
N GLY F 283 -16.74 -30.52 -42.62
CA GLY F 283 -16.94 -30.07 -41.24
C GLY F 283 -16.68 -31.12 -40.16
N LEU F 284 -15.93 -32.15 -40.51
CA LEU F 284 -15.68 -33.23 -39.53
C LEU F 284 -14.33 -33.07 -38.82
N CYS F 285 -14.30 -33.45 -37.55
CA CYS F 285 -13.08 -33.41 -36.77
C CYS F 285 -12.84 -34.74 -36.07
N MET F 286 -11.57 -35.08 -35.89
CA MET F 286 -11.09 -36.18 -35.03
C MET F 286 -10.69 -35.58 -33.68
N LEU F 287 -11.08 -36.22 -32.58
CA LEU F 287 -10.59 -35.85 -31.25
C LEU F 287 -9.27 -36.51 -31.13
N ASN F 288 -8.24 -35.73 -30.91
CA ASN F 288 -6.92 -36.24 -30.86
C ASN F 288 -6.57 -36.73 -29.43
N ILE F 289 -7.37 -37.67 -28.96
CA ILE F 289 -7.36 -38.12 -27.56
C ILE F 289 -7.42 -39.61 -27.68
N ILE F 290 -6.58 -40.35 -26.93
CA ILE F 290 -6.56 -41.82 -27.01
C ILE F 290 -6.64 -42.34 -25.59
N GLY F 291 -7.39 -43.40 -25.37
CA GLY F 291 -7.42 -44.00 -24.07
C GLY F 291 -6.31 -45.00 -23.85
N LEU F 292 -5.65 -44.93 -22.70
CA LEU F 292 -4.54 -45.83 -22.43
C LEU F 292 -4.37 -45.93 -20.96
N ASP F 293 -4.26 -47.17 -20.47
CA ASP F 293 -4.19 -47.46 -19.04
C ASP F 293 -2.83 -47.96 -18.63
N PHE F 294 -2.29 -47.39 -17.57
CA PHE F 294 -1.01 -47.78 -16.99
C PHE F 294 -1.19 -48.17 -15.54
N PRO F 295 -0.15 -48.76 -14.90
CA PRO F 295 -0.35 -49.14 -13.48
C PRO F 295 -0.62 -47.98 -12.56
N VAL F 296 0.00 -46.82 -12.82
CA VAL F 296 -0.49 -45.58 -12.21
C VAL F 296 -1.24 -44.82 -13.34
N PRO F 297 -2.47 -44.39 -13.09
CA PRO F 297 -3.36 -43.68 -13.97
C PRO F 297 -2.58 -42.45 -14.42
N THR F 298 -2.60 -42.24 -15.72
CA THR F 298 -1.63 -41.41 -16.40
C THR F 298 -2.32 -40.65 -17.51
N PHE F 299 -1.94 -39.39 -17.67
CA PHE F 299 -2.23 -38.61 -18.84
C PHE F 299 -0.91 -38.36 -19.56
N ILE F 300 -0.86 -38.59 -20.86
CA ILE F 300 0.26 -38.13 -21.66
C ILE F 300 -0.10 -36.84 -22.33
N LEU F 301 0.60 -35.77 -21.92
CA LEU F 301 0.34 -34.42 -22.43
C LEU F 301 1.31 -34.20 -23.59
N GLY F 302 0.83 -34.57 -24.76
CA GLY F 302 1.58 -34.47 -25.98
C GLY F 302 1.51 -33.10 -26.63
N ASP F 303 1.78 -33.08 -27.94
CA ASP F 303 1.87 -31.84 -28.67
C ASP F 303 0.70 -30.90 -28.45
N PRO F 304 -0.50 -31.43 -28.36
CA PRO F 304 -1.66 -30.52 -28.24
C PRO F 304 -1.57 -29.61 -27.01
N PHE F 305 -1.09 -30.16 -25.89
CA PHE F 305 -0.87 -29.40 -24.70
C PHE F 305 0.27 -28.41 -24.82
N MET F 306 1.37 -28.89 -25.40
CA MET F 306 2.57 -28.10 -25.63
C MET F 306 2.35 -26.99 -26.69
N ARG F 307 1.36 -27.13 -27.57
CA ARG F 307 1.09 -26.05 -28.51
C ARG F 307 0.45 -24.86 -27.74
N LYS F 308 -0.32 -25.17 -26.73
CA LYS F 308 -0.90 -24.13 -25.83
C LYS F 308 0.10 -23.56 -24.88
N TYR F 309 0.84 -24.44 -24.22
CA TYR F 309 1.74 -24.10 -23.12
C TYR F 309 3.20 -24.20 -23.48
N PHE F 310 3.92 -23.10 -23.33
CA PHE F 310 5.36 -23.09 -23.19
C PHE F 310 5.78 -23.98 -22.04
N THR F 311 6.85 -24.76 -22.27
CA THR F 311 7.33 -25.70 -21.29
C THR F 311 8.82 -25.63 -21.04
N VAL F 312 9.18 -25.74 -19.78
CA VAL F 312 10.56 -25.64 -19.34
C VAL F 312 10.93 -27.00 -18.68
N PHE F 313 12.03 -27.59 -19.08
CA PHE F 313 12.46 -28.89 -18.61
C PHE F 313 13.76 -28.69 -17.90
N ASP F 314 13.73 -28.79 -16.56
CA ASP F 314 14.85 -28.45 -15.76
C ASP F 314 15.47 -29.63 -15.06
N TYR F 315 16.61 -30.07 -15.55
CA TYR F 315 17.32 -31.16 -14.95
C TYR F 315 17.96 -30.84 -13.59
N ASP F 316 18.52 -29.67 -13.40
CA ASP F 316 19.15 -29.27 -12.10
C ASP F 316 18.11 -29.25 -10.98
N ASN F 317 16.89 -28.74 -11.27
CA ASN F 317 15.85 -28.69 -10.23
C ASN F 317 14.75 -29.76 -10.29
N HIS F 318 14.92 -30.72 -11.21
CA HIS F 318 14.05 -31.84 -11.34
C HIS F 318 12.62 -31.39 -11.45
N SER F 319 12.34 -30.52 -12.40
CA SER F 319 11.00 -29.94 -12.48
C SER F 319 10.59 -29.63 -13.93
N VAL F 320 9.33 -29.42 -14.13
CA VAL F 320 8.78 -28.90 -15.38
C VAL F 320 8.12 -27.54 -15.10
N GLY F 321 8.47 -26.51 -15.82
CA GLY F 321 7.75 -25.25 -15.77
C GLY F 321 6.76 -25.13 -16.89
N ILE F 322 5.60 -24.55 -16.56
CA ILE F 322 4.50 -24.43 -17.53
C ILE F 322 3.99 -22.99 -17.57
N ALA F 323 3.84 -22.38 -18.77
CA ALA F 323 3.29 -21.00 -18.90
C ALA F 323 2.58 -20.89 -20.24
N LEU F 324 1.51 -20.09 -20.33
CA LEU F 324 0.85 -19.91 -21.68
C LEU F 324 1.88 -19.47 -22.70
N ALA F 325 1.94 -20.15 -23.82
CA ALA F 325 2.83 -19.77 -24.93
C ALA F 325 2.33 -18.43 -25.54
N LYS F 326 3.26 -17.55 -25.87
CA LYS F 326 2.89 -16.30 -26.59
C LYS F 326 2.22 -16.60 -27.89
N LYS F 327 1.07 -16.00 -28.15
CA LYS F 327 0.27 -16.40 -29.32
C LYS F 327 0.82 -15.81 -30.60
N ASN F 328 1.54 -14.70 -30.46
CA ASN F 328 2.30 -14.07 -31.55
C ASN F 328 3.72 -13.77 -31.07
N LEU F 329 4.71 -14.41 -31.70
CA LEU F 329 6.11 -14.25 -31.29
C LEU F 329 6.58 -12.80 -31.48
#